data_8EWY
#
_entry.id   8EWY
#
_cell.length_a   1.00
_cell.length_b   1.00
_cell.length_c   1.00
_cell.angle_alpha   90.00
_cell.angle_beta   90.00
_cell.angle_gamma   90.00
#
_symmetry.space_group_name_H-M   'P 1'
#
loop_
_entity.id
_entity.type
_entity.pdbx_description
1 polymer 'Tyrosine-protein kinase'
2 polymer 'Interferon lambda receptor 1'
3 non-polymer ADENOSINE
4 non-polymer "ADENOSINE-5'-DIPHOSPHATE"
#
loop_
_entity_poly.entity_id
_entity_poly.type
_entity_poly.pdbx_seq_one_letter_code
_entity_poly.pdbx_strand_id
1 'polypeptide(L)'
;MQYLNIKEDCNAMAFCAKMRSFKKTEVKQVVPEPGVEVTFYLLDREPLRLGSGEYTAEELCIRAAQECSISPLCHNLFAL
YDESTKLWYAPNRIITVDDKTSLRLHYRMRFYFTNWHGTNDNEQSVWRHSPKKQKNGYEKKRVPEATPLLDASSLEYLFA
QGQYDLIKCLAPIRDPKTEQDGHDIENECLGMAVLAISHYAMMKKMQLPELPKDISYKRYIPETLNKSIRQRNLLTRMRI
NNVFKDFLKEFNNKTICDSSVSTHDLKVKYLATLETLTKHYGAEIFETSMLLISSENELSRCHSNDSGNVLYEVMVTGNL
GIQWRQKPNVVPVEKEKNKLKRKKLEYNKHKKDDERNKLREEWNNFSYFPEITHIVIKESVVSINKQDNKNMELKLSSRE
EALSFVSLVDGYFRLTADAHHYLCTDVAPPLIVHNIQNGCHGPICTEYAINKLRQEGSEEGMYVLRWSCTDFDNILMTVT
CFEKSEVLGGQKQFKNFQIEVQKGRYSLHGSMDHFPSLRDLMNHLKKQILRTDNISFVLKRCCQPKPREISNLLVATKKA
QEWQPVYSMSQLSFDRILKKDIIQGEHLGRGTRTHIYSGTLLDYKDEEGIAEEKKIKVILKVLDPSHRDISLAFFEAASM
MRQVSHKHIVYLYGVCFRDVENIMVEEFVEGGPLDLFMHRKSDALTTPWKFKVAKQLASALSYLEDKDLVHGNVCTKNLL
LAREGIDSDIGPFIKLSDPGIPVSVLTRQECIERIPWIAPECVEDSKNLSVAADKWSFGTTLWEICYNGEIPLKDKTLIE
KERFYESRCRPVTPSCKELADLMTRCMNYDPNQRPFFRAIMRDINKLEEQNPDIVSEKQPTTEVDPTHFEKRFLKRIRDL
GEGHFGKVELCRYDPEGDNTGEQVAVKSLKPESGGNHIADLKKEIEILRNLYHENIVKYKGICMEDGGNGIKLIMEFLPS
GSLKEYLPKNKNKINLKQQLKYAIQICKGMDYLGSRQYVHRDLAARNVLVESEHQVKIGDFGLTKAIETDKEYYTVKDDR
DSPVFWYAPECLIQCKFYIASDVWSFGVTLHELLTYCDSDFSPMALFLKMIGPTHGQMTVTRLVNTLKEGKRLPCPPNCP
DEVYQLMRKCWEFQPSNRTTFQNLIEGFEALLKGSDRKAAVSHWQHHHHHHHH
;
A,B
2 'polypeptide(L)'
;GPRMKQLEDKVEELLSKNYHLENEVARLKKLVGERKIMKGNPWFQGVKTPRALDFSEYRYPVATFQPSGPEFSDDLILCP
QKELT
;
C,D
#
loop_
_chem_comp.id
_chem_comp.type
_chem_comp.name
_chem_comp.formula
ADN non-polymer ADENOSINE 'C10 H13 N5 O4'
ADP non-polymer ADENOSINE-5'-DIPHOSPHATE 'C10 H15 N5 O10 P2'
#
# COMPACT_ATOMS: atom_id res chain seq x y z
N PRO A 32 -30.49 62.75 -10.43
CA PRO A 32 -30.98 64.12 -10.21
C PRO A 32 -32.48 64.15 -9.95
N GLU A 33 -33.27 63.75 -10.95
CA GLU A 33 -34.71 63.69 -10.76
C GLU A 33 -35.05 62.63 -9.72
N PRO A 34 -36.15 62.79 -8.99
CA PRO A 34 -36.49 61.81 -7.96
C PRO A 34 -36.72 60.43 -8.57
N GLY A 35 -36.11 59.42 -7.95
CA GLY A 35 -36.29 58.06 -8.39
C GLY A 35 -35.01 57.24 -8.42
N VAL A 36 -35.17 55.92 -8.39
CA VAL A 36 -34.06 54.98 -8.44
C VAL A 36 -33.94 54.45 -9.86
N GLU A 37 -32.71 54.34 -10.35
CA GLU A 37 -32.46 53.91 -11.72
C GLU A 37 -31.39 52.84 -11.72
N VAL A 38 -31.66 51.74 -12.42
CA VAL A 38 -30.65 50.74 -12.75
C VAL A 38 -29.95 51.17 -14.04
N THR A 39 -28.65 50.90 -14.11
CA THR A 39 -27.82 51.22 -15.25
C THR A 39 -27.02 50.00 -15.70
N PHE A 40 -26.77 49.94 -17.00
CA PHE A 40 -26.04 48.87 -17.65
C PHE A 40 -24.92 49.45 -18.49
N TYR A 41 -24.34 48.62 -19.36
CA TYR A 41 -23.29 49.09 -20.24
C TYR A 41 -23.64 48.97 -21.72
N LEU A 42 -24.92 48.78 -22.04
CA LEU A 42 -25.39 48.69 -23.41
C LEU A 42 -26.50 49.69 -23.66
N LEU A 43 -26.24 50.64 -24.56
CA LEU A 43 -27.18 51.69 -24.90
C LEU A 43 -28.49 51.17 -25.45
N ASP A 44 -28.49 50.05 -26.16
CA ASP A 44 -29.69 49.42 -26.67
C ASP A 44 -30.67 49.01 -25.58
N ARG A 45 -30.18 48.48 -24.46
CA ARG A 45 -31.07 48.18 -23.35
C ARG A 45 -31.43 49.45 -22.61
N GLU A 46 -32.73 49.75 -22.54
CA GLU A 46 -33.19 50.88 -21.77
C GLU A 46 -32.99 50.61 -20.28
N PRO A 47 -32.68 51.64 -19.50
CA PRO A 47 -32.55 51.45 -18.04
C PRO A 47 -33.89 51.08 -17.43
N LEU A 48 -33.84 50.14 -16.49
CA LEU A 48 -34.93 49.93 -15.55
C LEU A 48 -35.41 51.23 -14.90
N ARG A 49 -36.72 51.32 -14.74
CA ARG A 49 -37.36 52.46 -14.09
C ARG A 49 -38.47 51.96 -13.20
N LEU A 50 -38.53 52.45 -11.96
CA LEU A 50 -39.50 51.99 -10.97
C LEU A 50 -39.94 53.17 -10.12
N GLY A 51 -41.22 53.22 -9.81
CA GLY A 51 -41.78 54.29 -9.01
C GLY A 51 -42.13 53.87 -7.60
N SER A 52 -42.52 52.61 -7.45
CA SER A 52 -42.89 52.07 -6.14
C SER A 52 -42.53 50.60 -6.11
N GLY A 53 -42.89 49.95 -5.02
CA GLY A 53 -42.65 48.54 -4.85
C GLY A 53 -41.47 48.27 -3.94
N GLU A 54 -41.51 47.10 -3.30
CA GLU A 54 -40.63 46.80 -2.18
C GLU A 54 -39.86 45.55 -2.57
N TYR A 55 -38.62 45.73 -3.01
CA TYR A 55 -37.91 44.72 -3.78
C TYR A 55 -36.77 44.12 -2.97
N THR A 56 -36.27 43.01 -3.48
CA THR A 56 -35.06 42.38 -2.96
C THR A 56 -34.05 42.20 -4.09
N ALA A 57 -32.77 42.37 -3.76
CA ALA A 57 -31.73 42.52 -4.77
C ALA A 57 -31.74 41.38 -5.79
N GLU A 58 -32.07 40.16 -5.37
CA GLU A 58 -32.09 39.05 -6.31
C GLU A 58 -33.18 39.21 -7.36
N GLU A 59 -34.31 39.80 -6.98
CA GLU A 59 -35.42 39.97 -7.91
C GLU A 59 -35.06 40.97 -9.00
N LEU A 60 -34.49 42.10 -8.61
CA LEU A 60 -34.03 43.07 -9.59
C LEU A 60 -32.86 42.53 -10.40
N CYS A 61 -32.03 41.69 -9.78
CA CYS A 61 -30.91 41.08 -10.51
C CYS A 61 -31.41 40.19 -11.64
N ILE A 62 -32.36 39.31 -11.33
CA ILE A 62 -32.87 38.41 -12.37
C ILE A 62 -33.81 39.12 -13.31
N ARG A 63 -34.37 40.26 -12.90
CA ARG A 63 -35.04 41.17 -13.82
C ARG A 63 -34.08 41.75 -14.84
N ALA A 64 -32.93 42.26 -14.39
CA ALA A 64 -31.93 42.75 -15.32
C ALA A 64 -31.44 41.64 -16.23
N ALA A 65 -31.24 40.44 -15.66
CA ALA A 65 -30.80 39.31 -16.46
C ALA A 65 -31.82 38.95 -17.54
N GLN A 66 -33.11 38.94 -17.18
CA GLN A 66 -34.14 38.69 -18.17
C GLN A 66 -34.15 39.75 -19.25
N GLU A 67 -33.99 41.01 -18.87
CA GLU A 67 -34.04 42.09 -19.86
C GLU A 67 -32.84 42.03 -20.80
N CYS A 68 -31.67 41.67 -20.29
CA CYS A 68 -30.47 41.58 -21.12
C CYS A 68 -30.23 40.18 -21.66
N SER A 69 -31.10 39.22 -21.35
CA SER A 69 -31.07 37.89 -21.94
C SER A 69 -29.75 37.16 -21.65
N ILE A 70 -29.55 36.88 -20.37
CA ILE A 70 -28.39 36.10 -19.92
C ILE A 70 -28.86 34.72 -19.52
N SER A 71 -28.07 33.71 -19.85
CA SER A 71 -28.44 32.34 -19.54
C SER A 71 -28.51 32.16 -18.03
N PRO A 72 -29.47 31.37 -17.54
CA PRO A 72 -29.50 31.07 -16.10
C PRO A 72 -28.25 30.36 -15.61
N LEU A 73 -27.48 29.74 -16.50
CA LEU A 73 -26.22 29.14 -16.09
C LEU A 73 -25.19 30.19 -15.69
N CYS A 74 -25.42 31.46 -16.03
CA CYS A 74 -24.41 32.49 -15.84
C CYS A 74 -24.88 33.72 -15.06
N HIS A 75 -26.10 33.73 -14.51
CA HIS A 75 -26.56 34.96 -13.87
C HIS A 75 -25.88 35.21 -12.53
N ASN A 76 -25.51 34.16 -11.81
CA ASN A 76 -24.93 34.31 -10.49
C ASN A 76 -23.53 34.92 -10.51
N LEU A 77 -22.91 35.04 -11.68
CA LEU A 77 -21.65 35.77 -11.80
C LEU A 77 -21.82 37.27 -11.62
N PHE A 78 -23.05 37.76 -11.68
CA PHE A 78 -23.32 39.20 -11.65
C PHE A 78 -23.83 39.61 -10.28
N ALA A 79 -23.73 40.91 -10.01
CA ALA A 79 -24.16 41.47 -8.74
C ALA A 79 -24.49 42.95 -8.96
N LEU A 80 -24.63 43.69 -7.87
CA LEU A 80 -24.96 45.11 -7.90
C LEU A 80 -23.88 45.89 -7.16
N TYR A 81 -23.63 47.10 -7.65
CA TYR A 81 -22.57 47.93 -7.08
C TYR A 81 -22.97 49.40 -7.15
N ASP A 82 -22.56 50.17 -6.14
CA ASP A 82 -22.82 51.60 -6.07
C ASP A 82 -21.51 52.35 -6.24
N GLU A 83 -21.40 53.12 -7.33
CA GLU A 83 -20.20 53.91 -7.58
C GLU A 83 -20.05 55.03 -6.55
N SER A 84 -21.15 55.73 -6.27
CA SER A 84 -21.11 56.83 -5.31
C SER A 84 -20.80 56.37 -3.90
N THR A 85 -20.95 55.07 -3.62
CA THR A 85 -20.64 54.53 -2.30
C THR A 85 -19.46 53.57 -2.33
N LYS A 86 -19.04 53.12 -3.52
CA LYS A 86 -17.94 52.16 -3.65
C LYS A 86 -18.23 50.88 -2.87
N LEU A 87 -19.50 50.50 -2.80
CA LEU A 87 -19.93 49.33 -2.08
C LEU A 87 -20.89 48.53 -2.93
N TRP A 88 -21.06 47.25 -2.57
CA TRP A 88 -21.90 46.32 -3.30
C TRP A 88 -22.99 45.79 -2.37
N TYR A 89 -24.21 45.72 -2.88
CA TYR A 89 -25.34 45.31 -2.06
C TYR A 89 -25.36 43.81 -1.83
N ALA A 90 -25.96 43.41 -0.71
CA ALA A 90 -26.02 42.01 -0.35
C ALA A 90 -27.07 41.29 -1.21
N PRO A 91 -26.89 39.98 -1.43
CA PRO A 91 -27.91 39.22 -2.17
C PRO A 91 -29.29 39.27 -1.52
N ASN A 92 -29.35 39.26 -0.19
CA ASN A 92 -30.61 39.32 0.54
C ASN A 92 -30.91 40.73 1.05
N ARG A 93 -30.17 41.73 0.60
CA ARG A 93 -30.43 43.09 1.05
C ARG A 93 -31.79 43.56 0.54
N ILE A 94 -32.44 44.38 1.35
CA ILE A 94 -33.79 44.87 1.06
C ILE A 94 -33.71 46.35 0.75
N ILE A 95 -34.29 46.75 -0.38
CA ILE A 95 -34.29 48.14 -0.82
C ILE A 95 -35.70 48.68 -0.77
N THR A 96 -35.86 49.84 -0.13
CA THR A 96 -37.18 50.40 0.15
C THR A 96 -37.32 51.76 -0.52
N VAL A 97 -38.48 51.97 -1.14
CA VAL A 97 -38.82 53.25 -1.76
C VAL A 97 -39.82 53.97 -0.88
N ASP A 98 -39.70 55.29 -0.80
CA ASP A 98 -40.63 56.11 -0.02
C ASP A 98 -40.98 57.38 -0.77
N ASP A 99 -41.10 57.30 -2.09
CA ASP A 99 -41.50 58.43 -2.93
C ASP A 99 -40.52 59.59 -2.81
N LYS A 100 -39.42 59.39 -2.10
CA LYS A 100 -38.44 60.46 -1.91
C LYS A 100 -37.04 59.95 -2.21
N THR A 101 -36.82 58.65 -1.99
CA THR A 101 -35.49 58.09 -2.19
C THR A 101 -35.12 58.11 -3.67
N SER A 102 -33.81 58.10 -3.93
CA SER A 102 -33.31 58.15 -5.30
C SER A 102 -31.83 57.78 -5.26
N LEU A 103 -31.43 56.81 -6.09
CA LEU A 103 -30.03 56.46 -6.24
C LEU A 103 -29.84 55.68 -7.52
N ARG A 104 -28.63 55.73 -8.06
CA ARG A 104 -28.27 55.08 -9.30
C ARG A 104 -27.45 53.84 -9.00
N LEU A 105 -27.78 52.74 -9.66
CA LEU A 105 -27.18 51.45 -9.37
C LEU A 105 -26.65 50.81 -10.66
N HIS A 106 -25.69 49.91 -10.49
CA HIS A 106 -24.93 49.34 -11.60
C HIS A 106 -24.96 47.82 -11.50
N TYR A 107 -25.53 47.17 -12.51
CA TYR A 107 -25.61 45.71 -12.56
C TYR A 107 -24.35 45.19 -13.27
N ARG A 108 -23.38 44.75 -12.47
CA ARG A 108 -22.06 44.38 -12.97
C ARG A 108 -21.77 42.91 -12.69
N MET A 109 -20.86 42.36 -13.49
CA MET A 109 -20.30 41.04 -13.23
C MET A 109 -19.10 41.22 -12.31
N ARG A 110 -19.00 40.37 -11.29
CA ARG A 110 -18.00 40.54 -10.24
C ARG A 110 -16.96 39.43 -10.20
N PHE A 111 -17.38 38.18 -10.04
CA PHE A 111 -16.45 37.07 -9.84
C PHE A 111 -15.75 36.76 -11.16
N TYR A 112 -14.49 37.17 -11.27
CA TYR A 112 -13.70 36.95 -12.47
C TYR A 112 -12.51 36.04 -12.13
N PHE A 113 -12.10 35.24 -13.11
CA PHE A 113 -10.98 34.33 -12.97
C PHE A 113 -9.96 34.61 -14.06
N THR A 114 -8.71 34.82 -13.65
CA THR A 114 -7.67 35.16 -14.61
C THR A 114 -7.29 33.93 -15.45
N ASN A 115 -6.78 34.20 -16.64
CA ASN A 115 -6.37 33.15 -17.58
C ASN A 115 -7.51 32.17 -17.87
N TRP A 116 -8.74 32.69 -17.86
CA TRP A 116 -9.87 31.88 -18.31
C TRP A 116 -9.68 31.43 -19.75
N HIS A 117 -9.14 32.32 -20.58
CA HIS A 117 -8.82 32.00 -21.96
C HIS A 117 -7.61 31.07 -22.03
N GLY A 118 -7.41 30.50 -23.21
CA GLY A 118 -6.25 29.68 -23.50
C GLY A 118 -5.11 30.41 -24.18
N THR A 119 -5.24 31.72 -24.40
CA THR A 119 -4.18 32.47 -25.07
C THR A 119 -2.91 32.47 -24.24
N ASN A 120 -3.03 32.61 -22.92
CA ASN A 120 -1.87 32.59 -22.04
C ASN A 120 -1.41 31.14 -21.86
N ASP A 121 -0.37 30.75 -22.59
CA ASP A 121 0.19 29.41 -22.44
C ASP A 121 1.12 29.30 -21.24
N ASN A 122 1.53 30.41 -20.64
CA ASN A 122 2.44 30.36 -19.51
C ASN A 122 1.79 29.79 -18.27
N GLU A 123 0.46 29.81 -18.17
CA GLU A 123 -0.24 29.31 -17.00
C GLU A 123 -1.44 28.49 -17.43
N GLN A 124 -1.82 27.55 -16.57
CA GLN A 124 -2.98 26.70 -16.84
C GLN A 124 -4.26 27.52 -16.84
N SER A 125 -5.13 27.24 -17.80
CA SER A 125 -6.43 27.90 -17.86
C SER A 125 -7.43 27.17 -16.99
N VAL A 126 -8.70 27.58 -17.07
CA VAL A 126 -9.77 27.00 -16.28
C VAL A 126 -10.90 26.58 -17.20
N TRP A 127 -11.74 25.68 -16.70
CA TRP A 127 -12.84 25.14 -17.49
C TRP A 127 -13.87 24.52 -16.54
N ARG A 128 -15.09 24.35 -17.05
CA ARG A 128 -16.12 23.66 -16.30
C ARG A 128 -16.00 22.15 -16.49
N HIS A 129 -16.57 21.42 -15.55
CA HIS A 129 -16.55 19.96 -15.62
C HIS A 129 -17.59 19.46 -16.62
N SER A 130 -17.32 18.29 -17.19
CA SER A 130 -18.18 17.69 -18.19
C SER A 130 -18.50 16.25 -17.83
N PRO A 131 -19.70 15.79 -18.13
CA PRO A 131 -20.04 14.38 -17.86
C PRO A 131 -19.22 13.44 -18.71
N LYS A 132 -18.93 12.28 -18.15
CA LYS A 132 -18.14 11.26 -18.86
C LYS A 132 -18.95 10.62 -19.98
N GLU A 145 -14.46 18.59 -25.86
CA GLU A 145 -13.41 18.65 -24.85
C GLU A 145 -13.87 19.41 -23.62
N ALA A 146 -12.98 20.19 -23.04
CA ALA A 146 -13.33 20.98 -21.86
C ALA A 146 -14.35 22.05 -22.22
N THR A 147 -15.34 22.22 -21.36
CA THR A 147 -16.41 23.17 -21.63
C THR A 147 -16.01 24.57 -21.19
N PRO A 148 -16.07 25.55 -22.09
CA PRO A 148 -15.78 26.93 -21.68
C PRO A 148 -16.72 27.41 -20.59
N LEU A 149 -16.22 28.34 -19.78
CA LEU A 149 -16.97 28.82 -18.62
C LEU A 149 -18.19 29.64 -19.03
N LEU A 150 -17.96 30.76 -19.69
CA LEU A 150 -19.02 31.71 -20.02
C LEU A 150 -19.63 31.38 -21.38
N ASP A 151 -20.82 31.91 -21.60
CA ASP A 151 -21.56 31.65 -22.82
C ASP A 151 -21.42 32.81 -23.82
N ALA A 152 -22.05 32.65 -24.97
CA ALA A 152 -21.96 33.67 -26.01
C ALA A 152 -22.68 34.95 -25.59
N SER A 153 -23.69 34.83 -24.74
CA SER A 153 -24.43 36.03 -24.33
C SER A 153 -23.63 36.90 -23.39
N SER A 154 -22.91 36.29 -22.44
CA SER A 154 -22.24 37.07 -21.40
C SER A 154 -20.99 37.77 -21.92
N LEU A 155 -20.39 37.25 -23.00
CA LEU A 155 -19.13 37.81 -23.45
C LEU A 155 -19.29 39.24 -23.96
N GLU A 156 -20.42 39.55 -24.61
CA GLU A 156 -20.63 40.91 -25.08
C GLU A 156 -20.70 41.90 -23.92
N TYR A 157 -21.48 41.55 -22.89
CA TYR A 157 -21.59 42.43 -21.73
C TYR A 157 -20.27 42.53 -20.99
N LEU A 158 -19.50 41.44 -20.92
CA LEU A 158 -18.20 41.49 -20.26
C LEU A 158 -17.22 42.37 -21.04
N PHE A 159 -17.26 42.28 -22.37
CA PHE A 159 -16.44 43.15 -23.20
C PHE A 159 -16.82 44.61 -22.98
N ALA A 160 -18.12 44.89 -22.91
CA ALA A 160 -18.56 46.27 -22.63
C ALA A 160 -18.08 46.73 -21.27
N GLN A 161 -18.14 45.85 -20.27
CA GLN A 161 -17.67 46.19 -18.93
C GLN A 161 -16.19 46.55 -18.95
N GLY A 162 -15.38 45.69 -19.59
CA GLY A 162 -13.96 45.98 -19.67
C GLY A 162 -13.66 47.24 -20.45
N GLN A 163 -14.41 47.47 -21.53
CA GLN A 163 -14.20 48.68 -22.33
C GLN A 163 -14.50 49.93 -21.52
N TYR A 164 -15.61 49.92 -20.77
CA TYR A 164 -15.92 51.07 -19.95
C TYR A 164 -14.90 51.25 -18.83
N ASP A 165 -14.43 50.14 -18.25
CA ASP A 165 -13.40 50.24 -17.23
C ASP A 165 -12.13 50.86 -17.79
N LEU A 166 -11.78 50.52 -19.03
CA LEU A 166 -10.58 51.07 -19.64
C LEU A 166 -10.75 52.55 -19.98
N ILE A 167 -11.90 52.93 -20.53
CA ILE A 167 -12.07 54.30 -20.99
C ILE A 167 -12.30 55.25 -19.81
N LYS A 168 -12.99 54.79 -18.78
CA LYS A 168 -13.36 55.67 -17.67
C LYS A 168 -12.27 55.79 -16.61
N CYS A 169 -11.14 55.10 -16.79
CA CYS A 169 -9.98 55.20 -15.91
C CYS A 169 -10.30 54.72 -14.48
N LEU A 170 -11.45 54.07 -14.30
CA LEU A 170 -11.79 53.55 -12.97
C LEU A 170 -10.79 52.48 -12.56
N ALA A 171 -10.35 51.65 -13.51
CA ALA A 171 -9.31 50.69 -13.22
C ALA A 171 -7.95 51.38 -13.24
N PRO A 172 -7.03 51.00 -12.35
CA PRO A 172 -5.72 51.64 -12.34
C PRO A 172 -4.78 51.01 -13.35
N ILE A 173 -4.08 51.87 -14.09
CA ILE A 173 -3.12 51.42 -15.09
C ILE A 173 -1.82 51.03 -14.40
N ARG A 174 -0.95 50.38 -15.16
CA ARG A 174 0.35 49.99 -14.63
C ARG A 174 1.37 51.11 -14.82
N ASP A 175 2.03 51.47 -13.73
CA ASP A 175 3.07 52.48 -13.81
C ASP A 175 4.31 51.93 -14.50
N PRO A 176 5.03 52.76 -15.24
CA PRO A 176 6.20 52.28 -15.97
C PRO A 176 7.39 52.08 -15.05
N LYS A 177 8.39 51.36 -15.58
CA LYS A 177 9.65 51.17 -14.88
C LYS A 177 10.80 51.96 -15.49
N THR A 178 10.63 52.49 -16.69
CA THR A 178 11.63 53.35 -17.33
C THR A 178 10.92 54.20 -18.37
N GLU A 179 11.70 54.80 -19.26
CA GLU A 179 11.11 55.59 -20.35
C GLU A 179 10.69 54.69 -21.51
N GLN A 180 11.49 53.66 -21.79
CA GLN A 180 11.20 52.78 -22.92
C GLN A 180 9.86 52.06 -22.72
N ASP A 181 9.69 51.39 -21.58
CA ASP A 181 8.43 50.71 -21.33
C ASP A 181 7.30 51.71 -21.12
N GLY A 182 7.62 52.92 -20.64
CA GLY A 182 6.59 53.95 -20.54
C GLY A 182 6.01 54.31 -21.89
N HIS A 183 6.86 54.49 -22.90
CA HIS A 183 6.38 54.69 -24.25
C HIS A 183 5.71 53.43 -24.80
N ASP A 184 6.22 52.26 -24.41
CA ASP A 184 5.64 51.00 -24.88
C ASP A 184 4.19 50.85 -24.45
N ILE A 185 3.89 51.22 -23.20
CA ILE A 185 2.53 51.10 -22.70
C ILE A 185 1.59 52.04 -23.45
N GLU A 186 2.05 53.26 -23.73
CA GLU A 186 1.25 54.20 -24.52
C GLU A 186 1.00 53.64 -25.91
N ASN A 187 2.02 53.06 -26.53
CA ASN A 187 1.85 52.49 -27.86
C ASN A 187 0.87 51.32 -27.85
N GLU A 188 0.95 50.47 -26.82
CA GLU A 188 0.02 49.36 -26.71
C GLU A 188 -1.40 49.85 -26.46
N CYS A 189 -1.55 50.94 -25.70
CA CYS A 189 -2.88 51.52 -25.52
C CYS A 189 -3.43 52.06 -26.83
N LEU A 190 -2.58 52.70 -27.64
CA LEU A 190 -3.02 53.16 -28.94
C LEU A 190 -3.45 52.00 -29.83
N GLY A 191 -2.68 50.91 -29.80
CA GLY A 191 -3.08 49.72 -30.55
C GLY A 191 -4.38 49.12 -30.02
N MET A 192 -4.59 49.21 -28.72
CA MET A 192 -5.85 48.77 -28.13
C MET A 192 -7.01 49.59 -28.67
N ALA A 193 -6.82 50.90 -28.78
CA ALA A 193 -7.83 51.76 -29.37
C ALA A 193 -8.06 51.40 -30.84
N VAL A 194 -6.99 51.08 -31.56
CA VAL A 194 -7.13 50.63 -32.94
C VAL A 194 -8.01 49.38 -32.99
N LEU A 195 -7.75 48.42 -32.10
CA LEU A 195 -8.57 47.21 -32.06
C LEU A 195 -10.02 47.54 -31.76
N ALA A 196 -10.26 48.46 -30.83
CA ALA A 196 -11.62 48.82 -30.47
C ALA A 196 -12.35 49.44 -31.65
N ILE A 197 -11.72 50.40 -32.34
CA ILE A 197 -12.38 51.05 -33.47
C ILE A 197 -12.59 50.05 -34.60
N SER A 198 -11.65 49.13 -34.78
CA SER A 198 -11.83 48.10 -35.81
C SER A 198 -13.02 47.22 -35.49
N HIS A 199 -13.15 46.81 -34.22
CA HIS A 199 -14.30 46.01 -33.82
C HIS A 199 -15.61 46.76 -34.05
N TYR A 200 -15.64 48.04 -33.67
CA TYR A 200 -16.86 48.82 -33.87
C TYR A 200 -17.20 48.92 -35.35
N ALA A 201 -16.21 49.18 -36.19
CA ALA A 201 -16.45 49.31 -37.62
C ALA A 201 -16.97 48.00 -38.21
N MET A 202 -16.34 46.87 -37.85
CA MET A 202 -16.80 45.59 -38.37
C MET A 202 -18.22 45.29 -37.91
N MET A 203 -18.51 45.54 -36.63
CA MET A 203 -19.86 45.36 -36.14
C MET A 203 -20.81 46.47 -36.58
N LYS A 204 -20.29 47.57 -37.11
CA LYS A 204 -21.14 48.57 -37.74
C LYS A 204 -21.39 48.28 -39.21
N LYS A 205 -20.60 47.40 -39.82
CA LYS A 205 -20.82 46.89 -41.17
C LYS A 205 -20.65 47.97 -42.22
N MET A 206 -19.57 48.73 -42.10
CA MET A 206 -19.06 49.51 -43.23
C MET A 206 -17.56 49.74 -43.01
N GLN A 207 -16.86 49.87 -44.13
CA GLN A 207 -15.42 50.11 -44.10
C GLN A 207 -15.15 51.56 -43.69
N LEU A 208 -13.96 51.79 -43.12
CA LEU A 208 -13.66 53.05 -42.44
C LEU A 208 -13.96 54.30 -43.26
N PRO A 209 -13.51 54.45 -44.51
CA PRO A 209 -13.82 55.69 -45.23
C PRO A 209 -15.29 55.93 -45.46
N GLU A 210 -16.13 54.89 -45.34
CA GLU A 210 -17.58 55.11 -45.45
C GLU A 210 -18.08 55.99 -44.33
N LEU A 211 -17.57 55.79 -43.11
CA LEU A 211 -17.97 56.56 -41.94
C LEU A 211 -16.73 57.02 -41.19
N PRO A 212 -16.03 58.03 -41.69
CA PRO A 212 -14.82 58.54 -41.02
C PRO A 212 -15.03 59.74 -40.10
N LYS A 213 -16.21 60.36 -40.11
CA LYS A 213 -16.40 61.60 -39.38
C LYS A 213 -16.31 61.39 -37.87
N ASP A 214 -16.79 60.24 -37.39
CA ASP A 214 -16.90 60.00 -35.96
C ASP A 214 -15.76 59.14 -35.42
N ILE A 215 -14.54 59.33 -35.92
CA ILE A 215 -13.40 58.53 -35.50
C ILE A 215 -12.38 59.44 -34.83
N SER A 216 -12.06 59.13 -33.58
CA SER A 216 -11.03 59.86 -32.83
C SER A 216 -10.63 59.01 -31.63
N TYR A 217 -9.35 58.72 -31.49
CA TYR A 217 -8.88 57.85 -30.41
C TYR A 217 -9.04 58.47 -29.04
N LYS A 218 -9.32 59.77 -28.96
CA LYS A 218 -9.42 60.43 -27.66
C LYS A 218 -10.47 59.78 -26.79
N ARG A 219 -11.60 59.40 -27.38
CA ARG A 219 -12.68 58.79 -26.63
C ARG A 219 -12.34 57.40 -26.11
N TYR A 220 -11.26 56.80 -26.59
CA TYR A 220 -10.94 55.40 -26.27
C TYR A 220 -9.62 55.26 -25.54
N ILE A 221 -9.17 56.30 -24.84
CA ILE A 221 -7.92 56.24 -24.07
C ILE A 221 -8.17 56.77 -22.68
N PRO A 222 -7.39 56.31 -21.69
CA PRO A 222 -7.57 56.79 -20.33
C PRO A 222 -7.40 58.30 -20.24
N GLU A 223 -8.25 58.93 -19.42
CA GLU A 223 -8.32 60.38 -19.38
C GLU A 223 -7.02 60.98 -18.84
N THR A 224 -6.33 60.24 -17.97
CA THR A 224 -5.02 60.68 -17.50
C THR A 224 -4.04 60.75 -18.66
N LEU A 225 -4.02 59.73 -19.52
CA LEU A 225 -3.19 59.80 -20.72
C LEU A 225 -3.58 60.97 -21.59
N ASN A 226 -4.88 61.28 -21.67
CA ASN A 226 -5.32 62.45 -22.42
C ASN A 226 -4.71 63.72 -21.84
N LYS A 227 -4.76 63.88 -20.53
CA LYS A 227 -4.20 65.07 -19.91
C LYS A 227 -2.69 65.14 -20.14
N SER A 228 -2.00 64.00 -20.08
CA SER A 228 -0.56 63.99 -20.26
C SER A 228 -0.19 64.44 -21.66
N ILE A 229 -0.88 63.91 -22.68
CA ILE A 229 -0.48 64.15 -24.05
C ILE A 229 -0.85 65.56 -24.49
N ARG A 230 -1.95 66.12 -23.97
CA ARG A 230 -2.33 67.48 -24.36
C ARG A 230 -1.28 68.49 -23.93
N GLN A 231 -0.52 68.17 -22.88
CA GLN A 231 0.54 69.04 -22.40
C GLN A 231 1.84 68.87 -23.18
N ARG A 232 1.80 68.24 -24.35
CA ARG A 232 2.98 67.99 -25.16
C ARG A 232 2.91 68.81 -26.44
N ASN A 233 3.99 68.74 -27.22
CA ASN A 233 4.14 69.59 -28.39
C ASN A 233 3.19 69.17 -29.50
N LEU A 234 2.85 70.14 -30.35
CA LEU A 234 1.91 69.89 -31.44
C LEU A 234 2.47 68.88 -32.45
N LEU A 235 3.75 69.03 -32.79
CA LEU A 235 4.37 68.14 -33.77
C LEU A 235 4.21 66.68 -33.35
N THR A 236 4.43 66.39 -32.06
CA THR A 236 4.20 65.04 -31.56
C THR A 236 2.76 64.64 -31.73
N ARG A 237 1.83 65.58 -31.57
CA ARG A 237 0.41 65.26 -31.74
C ARG A 237 0.11 64.82 -33.16
N MET A 238 0.51 65.63 -34.15
CA MET A 238 0.26 65.23 -35.53
C MET A 238 1.00 63.94 -35.88
N ARG A 239 2.19 63.74 -35.31
CA ARG A 239 2.94 62.52 -35.57
C ARG A 239 2.21 61.30 -35.05
N ILE A 240 1.66 61.38 -33.83
CA ILE A 240 0.94 60.23 -33.30
C ILE A 240 -0.37 60.03 -34.05
N ASN A 241 -0.99 61.11 -34.53
CA ASN A 241 -2.15 60.94 -35.40
C ASN A 241 -1.77 60.15 -36.65
N ASN A 242 -0.65 60.50 -37.27
CA ASN A 242 -0.22 59.79 -38.48
C ASN A 242 0.10 58.33 -38.17
N VAL A 243 0.74 58.08 -37.02
CA VAL A 243 1.10 56.71 -36.66
C VAL A 243 -0.16 55.88 -36.41
N PHE A 244 -1.12 56.44 -35.68
CA PHE A 244 -2.37 55.76 -35.44
C PHE A 244 -3.10 55.46 -36.74
N LYS A 245 -3.11 56.44 -37.65
CA LYS A 245 -3.76 56.25 -38.94
C LYS A 245 -3.08 55.14 -39.74
N ASP A 246 -1.75 55.11 -39.73
CA ASP A 246 -1.03 54.07 -40.46
C ASP A 246 -1.32 52.70 -39.88
N PHE A 247 -1.29 52.57 -38.54
CA PHE A 247 -1.57 51.29 -37.92
C PHE A 247 -2.98 50.81 -38.23
N LEU A 248 -3.97 51.69 -38.13
CA LEU A 248 -5.34 51.28 -38.42
C LEU A 248 -5.51 50.93 -39.89
N LYS A 249 -4.87 51.69 -40.78
CA LYS A 249 -4.98 51.40 -42.21
C LYS A 249 -4.37 50.05 -42.54
N GLU A 250 -3.25 49.72 -41.91
CA GLU A 250 -2.65 48.41 -42.12
C GLU A 250 -3.54 47.31 -41.57
N PHE A 251 -4.04 47.47 -40.35
CA PHE A 251 -4.77 46.39 -39.69
C PHE A 251 -6.10 46.12 -40.39
N ASN A 252 -6.85 47.17 -40.71
CA ASN A 252 -8.17 47.00 -41.31
C ASN A 252 -8.09 46.30 -42.66
N ASN A 253 -7.11 46.62 -43.49
CA ASN A 253 -7.00 46.05 -44.82
C ASN A 253 -6.27 44.71 -44.85
N LYS A 254 -5.09 44.63 -44.26
CA LYS A 254 -4.24 43.45 -44.44
C LYS A 254 -4.53 42.36 -43.42
N THR A 255 -4.61 42.71 -42.14
CA THR A 255 -4.68 41.69 -41.09
C THR A 255 -5.95 40.88 -41.18
N ILE A 256 -7.05 41.50 -41.62
CA ILE A 256 -8.32 40.77 -41.71
C ILE A 256 -8.22 39.63 -42.72
N CYS A 257 -7.45 39.82 -43.78
CA CYS A 257 -7.26 38.76 -44.76
C CYS A 257 -6.15 37.80 -44.36
N ASP A 258 -5.08 38.32 -43.75
CA ASP A 258 -3.98 37.45 -43.35
C ASP A 258 -4.39 36.49 -42.24
N SER A 259 -5.31 36.92 -41.37
CA SER A 259 -5.71 36.13 -40.22
C SER A 259 -7.11 35.53 -40.37
N SER A 260 -7.97 36.13 -41.19
CA SER A 260 -9.35 35.65 -41.36
C SER A 260 -10.08 35.56 -40.02
N VAL A 261 -10.00 36.64 -39.24
CA VAL A 261 -10.60 36.65 -37.91
C VAL A 261 -12.00 37.24 -37.98
N SER A 262 -12.80 36.95 -36.96
CA SER A 262 -14.17 37.41 -36.88
C SER A 262 -14.34 38.38 -35.72
N THR A 263 -15.59 38.78 -35.46
CA THR A 263 -15.86 39.66 -34.34
C THR A 263 -15.55 38.98 -33.01
N HIS A 264 -15.89 37.69 -32.90
CA HIS A 264 -15.58 36.97 -31.66
C HIS A 264 -14.09 36.81 -31.46
N ASP A 265 -13.32 36.68 -32.54
CA ASP A 265 -11.90 36.40 -32.41
C ASP A 265 -11.15 37.53 -31.73
N LEU A 266 -11.50 38.78 -32.01
CA LEU A 266 -10.82 39.90 -31.37
C LEU A 266 -11.16 40.02 -29.90
N LYS A 267 -12.31 39.47 -29.49
CA LYS A 267 -12.75 39.60 -28.10
C LYS A 267 -11.76 38.96 -27.13
N VAL A 268 -11.27 37.75 -27.46
CA VAL A 268 -10.41 37.04 -26.53
C VAL A 268 -9.10 37.79 -26.34
N LYS A 269 -8.54 38.34 -27.43
CA LYS A 269 -7.29 39.07 -27.28
C LYS A 269 -7.51 40.42 -26.60
N TYR A 270 -8.65 41.06 -26.86
CA TYR A 270 -8.98 42.28 -26.13
C TYR A 270 -9.00 42.03 -24.63
N LEU A 271 -9.70 40.98 -24.21
CA LEU A 271 -9.81 40.69 -22.78
C LEU A 271 -8.47 40.25 -22.20
N ALA A 272 -7.70 39.45 -22.94
CA ALA A 272 -6.40 39.00 -22.45
C ALA A 272 -5.43 40.16 -22.30
N THR A 273 -5.44 41.07 -23.28
CA THR A 273 -4.56 42.24 -23.21
C THR A 273 -4.97 43.15 -22.07
N LEU A 274 -6.26 43.41 -21.90
CA LEU A 274 -6.70 44.21 -20.76
C LEU A 274 -6.34 43.53 -19.45
N GLU A 275 -6.35 42.19 -19.43
CA GLU A 275 -5.93 41.45 -18.25
C GLU A 275 -4.45 41.69 -17.95
N THR A 276 -3.60 41.57 -18.95
CA THR A 276 -2.16 41.64 -18.72
C THR A 276 -1.62 43.06 -18.61
N LEU A 277 -2.38 44.07 -19.05
CA LEU A 277 -1.88 45.43 -18.95
C LEU A 277 -2.29 46.12 -17.66
N THR A 278 -3.44 45.76 -17.09
CA THR A 278 -3.94 46.38 -15.87
C THR A 278 -3.33 45.69 -14.66
N LYS A 279 -2.74 46.48 -13.77
CA LYS A 279 -2.14 45.93 -12.57
C LYS A 279 -3.21 45.38 -11.63
N HIS A 280 -2.95 44.18 -11.09
CA HIS A 280 -3.88 43.45 -10.24
C HIS A 280 -5.32 43.55 -10.74
N TYR A 281 -5.48 43.27 -12.03
CA TYR A 281 -6.80 43.34 -12.66
C TYR A 281 -7.72 42.27 -12.09
N GLY A 282 -8.99 42.64 -11.93
CA GLY A 282 -9.97 41.72 -11.37
C GLY A 282 -9.65 41.29 -9.95
N ALA A 283 -9.29 42.25 -9.09
CA ALA A 283 -8.91 41.94 -7.72
C ALA A 283 -9.60 42.90 -6.77
N GLU A 284 -9.81 42.44 -5.54
CA GLU A 284 -10.37 43.25 -4.48
C GLU A 284 -9.39 43.31 -3.32
N ILE A 285 -8.97 44.51 -2.95
CA ILE A 285 -7.98 44.73 -1.91
C ILE A 285 -8.60 45.59 -0.83
N PHE A 286 -8.47 45.16 0.42
CA PHE A 286 -9.00 45.88 1.56
C PHE A 286 -7.87 46.19 2.54
N GLU A 287 -7.77 47.47 2.92
CA GLU A 287 -6.79 47.89 3.89
C GLU A 287 -7.47 48.09 5.24
N THR A 288 -6.77 47.70 6.30
CA THR A 288 -7.33 47.77 7.64
C THR A 288 -6.26 48.22 8.62
N SER A 289 -6.73 48.79 9.74
CA SER A 289 -5.83 49.21 10.81
C SER A 289 -5.52 48.09 11.79
N MET A 290 -6.38 47.07 11.89
CA MET A 290 -6.19 45.99 12.84
C MET A 290 -6.28 44.66 12.12
N LEU A 291 -5.43 43.72 12.52
CA LEU A 291 -5.47 42.36 12.00
C LEU A 291 -4.90 41.43 13.06
N LEU A 292 -5.63 40.37 13.37
CA LEU A 292 -5.22 39.42 14.39
C LEU A 292 -5.32 38.00 13.85
N ILE A 293 -4.24 37.24 14.03
CA ILE A 293 -4.17 35.84 13.64
C ILE A 293 -3.73 35.03 14.85
N SER A 294 -4.45 33.96 15.16
CA SER A 294 -4.14 33.14 16.31
C SER A 294 -4.22 31.66 15.94
N SER A 295 -3.45 30.85 16.66
CA SER A 295 -3.47 29.41 16.52
C SER A 295 -3.51 28.78 17.90
N GLU A 296 -4.21 27.66 18.03
CA GLU A 296 -4.41 27.03 19.32
C GLU A 296 -3.82 25.62 19.36
N ASN A 297 -2.55 25.49 18.96
CA ASN A 297 -1.88 24.21 19.03
C ASN A 297 -1.79 23.74 20.48
N GLU A 298 -1.51 22.45 20.65
CA GLU A 298 -1.47 21.84 21.97
C GLU A 298 -0.51 22.60 22.89
N LEU A 299 -1.04 23.06 24.01
CA LEU A 299 -0.33 23.85 25.02
C LEU A 299 0.23 25.15 24.45
N SER A 300 -0.15 25.51 23.22
CA SER A 300 0.36 26.72 22.58
C SER A 300 -0.58 27.90 22.74
N ARG A 301 -1.80 27.81 22.19
CA ARG A 301 -2.73 28.93 22.13
C ARG A 301 -2.02 30.19 21.63
N CYS A 302 -1.27 30.03 20.54
CA CYS A 302 -0.37 31.06 20.05
C CYS A 302 -1.16 32.28 19.61
N HIS A 303 -0.99 33.40 20.32
CA HIS A 303 -1.56 34.68 19.93
C HIS A 303 -0.51 35.41 19.11
N SER A 304 -0.57 35.25 17.78
CA SER A 304 0.42 35.86 16.91
C SER A 304 0.18 37.36 16.80
N ASN A 305 0.97 38.01 15.94
CA ASN A 305 0.88 39.44 15.67
C ASN A 305 1.22 40.26 16.92
N ASP A 306 1.13 41.57 16.81
CA ASP A 306 1.45 42.47 17.91
C ASP A 306 0.41 43.57 17.98
N SER A 307 0.64 44.53 18.87
CA SER A 307 -0.27 45.67 19.06
C SER A 307 0.29 46.95 18.47
N GLY A 308 1.02 46.84 17.37
CA GLY A 308 1.62 48.01 16.75
C GLY A 308 0.60 48.86 16.02
N ASN A 309 1.05 50.04 15.60
CA ASN A 309 0.22 50.97 14.86
C ASN A 309 0.36 50.81 13.36
N VAL A 310 1.03 49.76 12.89
CA VAL A 310 1.19 49.56 11.45
C VAL A 310 -0.15 49.24 10.81
N LEU A 311 -0.24 49.55 9.53
CA LEU A 311 -1.44 49.31 8.74
C LEU A 311 -1.27 48.08 7.87
N TYR A 312 -2.36 47.32 7.72
CA TYR A 312 -2.34 46.07 6.98
C TYR A 312 -3.32 46.16 5.81
N GLU A 313 -3.03 45.39 4.76
CA GLU A 313 -3.90 45.31 3.61
C GLU A 313 -4.27 43.85 3.36
N VAL A 314 -5.49 43.65 2.88
CA VAL A 314 -6.04 42.32 2.61
C VAL A 314 -6.54 42.30 1.18
N MET A 315 -6.12 41.28 0.42
CA MET A 315 -6.48 41.16 -0.98
C MET A 315 -7.13 39.80 -1.20
N VAL A 316 -8.16 39.77 -2.06
CA VAL A 316 -8.92 38.56 -2.33
C VAL A 316 -9.04 38.38 -3.84
N THR A 317 -8.60 37.22 -4.33
CA THR A 317 -8.80 36.81 -5.71
C THR A 317 -9.14 35.31 -5.74
N GLY A 318 -9.92 34.92 -6.74
CA GLY A 318 -10.30 33.52 -6.85
C GLY A 318 -9.15 32.62 -7.27
N ASN A 319 -8.14 33.17 -7.94
CA ASN A 319 -7.02 32.39 -8.43
C ASN A 319 -5.83 32.38 -7.47
N LEU A 320 -5.97 33.00 -6.31
CA LEU A 320 -4.96 32.94 -5.27
C LEU A 320 -5.53 32.58 -3.91
N GLY A 321 -6.79 32.92 -3.66
CA GLY A 321 -7.39 32.67 -2.35
C GLY A 321 -7.37 33.92 -1.49
N ILE A 322 -6.74 33.82 -0.33
CA ILE A 322 -6.63 34.93 0.60
C ILE A 322 -5.16 35.14 0.95
N GLN A 323 -4.70 36.38 0.83
CA GLN A 323 -3.33 36.74 1.18
C GLN A 323 -3.32 38.15 1.77
N TRP A 324 -2.20 38.48 2.41
CA TRP A 324 -2.07 39.74 3.12
C TRP A 324 -0.60 40.12 3.19
N ARG A 325 -0.35 41.38 3.53
CA ARG A 325 1.02 41.87 3.70
C ARG A 325 0.96 43.22 4.41
N GLN A 326 2.14 43.72 4.77
CA GLN A 326 2.26 45.05 5.34
C GLN A 326 2.41 46.08 4.23
N LYS A 327 1.79 47.24 4.40
CA LYS A 327 1.90 48.30 3.41
C LYS A 327 3.22 49.02 3.57
N PRO A 328 4.08 49.07 2.55
CA PRO A 328 5.33 49.82 2.68
C PRO A 328 5.07 51.31 2.86
N ASN A 329 5.96 51.95 3.60
CA ASN A 329 5.83 53.37 3.89
C ASN A 329 6.06 54.19 2.62
N GLU A 361 6.72 44.08 -0.70
CA GLU A 361 6.91 42.79 -0.05
C GLU A 361 5.96 41.74 -0.60
N GLU A 362 6.42 40.50 -0.62
CA GLU A 362 5.62 39.40 -1.14
C GLU A 362 4.50 39.04 -0.17
N TRP A 363 3.31 38.77 -0.71
CA TRP A 363 2.19 38.34 0.11
C TRP A 363 2.43 36.91 0.61
N ASN A 364 1.75 36.57 1.70
CA ASN A 364 1.81 35.24 2.27
C ASN A 364 0.44 34.58 2.19
N ASN A 365 0.44 33.30 1.82
CA ASN A 365 -0.80 32.54 1.68
C ASN A 365 -1.38 32.21 3.04
N PHE A 366 -2.70 32.23 3.12
CA PHE A 366 -3.41 31.88 4.35
C PHE A 366 -4.24 30.61 4.19
N SER A 367 -5.14 30.58 3.22
CA SER A 367 -5.97 29.41 2.97
C SER A 367 -6.68 29.61 1.63
N TYR A 368 -7.55 28.67 1.30
CA TYR A 368 -8.39 28.75 0.12
C TYR A 368 -9.83 28.47 0.51
N PHE A 369 -10.75 28.75 -0.40
CA PHE A 369 -12.17 28.80 -0.05
C PHE A 369 -12.70 27.48 0.49
N PRO A 370 -12.52 26.33 -0.16
CA PRO A 370 -13.07 25.08 0.43
C PRO A 370 -12.47 24.73 1.77
N GLU A 371 -11.22 25.11 2.04
CA GLU A 371 -10.62 24.83 3.34
C GLU A 371 -11.30 25.60 4.46
N ILE A 372 -11.94 26.73 4.14
CA ILE A 372 -12.61 27.54 5.16
C ILE A 372 -13.82 26.79 5.69
N THR A 373 -13.99 26.80 7.01
CA THR A 373 -15.11 26.15 7.65
C THR A 373 -16.35 27.03 7.73
N HIS A 374 -16.25 28.18 8.39
CA HIS A 374 -17.41 29.04 8.61
C HIS A 374 -16.95 30.45 8.89
N ILE A 375 -17.91 31.35 9.01
CA ILE A 375 -17.68 32.77 9.23
C ILE A 375 -18.55 33.24 10.38
N VAL A 376 -18.00 34.11 11.23
CA VAL A 376 -18.73 34.74 12.31
C VAL A 376 -18.44 36.23 12.29
N ILE A 377 -19.48 37.04 12.47
CA ILE A 377 -19.37 38.49 12.41
C ILE A 377 -19.83 39.06 13.74
N LYS A 378 -19.02 39.95 14.32
CA LYS A 378 -19.35 40.61 15.58
C LYS A 378 -19.34 42.11 15.34
N GLU A 379 -20.52 42.72 15.34
CA GLU A 379 -20.67 44.15 15.11
C GLU A 379 -20.00 44.53 13.79
N SER A 380 -18.74 44.97 13.87
CA SER A 380 -17.95 45.29 12.69
C SER A 380 -16.66 44.48 12.64
N VAL A 381 -16.64 43.31 13.27
CA VAL A 381 -15.46 42.45 13.34
C VAL A 381 -15.73 41.20 12.51
N VAL A 382 -14.76 40.85 11.67
CA VAL A 382 -14.84 39.66 10.83
C VAL A 382 -13.81 38.66 11.34
N SER A 383 -14.27 37.41 11.57
CA SER A 383 -13.40 36.35 12.05
C SER A 383 -13.72 35.08 11.28
N ILE A 384 -12.73 34.53 10.59
CA ILE A 384 -12.88 33.32 9.80
C ILE A 384 -12.16 32.18 10.49
N ASN A 385 -12.65 30.96 10.28
CA ASN A 385 -12.08 29.77 10.88
C ASN A 385 -11.73 28.76 9.79
N LYS A 386 -10.62 28.05 10.01
CA LYS A 386 -10.15 27.04 9.08
C LYS A 386 -10.43 25.65 9.63
N GLN A 387 -10.11 24.63 8.82
CA GLN A 387 -10.33 23.25 9.25
C GLN A 387 -9.32 22.82 10.31
N ASP A 388 -8.11 23.36 10.26
CA ASP A 388 -7.09 23.07 11.26
C ASP A 388 -7.19 23.97 12.49
N ASN A 389 -8.38 24.49 12.77
CA ASN A 389 -8.70 25.33 13.92
C ASN A 389 -8.00 26.68 13.88
N LYS A 390 -7.44 27.07 12.75
CA LYS A 390 -6.80 28.38 12.65
C LYS A 390 -7.85 29.48 12.50
N ASN A 391 -7.62 30.59 13.19
CA ASN A 391 -8.55 31.71 13.20
C ASN A 391 -7.84 32.98 12.77
N MET A 392 -8.51 33.76 11.93
CA MET A 392 -8.06 35.09 11.55
C MET A 392 -9.23 36.05 11.75
N GLU A 393 -8.98 37.14 12.46
CA GLU A 393 -10.01 38.11 12.78
C GLU A 393 -9.53 39.52 12.46
N LEU A 394 -10.47 40.37 12.04
CA LEU A 394 -10.17 41.74 11.68
C LEU A 394 -11.43 42.58 11.81
N LYS A 395 -11.27 43.90 11.79
CA LYS A 395 -12.35 44.84 11.99
C LYS A 395 -12.42 45.79 10.80
N LEU A 396 -13.63 46.26 10.50
CA LEU A 396 -13.87 47.28 9.49
C LEU A 396 -14.50 48.50 10.14
N SER A 397 -14.56 49.60 9.38
CA SER A 397 -15.15 50.83 9.90
C SER A 397 -16.66 50.76 9.99
N SER A 398 -17.29 49.89 9.19
CA SER A 398 -18.74 49.80 9.16
C SER A 398 -19.14 48.34 8.96
N ARG A 399 -20.45 48.10 9.00
CA ARG A 399 -21.01 46.76 8.89
C ARG A 399 -21.21 46.33 7.44
N GLU A 400 -21.74 47.22 6.60
CA GLU A 400 -22.08 46.85 5.24
C GLU A 400 -20.85 46.44 4.45
N GLU A 401 -19.69 47.05 4.73
CA GLU A 401 -18.47 46.65 4.04
C GLU A 401 -18.07 45.23 4.42
N ALA A 402 -18.17 44.88 5.70
CA ALA A 402 -17.91 43.51 6.11
C ALA A 402 -18.92 42.56 5.49
N LEU A 403 -20.17 43.00 5.34
CA LEU A 403 -21.19 42.19 4.69
C LEU A 403 -20.81 41.93 3.23
N SER A 404 -20.30 42.97 2.56
CA SER A 404 -19.83 42.79 1.20
C SER A 404 -18.66 41.80 1.15
N PHE A 405 -17.74 41.91 2.10
CA PHE A 405 -16.59 41.01 2.13
C PHE A 405 -17.02 39.56 2.30
N VAL A 406 -17.94 39.31 3.23
CA VAL A 406 -18.41 37.94 3.43
C VAL A 406 -19.23 37.50 2.23
N SER A 407 -19.89 38.44 1.53
CA SER A 407 -20.54 38.08 0.28
C SER A 407 -19.53 37.58 -0.74
N LEU A 408 -18.40 38.27 -0.86
CA LEU A 408 -17.32 37.82 -1.73
C LEU A 408 -16.90 36.41 -1.38
N VAL A 409 -16.59 36.18 -0.10
CA VAL A 409 -16.02 34.89 0.27
C VAL A 409 -17.05 33.78 0.09
N ASP A 410 -18.32 34.07 0.36
CA ASP A 410 -19.37 33.06 0.18
C ASP A 410 -19.60 32.76 -1.29
N GLY A 411 -19.57 33.79 -2.13
CA GLY A 411 -19.71 33.54 -3.56
C GLY A 411 -18.56 32.71 -4.12
N TYR A 412 -17.33 33.01 -3.67
CA TYR A 412 -16.19 32.21 -4.12
C TYR A 412 -16.31 30.78 -3.63
N PHE A 413 -16.70 30.59 -2.37
CA PHE A 413 -16.88 29.24 -1.84
C PHE A 413 -17.93 28.47 -2.66
N ARG A 414 -19.04 29.12 -3.00
CA ARG A 414 -20.06 28.47 -3.79
C ARG A 414 -19.54 28.14 -5.18
N LEU A 415 -18.77 29.04 -5.77
CA LEU A 415 -18.27 28.82 -7.13
C LEU A 415 -17.18 27.77 -7.19
N THR A 416 -16.50 27.49 -6.07
CA THR A 416 -15.40 26.53 -6.05
C THR A 416 -15.68 25.29 -5.22
N ALA A 417 -16.33 25.43 -4.06
CA ALA A 417 -16.47 24.32 -3.13
C ALA A 417 -17.80 23.58 -3.27
N ASP A 418 -18.91 24.29 -3.06
CA ASP A 418 -20.23 23.65 -3.09
C ASP A 418 -21.29 24.69 -3.37
N ALA A 419 -22.16 24.40 -4.33
CA ALA A 419 -23.24 25.31 -4.72
C ALA A 419 -24.49 25.13 -3.88
N HIS A 420 -24.51 24.18 -2.96
CA HIS A 420 -25.66 23.92 -2.11
C HIS A 420 -25.35 24.24 -0.66
N HIS A 421 -24.67 25.37 -0.43
CA HIS A 421 -24.29 25.77 0.91
C HIS A 421 -24.00 27.26 0.92
N TYR A 422 -24.31 27.91 2.05
CA TYR A 422 -23.93 29.28 2.29
C TYR A 422 -23.14 29.35 3.60
N LEU A 423 -22.33 30.39 3.73
CA LEU A 423 -21.48 30.52 4.91
C LEU A 423 -22.16 31.34 6.00
N CYS A 424 -22.50 32.59 5.69
CA CYS A 424 -23.10 33.50 6.66
C CYS A 424 -24.60 33.58 6.44
N THR A 425 -25.36 33.43 7.52
CA THR A 425 -26.81 33.56 7.43
C THR A 425 -27.23 35.00 7.15
N ASP A 426 -26.40 35.97 7.52
CA ASP A 426 -26.74 37.38 7.30
C ASP A 426 -26.75 37.77 5.84
N VAL A 427 -26.04 37.05 4.98
CA VAL A 427 -25.92 37.42 3.57
C VAL A 427 -26.41 36.27 2.69
N ALA A 428 -27.15 35.35 3.29
CA ALA A 428 -27.62 34.18 2.55
C ALA A 428 -28.64 34.58 1.51
N PRO A 429 -28.46 34.23 0.23
CA PRO A 429 -29.44 34.59 -0.79
C PRO A 429 -30.70 33.76 -0.64
N PRO A 430 -31.88 34.38 -0.74
CA PRO A 430 -33.12 33.66 -0.46
C PRO A 430 -33.41 32.50 -1.40
N LEU A 431 -32.97 32.59 -2.66
CA LEU A 431 -33.29 31.52 -3.62
C LEU A 431 -32.63 30.21 -3.19
N ILE A 432 -31.37 30.28 -2.78
CA ILE A 432 -30.68 29.08 -2.32
C ILE A 432 -31.32 28.57 -1.03
N VAL A 433 -31.83 29.47 -0.19
CA VAL A 433 -32.55 29.05 1.00
C VAL A 433 -33.78 28.23 0.61
N HIS A 434 -34.53 28.71 -0.38
CA HIS A 434 -35.70 27.98 -0.85
C HIS A 434 -35.30 26.64 -1.44
N ASN A 435 -34.22 26.60 -2.22
CA ASN A 435 -33.77 25.34 -2.79
C ASN A 435 -33.40 24.34 -1.71
N ILE A 436 -32.68 24.80 -0.68
CA ILE A 436 -32.30 23.90 0.41
C ILE A 436 -33.54 23.42 1.15
N GLN A 437 -34.50 24.33 1.37
CA GLN A 437 -35.75 23.94 2.01
C GLN A 437 -36.52 22.92 1.18
N ASN A 438 -36.36 22.96 -0.14
CA ASN A 438 -37.10 22.08 -1.03
C ASN A 438 -36.25 20.96 -1.62
N GLY A 439 -34.93 21.13 -1.67
CA GLY A 439 -34.06 20.14 -2.26
C GLY A 439 -33.96 20.19 -3.77
N CYS A 440 -34.63 21.14 -4.41
CA CYS A 440 -34.61 21.23 -5.86
C CYS A 440 -33.22 21.61 -6.36
N HIS A 441 -32.82 21.00 -7.46
CA HIS A 441 -31.51 21.29 -8.04
C HIS A 441 -31.61 22.50 -8.97
N GLY A 442 -30.45 22.95 -9.45
CA GLY A 442 -30.38 24.06 -10.36
C GLY A 442 -30.32 23.62 -11.81
N PRO A 443 -29.72 24.45 -12.66
CA PRO A 443 -29.62 24.11 -14.08
C PRO A 443 -28.53 23.08 -14.36
N ILE A 444 -28.73 21.84 -13.89
CA ILE A 444 -27.77 20.78 -14.14
C ILE A 444 -28.16 20.03 -15.41
N CYS A 445 -27.15 19.62 -16.17
CA CYS A 445 -27.34 18.96 -17.45
C CYS A 445 -28.17 17.67 -17.30
N THR A 446 -28.84 17.30 -18.39
CA THR A 446 -29.76 16.17 -18.35
C THR A 446 -29.03 14.86 -18.07
N GLU A 447 -27.86 14.67 -18.69
CA GLU A 447 -27.12 13.43 -18.52
C GLU A 447 -26.76 13.20 -17.06
N TYR A 448 -26.41 14.26 -16.34
CA TYR A 448 -26.09 14.12 -14.92
C TYR A 448 -27.25 13.52 -14.15
N ALA A 449 -28.44 14.11 -14.28
CA ALA A 449 -29.59 13.63 -13.53
C ALA A 449 -30.01 12.24 -13.98
N ILE A 450 -29.89 11.95 -15.28
CA ILE A 450 -30.23 10.61 -15.76
C ILE A 450 -29.30 9.58 -15.13
N ASN A 451 -28.00 9.90 -15.05
CA ASN A 451 -27.06 9.00 -14.38
C ASN A 451 -27.39 8.87 -12.90
N LYS A 452 -27.84 9.95 -12.28
CA LYS A 452 -28.17 9.89 -10.86
C LYS A 452 -29.28 8.90 -10.59
N LEU A 453 -30.24 8.78 -11.51
CA LEU A 453 -31.32 7.81 -11.33
C LEU A 453 -30.80 6.38 -11.38
N ARG A 454 -29.76 6.12 -12.18
CA ARG A 454 -29.23 4.78 -12.30
C ARG A 454 -28.61 4.31 -10.99
N GLN A 455 -27.92 5.21 -10.28
CA GLN A 455 -27.19 4.82 -9.09
C GLN A 455 -28.08 4.27 -7.98
N GLU A 456 -29.25 4.88 -7.77
CA GLU A 456 -30.11 4.47 -6.67
C GLU A 456 -30.85 3.18 -6.94
N GLY A 457 -31.20 2.90 -8.20
CA GLY A 457 -31.88 1.67 -8.56
C GLY A 457 -32.89 1.81 -9.68
N SER A 458 -33.19 3.03 -10.11
CA SER A 458 -34.08 3.28 -11.25
C SER A 458 -35.47 2.67 -11.03
N GLU A 459 -35.86 2.48 -9.77
CA GLU A 459 -37.16 1.95 -9.47
C GLU A 459 -38.25 2.97 -9.80
N GLU A 460 -39.41 2.45 -10.23
CA GLU A 460 -40.54 3.31 -10.53
C GLU A 460 -41.02 4.00 -9.27
N GLY A 461 -41.08 5.33 -9.31
CA GLY A 461 -41.53 6.09 -8.16
C GLY A 461 -40.60 7.22 -7.77
N MET A 462 -39.33 7.12 -8.16
CA MET A 462 -38.38 8.16 -7.82
C MET A 462 -38.47 9.32 -8.82
N TYR A 463 -37.96 10.47 -8.40
CA TYR A 463 -38.05 11.69 -9.18
C TYR A 463 -37.00 12.67 -8.71
N VAL A 464 -36.57 13.54 -9.62
CA VAL A 464 -35.58 14.56 -9.33
C VAL A 464 -36.10 15.90 -9.84
N LEU A 465 -35.87 16.94 -9.05
CA LEU A 465 -36.34 18.29 -9.36
C LEU A 465 -35.14 19.20 -9.61
N ARG A 466 -35.19 19.96 -10.70
CA ARG A 466 -34.10 20.86 -11.05
C ARG A 466 -34.66 21.98 -11.90
N TRP A 467 -34.04 23.16 -11.78
CA TRP A 467 -34.52 24.32 -12.51
C TRP A 467 -34.23 24.18 -14.00
N SER A 468 -35.19 24.62 -14.81
CA SER A 468 -35.01 24.60 -16.26
C SER A 468 -33.86 25.52 -16.65
N CYS A 469 -32.94 25.00 -17.47
CA CYS A 469 -31.78 25.77 -17.89
C CYS A 469 -32.15 26.93 -18.81
N THR A 470 -33.39 26.98 -19.30
CA THR A 470 -33.81 28.01 -20.22
C THR A 470 -34.87 28.95 -19.67
N ASP A 471 -35.70 28.50 -18.74
CA ASP A 471 -36.81 29.30 -18.25
C ASP A 471 -36.68 29.53 -16.75
N PHE A 472 -36.80 30.79 -16.33
CA PHE A 472 -36.65 31.19 -14.94
C PHE A 472 -37.89 30.91 -14.11
N ASP A 473 -39.04 30.69 -14.73
CA ASP A 473 -40.30 30.52 -14.02
C ASP A 473 -40.81 29.09 -14.07
N ASN A 474 -39.98 28.16 -14.55
CA ASN A 474 -40.41 26.80 -14.78
C ASN A 474 -39.44 25.82 -14.13
N ILE A 475 -39.98 24.89 -13.37
CA ILE A 475 -39.23 23.78 -12.80
C ILE A 475 -39.59 22.53 -13.59
N LEU A 476 -38.60 21.65 -13.79
CA LEU A 476 -38.82 20.40 -14.51
C LEU A 476 -38.40 19.24 -13.62
N MET A 477 -39.18 18.17 -13.65
CA MET A 477 -38.91 16.98 -12.85
C MET A 477 -38.71 15.80 -13.78
N THR A 478 -37.80 14.91 -13.41
CA THR A 478 -37.54 13.71 -14.19
C THR A 478 -37.93 12.49 -13.37
N VAL A 479 -38.83 11.68 -13.91
CA VAL A 479 -39.36 10.52 -13.20
C VAL A 479 -38.95 9.26 -13.95
N THR A 480 -38.76 8.18 -13.20
CA THR A 480 -38.41 6.89 -13.77
C THR A 480 -38.91 5.77 -12.86
N LYS A 492 -36.61 0.40 -19.48
CA LYS A 492 -36.92 1.47 -18.53
C LYS A 492 -37.35 2.72 -19.26
N GLN A 493 -38.05 3.60 -18.56
CA GLN A 493 -38.51 4.86 -19.11
C GLN A 493 -38.01 6.01 -18.26
N PHE A 494 -37.92 7.19 -18.87
CA PHE A 494 -37.45 8.40 -18.20
C PHE A 494 -38.33 9.54 -18.67
N LYS A 495 -39.35 9.86 -17.88
CA LYS A 495 -40.36 10.83 -18.28
C LYS A 495 -40.11 12.16 -17.57
N ASN A 496 -40.23 13.25 -18.33
CA ASN A 496 -40.01 14.59 -17.81
C ASN A 496 -41.33 15.34 -17.73
N PHE A 497 -41.44 16.20 -16.72
CA PHE A 497 -42.66 16.96 -16.50
C PHE A 497 -42.30 18.35 -16.00
N GLN A 498 -42.98 19.35 -16.54
CA GLN A 498 -42.69 20.76 -16.27
C GLN A 498 -43.79 21.37 -15.40
N ILE A 499 -43.41 22.30 -14.54
CA ILE A 499 -44.33 22.99 -13.65
C ILE A 499 -44.06 24.49 -13.75
N GLU A 500 -45.12 25.25 -13.94
CA GLU A 500 -45.02 26.71 -14.02
C GLU A 500 -45.13 27.32 -12.64
N VAL A 501 -44.25 28.28 -12.35
CA VAL A 501 -44.28 29.04 -11.11
C VAL A 501 -44.42 30.51 -11.46
N GLN A 502 -45.56 31.11 -11.12
CA GLN A 502 -45.84 32.50 -11.40
C GLN A 502 -46.27 33.19 -10.12
N LYS A 503 -45.81 34.43 -9.94
CA LYS A 503 -46.12 35.29 -8.80
C LYS A 503 -46.14 34.51 -7.49
N GLY A 504 -45.17 33.60 -7.32
CA GLY A 504 -45.10 32.77 -6.14
C GLY A 504 -46.16 31.69 -6.06
N ARG A 505 -47.05 31.60 -7.05
CA ARG A 505 -48.09 30.59 -7.07
C ARG A 505 -47.61 29.39 -7.87
N TYR A 506 -47.95 28.20 -7.40
CA TYR A 506 -47.47 26.95 -7.98
C TYR A 506 -48.63 26.16 -8.56
N SER A 507 -48.44 25.67 -9.79
CA SER A 507 -49.48 24.92 -10.49
C SER A 507 -48.84 24.12 -11.62
N LEU A 508 -49.45 22.99 -11.94
CA LEU A 508 -48.96 22.14 -13.03
C LEU A 508 -49.53 22.61 -14.35
N HIS A 509 -48.71 22.52 -15.40
CA HIS A 509 -49.14 22.91 -16.73
C HIS A 509 -50.32 22.04 -17.18
N GLY A 510 -51.30 22.68 -17.81
CA GLY A 510 -52.51 22.00 -18.19
C GLY A 510 -53.54 21.88 -17.10
N SER A 511 -53.24 22.33 -15.89
CA SER A 511 -54.15 22.23 -14.76
C SER A 511 -54.66 23.62 -14.39
N MET A 512 -55.99 23.76 -14.33
CA MET A 512 -56.59 25.05 -14.02
C MET A 512 -56.52 25.41 -12.55
N ASP A 513 -56.13 24.48 -11.68
CA ASP A 513 -55.98 24.80 -10.28
C ASP A 513 -54.55 25.23 -9.97
N HIS A 514 -54.36 25.83 -8.81
CA HIS A 514 -53.06 26.32 -8.39
C HIS A 514 -52.90 26.12 -6.89
N PHE A 515 -51.65 26.12 -6.45
CA PHE A 515 -51.33 25.87 -5.05
C PHE A 515 -50.32 26.90 -4.56
N PRO A 516 -50.42 27.30 -3.29
CA PRO A 516 -49.60 28.43 -2.81
C PRO A 516 -48.14 28.09 -2.61
N SER A 517 -47.81 26.88 -2.15
CA SER A 517 -46.43 26.51 -1.87
C SER A 517 -45.99 25.39 -2.79
N LEU A 518 -44.69 25.40 -3.11
CA LEU A 518 -44.11 24.30 -3.88
C LEU A 518 -44.31 22.98 -3.15
N ARG A 519 -44.07 22.97 -1.83
CA ARG A 519 -44.32 21.76 -1.05
C ARG A 519 -45.81 21.46 -1.01
N ASP A 520 -46.65 22.50 -0.88
CA ASP A 520 -48.09 22.28 -0.95
C ASP A 520 -48.50 21.71 -2.30
N LEU A 521 -47.90 22.23 -3.37
CA LEU A 521 -48.18 21.70 -4.71
C LEU A 521 -47.82 20.22 -4.80
N MET A 522 -46.59 19.87 -4.42
CA MET A 522 -46.09 18.53 -4.71
C MET A 522 -46.70 17.52 -3.75
N ASN A 523 -47.02 17.94 -2.51
CA ASN A 523 -47.71 17.04 -1.59
C ASN A 523 -49.10 16.70 -2.10
N HIS A 524 -49.75 17.63 -2.80
CA HIS A 524 -51.10 17.40 -3.28
C HIS A 524 -51.14 16.23 -4.25
N LEU A 525 -50.16 16.14 -5.15
CA LEU A 525 -50.17 15.10 -6.17
C LEU A 525 -49.68 13.75 -5.64
N LYS A 526 -49.29 13.67 -4.37
CA LYS A 526 -48.77 12.41 -3.83
C LYS A 526 -49.81 11.31 -3.87
N LYS A 527 -51.07 11.65 -3.62
CA LYS A 527 -52.10 10.65 -3.40
C LYS A 527 -52.94 10.35 -4.63
N GLN A 528 -52.45 10.63 -5.82
CA GLN A 528 -53.21 10.34 -7.03
C GLN A 528 -52.43 9.42 -7.96
N ILE A 529 -53.14 8.85 -8.93
CA ILE A 529 -52.55 7.97 -9.93
C ILE A 529 -52.25 8.78 -11.19
N LEU A 530 -51.15 8.45 -11.84
CA LEU A 530 -50.71 9.15 -13.04
C LEU A 530 -50.84 8.25 -14.26
N ARG A 531 -51.56 8.72 -15.27
CA ARG A 531 -51.75 8.00 -16.52
C ARG A 531 -50.82 8.59 -17.58
N THR A 532 -50.03 7.73 -18.20
CA THR A 532 -49.10 8.14 -19.26
C THR A 532 -49.25 7.15 -20.41
N ASP A 533 -50.00 7.56 -21.44
CA ASP A 533 -50.26 6.72 -22.61
C ASP A 533 -50.85 5.39 -22.18
N ASN A 534 -50.01 4.36 -22.10
CA ASN A 534 -50.45 3.03 -21.68
C ASN A 534 -49.91 2.66 -20.30
N ILE A 535 -48.86 3.31 -19.83
CA ILE A 535 -48.21 2.95 -18.57
C ILE A 535 -48.61 3.96 -17.50
N SER A 536 -48.78 3.45 -16.28
CA SER A 536 -49.16 4.27 -15.14
C SER A 536 -48.24 3.95 -13.97
N PHE A 537 -48.11 4.90 -13.05
CA PHE A 537 -47.17 4.76 -11.96
C PHE A 537 -47.51 5.75 -10.86
N VAL A 538 -46.86 5.57 -9.70
CA VAL A 538 -47.01 6.45 -8.56
C VAL A 538 -45.63 6.79 -8.04
N LEU A 539 -45.39 8.09 -7.82
CA LEU A 539 -44.13 8.54 -7.24
C LEU A 539 -44.03 8.08 -5.78
N LYS A 540 -42.82 7.79 -5.34
CA LYS A 540 -42.61 7.32 -3.98
C LYS A 540 -41.55 8.09 -3.19
N ARG A 541 -40.53 8.63 -3.83
CA ARG A 541 -39.44 9.25 -3.09
C ARG A 541 -38.66 10.16 -4.01
N CYS A 542 -38.14 11.24 -3.42
CA CYS A 542 -37.41 12.26 -4.16
C CYS A 542 -35.91 11.97 -4.16
N CYS A 543 -35.15 12.91 -4.69
CA CYS A 543 -33.70 12.83 -4.73
C CYS A 543 -33.10 14.15 -4.23
N GLN A 544 -32.06 14.04 -3.39
CA GLN A 544 -31.48 15.20 -2.75
C GLN A 544 -30.00 15.32 -3.09
N PRO A 545 -29.44 16.53 -3.02
CA PRO A 545 -28.02 16.69 -3.35
C PRO A 545 -27.11 16.01 -2.34
N LYS A 546 -25.85 15.87 -2.74
CA LYS A 546 -24.80 15.18 -2.00
C LYS A 546 -23.59 16.11 -1.86
N PRO A 547 -22.72 15.86 -0.88
CA PRO A 547 -21.63 16.82 -0.61
C PRO A 547 -20.69 16.97 -1.79
N ARG A 548 -20.50 18.23 -2.21
CA ARG A 548 -19.50 18.56 -3.22
C ARG A 548 -19.71 17.74 -4.49
N GLU A 549 -20.98 17.52 -4.83
CA GLU A 549 -21.33 16.62 -5.93
C GLU A 549 -20.83 17.20 -7.25
N ILE A 550 -20.02 16.41 -7.96
CA ILE A 550 -19.39 16.86 -9.18
C ILE A 550 -20.45 17.05 -10.26
N SER A 551 -20.40 18.19 -10.94
CA SER A 551 -21.42 18.54 -11.93
C SER A 551 -20.86 19.64 -12.84
N ASN A 552 -21.70 20.06 -13.79
CA ASN A 552 -21.30 21.12 -14.71
C ASN A 552 -21.14 22.46 -14.03
N LEU A 553 -21.88 22.70 -12.94
CA LEU A 553 -21.82 24.01 -12.28
C LEU A 553 -20.47 24.25 -11.63
N LEU A 554 -19.72 23.20 -11.32
CA LEU A 554 -18.42 23.35 -10.69
C LEU A 554 -17.37 23.78 -11.72
N VAL A 555 -16.35 24.49 -11.23
CA VAL A 555 -15.28 25.02 -12.07
C VAL A 555 -13.99 24.28 -11.72
N ALA A 556 -13.31 23.78 -12.75
CA ALA A 556 -12.08 23.04 -12.57
C ALA A 556 -10.89 24.00 -12.59
N THR A 557 -10.12 24.02 -11.50
CA THR A 557 -8.94 24.86 -11.40
C THR A 557 -7.76 24.01 -10.96
N LYS A 558 -6.55 24.51 -11.27
CA LYS A 558 -5.34 23.78 -10.94
C LYS A 558 -5.19 23.59 -9.43
N LYS A 559 -5.47 24.65 -8.66
CA LYS A 559 -5.30 24.57 -7.21
C LYS A 559 -6.33 23.65 -6.57
N ALA A 560 -7.57 23.67 -7.06
CA ALA A 560 -8.58 22.74 -6.55
C ALA A 560 -8.34 21.32 -7.01
N GLN A 561 -7.58 21.13 -8.10
CA GLN A 561 -7.24 19.78 -8.55
C GLN A 561 -6.41 19.05 -7.51
N GLU A 562 -5.51 19.76 -6.84
CA GLU A 562 -4.69 19.14 -5.80
C GLU A 562 -5.52 18.68 -4.61
N TRP A 563 -6.72 19.21 -4.43
CA TRP A 563 -7.59 18.82 -3.33
C TRP A 563 -8.55 17.70 -3.72
N GLN A 564 -8.40 17.13 -4.91
CA GLN A 564 -9.23 16.01 -5.30
C GLN A 564 -8.91 14.79 -4.43
N PRO A 565 -9.92 14.04 -4.00
CA PRO A 565 -9.66 12.87 -3.15
C PRO A 565 -8.91 11.79 -3.91
N VAL A 566 -8.08 11.05 -3.18
CA VAL A 566 -7.29 9.98 -3.77
C VAL A 566 -8.17 8.77 -4.05
N TYR A 567 -7.73 7.94 -5.00
CA TYR A 567 -8.44 6.73 -5.38
C TYR A 567 -7.79 5.54 -4.70
N SER A 568 -8.47 4.98 -3.71
CA SER A 568 -7.98 3.83 -2.96
C SER A 568 -9.10 2.81 -2.80
N MET A 569 -9.80 2.51 -3.90
CA MET A 569 -10.94 1.61 -3.83
C MET A 569 -10.52 0.19 -3.48
N SER A 570 -9.31 -0.21 -3.88
CA SER A 570 -8.82 -1.56 -3.63
C SER A 570 -7.34 -1.54 -3.25
N GLN A 571 -6.97 -0.68 -2.31
CA GLN A 571 -5.58 -0.52 -1.90
C GLN A 571 -5.49 -0.40 -0.39
N LEU A 572 -4.70 -1.27 0.23
CA LEU A 572 -4.32 -1.16 1.63
C LEU A 572 -2.80 -1.09 1.74
N SER A 573 -2.32 -0.09 2.48
CA SER A 573 -0.89 0.05 2.77
C SER A 573 -0.72 0.22 4.27
N PHE A 574 0.39 -0.30 4.78
CA PHE A 574 0.67 -0.25 6.21
C PHE A 574 2.16 -0.50 6.43
N ASP A 575 2.63 -0.09 7.60
CA ASP A 575 4.02 -0.25 7.98
C ASP A 575 4.13 -1.27 9.12
N ARG A 576 5.09 -2.17 8.99
CA ARG A 576 5.31 -3.20 9.99
C ARG A 576 6.18 -2.66 11.11
N ILE A 577 5.98 -3.19 12.31
CA ILE A 577 6.82 -2.89 13.46
C ILE A 577 7.53 -4.18 13.86
N LEU A 578 8.86 -4.14 13.86
CA LEU A 578 9.63 -5.33 14.17
C LEU A 578 9.37 -5.78 15.60
N LYS A 579 9.25 -7.09 15.80
CA LYS A 579 8.90 -7.63 17.10
C LYS A 579 9.94 -7.30 18.16
N LYS A 580 11.19 -7.08 17.77
CA LYS A 580 12.23 -6.71 18.73
C LYS A 580 12.19 -5.23 19.10
N ASP A 581 11.34 -4.44 18.45
CA ASP A 581 11.29 -3.01 18.68
C ASP A 581 10.21 -2.62 19.69
N ILE A 582 9.46 -3.57 20.23
CA ILE A 582 8.37 -3.28 21.16
C ILE A 582 8.58 -4.07 22.43
N ILE A 583 7.99 -3.57 23.52
CA ILE A 583 7.99 -4.23 24.81
C ILE A 583 6.54 -4.33 25.28
N GLN A 584 6.10 -5.55 25.58
CA GLN A 584 4.73 -5.77 26.02
C GLN A 584 4.62 -5.52 27.52
N GLY A 585 3.60 -4.78 27.92
CA GLY A 585 3.40 -4.45 29.32
C GLY A 585 2.16 -5.05 29.93
N GLU A 586 1.68 -4.46 31.02
CA GLU A 586 0.54 -4.99 31.75
C GLU A 586 -0.76 -4.73 30.97
N HIS A 587 -1.76 -5.56 31.25
CA HIS A 587 -3.05 -5.44 30.60
C HIS A 587 -3.77 -4.17 31.06
N LEU A 588 -4.75 -3.76 30.26
CA LEU A 588 -5.53 -2.57 30.55
C LEU A 588 -7.04 -2.78 30.50
N GLY A 589 -7.51 -3.90 29.99
CA GLY A 589 -8.93 -4.17 29.86
C GLY A 589 -9.25 -4.71 28.49
N ARG A 590 -10.29 -5.53 28.41
CA ARG A 590 -10.69 -6.18 27.17
C ARG A 590 -11.72 -5.34 26.44
N GLY A 591 -11.50 -5.10 25.17
CA GLY A 591 -12.43 -4.39 24.33
C GLY A 591 -13.38 -5.33 23.60
N THR A 592 -13.96 -4.83 22.51
CA THR A 592 -14.85 -5.65 21.68
C THR A 592 -13.98 -6.64 20.92
N ARG A 593 -13.81 -7.84 21.48
CA ARG A 593 -12.96 -8.88 20.91
C ARG A 593 -11.54 -8.37 20.69
N THR A 594 -11.06 -7.58 21.64
CA THR A 594 -9.73 -6.98 21.53
C THR A 594 -9.15 -6.81 22.93
N HIS A 595 -7.86 -7.12 23.07
CA HIS A 595 -7.13 -6.95 24.31
C HIS A 595 -6.01 -5.94 24.13
N ILE A 596 -5.83 -5.09 25.13
CA ILE A 596 -4.85 -4.00 25.09
C ILE A 596 -3.92 -4.15 26.28
N TYR A 597 -2.62 -4.04 26.02
CA TYR A 597 -1.60 -4.09 27.07
C TYR A 597 -0.82 -2.79 27.05
N SER A 598 0.00 -2.60 28.08
CA SER A 598 0.95 -1.50 28.07
C SER A 598 2.01 -1.75 27.01
N GLY A 599 2.49 -0.67 26.39
CA GLY A 599 3.46 -0.80 25.32
C GLY A 599 4.52 0.27 25.37
N THR A 600 5.68 -0.06 24.81
CA THR A 600 6.79 0.87 24.70
C THR A 600 7.56 0.58 23.42
N LEU A 601 7.79 1.61 22.63
CA LEU A 601 8.48 1.48 21.34
C LEU A 601 9.92 1.94 21.47
N LEU A 602 10.82 1.27 20.75
CA LEU A 602 12.24 1.54 20.82
C LEU A 602 12.79 1.83 19.44
N ASP A 603 13.68 2.83 19.35
CA ASP A 603 14.40 3.17 18.14
C ASP A 603 13.43 3.49 16.99
N TYR A 604 12.68 4.58 17.19
CA TYR A 604 11.74 5.04 16.19
C TYR A 604 12.23 6.31 15.51
N GLU A 613 14.55 9.99 19.09
CA GLU A 613 14.45 9.59 20.49
C GLU A 613 14.23 8.08 20.60
N LYS A 614 14.03 7.61 21.83
CA LYS A 614 13.81 6.20 22.08
C LYS A 614 13.09 6.04 23.40
N LYS A 615 12.67 4.81 23.69
CA LYS A 615 11.96 4.46 24.92
C LYS A 615 10.70 5.32 25.08
N ILE A 616 9.79 5.16 24.12
CA ILE A 616 8.54 5.90 24.10
C ILE A 616 7.40 4.94 24.39
N LYS A 617 6.60 5.27 25.40
CA LYS A 617 5.44 4.46 25.75
C LYS A 617 4.38 4.55 24.66
N VAL A 618 3.87 3.40 24.24
CA VAL A 618 2.85 3.33 23.20
C VAL A 618 1.69 2.49 23.71
N ILE A 619 0.64 2.44 22.89
CA ILE A 619 -0.56 1.65 23.19
C ILE A 619 -0.67 0.55 22.15
N LEU A 620 -0.76 -0.69 22.62
CA LEU A 620 -0.86 -1.85 21.74
C LEU A 620 -2.24 -2.46 21.89
N LYS A 621 -2.79 -2.95 20.79
CA LYS A 621 -4.11 -3.57 20.77
C LYS A 621 -4.02 -4.92 20.07
N VAL A 622 -4.49 -5.96 20.74
CA VAL A 622 -4.37 -7.33 20.26
C VAL A 622 -5.76 -7.85 19.91
N LEU A 623 -5.93 -8.27 18.65
CA LEU A 623 -7.18 -8.89 18.25
C LEU A 623 -7.33 -10.24 18.93
N ASP A 624 -8.56 -10.55 19.34
CA ASP A 624 -8.80 -11.77 20.09
C ASP A 624 -8.61 -12.99 19.21
N PRO A 625 -7.89 -14.02 19.69
CA PRO A 625 -7.67 -15.22 18.87
C PRO A 625 -8.94 -15.96 18.52
N SER A 626 -10.01 -15.80 19.29
CA SER A 626 -11.25 -16.48 18.98
C SER A 626 -11.91 -15.94 17.71
N HIS A 627 -11.48 -14.79 17.23
CA HIS A 627 -12.10 -14.12 16.10
C HIS A 627 -11.06 -13.73 15.07
N ARG A 628 -10.14 -14.66 14.76
CA ARG A 628 -9.20 -14.43 13.68
C ARG A 628 -9.87 -14.46 12.31
N ASP A 629 -11.11 -14.93 12.22
CA ASP A 629 -11.86 -14.90 10.97
C ASP A 629 -12.12 -13.48 10.50
N ILE A 630 -12.15 -12.51 11.41
CA ILE A 630 -12.45 -11.13 11.08
C ILE A 630 -11.17 -10.32 10.87
N SER A 631 -10.06 -10.99 10.56
CA SER A 631 -8.81 -10.29 10.29
C SER A 631 -8.93 -9.34 9.10
N LEU A 632 -9.95 -9.50 8.26
CA LEU A 632 -10.18 -8.55 7.19
C LEU A 632 -10.50 -7.17 7.74
N ALA A 633 -11.64 -7.04 8.43
CA ALA A 633 -12.01 -5.77 9.05
C ALA A 633 -10.87 -5.22 9.90
N PHE A 634 -10.15 -6.12 10.58
CA PHE A 634 -8.90 -5.75 11.25
C PHE A 634 -7.96 -5.03 10.29
N PHE A 635 -7.73 -5.60 9.11
CA PHE A 635 -6.77 -5.05 8.17
C PHE A 635 -7.22 -3.70 7.62
N GLU A 636 -8.46 -3.62 7.13
CA GLU A 636 -8.91 -2.36 6.55
C GLU A 636 -9.29 -1.33 7.62
N ALA A 637 -9.28 -1.71 8.90
CA ALA A 637 -9.34 -0.71 9.96
C ALA A 637 -7.95 -0.18 10.28
N ALA A 638 -6.96 -1.07 10.32
CA ALA A 638 -5.58 -0.62 10.51
C ALA A 638 -5.10 0.24 9.35
N SER A 639 -5.62 -0.01 8.14
CA SER A 639 -5.15 0.73 6.97
C SER A 639 -5.83 2.08 6.85
N MET A 640 -7.12 2.16 7.18
CA MET A 640 -7.87 3.40 6.95
C MET A 640 -7.34 4.56 7.79
N MET A 641 -6.71 4.28 8.91
CA MET A 641 -6.14 5.32 9.75
C MET A 641 -4.79 5.82 9.23
N ARG A 642 -4.21 5.16 8.23
CA ARG A 642 -2.96 5.63 7.64
C ARG A 642 -3.16 6.92 6.87
N GLN A 643 -4.32 7.08 6.22
CA GLN A 643 -4.57 8.24 5.39
C GLN A 643 -4.98 9.48 6.17
N VAL A 644 -5.60 9.30 7.34
CA VAL A 644 -6.08 10.44 8.11
C VAL A 644 -4.89 11.20 8.69
N SER A 645 -5.06 12.52 8.82
CA SER A 645 -4.02 13.37 9.41
C SER A 645 -4.71 14.60 10.01
N HIS A 646 -4.97 14.53 11.32
CA HIS A 646 -5.59 15.64 12.03
C HIS A 646 -5.18 15.59 13.49
N LYS A 647 -5.14 16.77 14.12
CA LYS A 647 -4.69 16.87 15.50
C LYS A 647 -5.68 16.27 16.49
N HIS A 648 -6.92 16.03 16.08
CA HIS A 648 -7.94 15.46 16.94
C HIS A 648 -8.09 13.95 16.76
N ILE A 649 -7.16 13.32 16.05
CA ILE A 649 -7.21 11.88 15.80
C ILE A 649 -5.95 11.24 16.37
N VAL A 650 -6.05 9.94 16.67
CA VAL A 650 -4.89 9.21 17.18
C VAL A 650 -3.81 9.12 16.11
N TYR A 651 -2.61 8.78 16.54
CA TYR A 651 -1.49 8.50 15.64
C TYR A 651 -1.09 7.04 15.76
N LEU A 652 -1.06 6.35 14.63
CA LEU A 652 -0.67 4.95 14.57
C LEU A 652 0.75 4.85 14.00
N TYR A 653 1.66 4.31 14.82
CA TYR A 653 3.02 4.11 14.33
C TYR A 653 3.10 2.99 13.30
N GLY A 654 2.08 2.14 13.23
CA GLY A 654 2.05 1.07 12.26
C GLY A 654 1.39 -0.17 12.86
N VAL A 655 1.83 -1.33 12.38
CA VAL A 655 1.30 -2.61 12.81
C VAL A 655 2.47 -3.53 13.13
N CYS A 656 2.24 -4.45 14.06
CA CYS A 656 3.28 -5.38 14.50
C CYS A 656 2.91 -6.79 14.08
N PHE A 657 3.91 -7.55 13.65
CA PHE A 657 3.73 -8.93 13.22
C PHE A 657 4.66 -9.85 13.99
N ARG A 658 4.10 -10.92 14.54
CA ARG A 658 4.88 -12.02 15.10
C ARG A 658 3.95 -13.20 15.30
N ASP A 659 4.46 -14.41 15.02
CA ASP A 659 3.65 -15.62 15.09
C ASP A 659 2.40 -15.48 14.24
N VAL A 660 1.24 -15.37 14.88
CA VAL A 660 -0.02 -15.17 14.19
C VAL A 660 -0.74 -13.90 14.65
N GLU A 661 -0.50 -13.43 15.87
CA GLU A 661 -1.19 -12.27 16.40
C GLU A 661 -0.61 -10.98 15.82
N ASN A 662 -1.35 -9.89 16.00
CA ASN A 662 -0.95 -8.60 15.46
C ASN A 662 -1.34 -7.50 16.44
N ILE A 663 -0.74 -6.33 16.25
CA ILE A 663 -0.91 -5.21 17.18
C ILE A 663 -0.94 -3.90 16.40
N MET A 664 -1.88 -3.03 16.78
CA MET A 664 -1.86 -1.64 16.35
C MET A 664 -1.13 -0.81 17.42
N VAL A 665 0.01 -0.24 17.06
CA VAL A 665 0.76 0.63 17.95
C VAL A 665 0.25 2.06 17.77
N GLU A 666 -0.52 2.52 18.74
CA GLU A 666 -1.20 3.80 18.66
C GLU A 666 -0.63 4.76 19.70
N GLU A 667 -1.05 6.02 19.58
CA GLU A 667 -0.58 7.07 20.49
C GLU A 667 -1.17 6.89 21.87
N PHE A 668 -0.35 7.07 22.89
CA PHE A 668 -0.77 7.02 24.28
C PHE A 668 -1.05 8.43 24.78
N VAL A 669 -2.14 8.59 25.52
CA VAL A 669 -2.47 9.86 26.17
C VAL A 669 -2.86 9.57 27.61
N GLU A 670 -2.29 10.32 28.54
CA GLU A 670 -2.57 10.13 29.96
C GLU A 670 -3.88 10.77 30.39
N GLY A 671 -4.49 11.61 29.56
CA GLY A 671 -5.73 12.25 29.94
C GLY A 671 -6.86 11.28 30.16
N GLY A 672 -6.88 10.18 29.40
CA GLY A 672 -7.88 9.16 29.57
C GLY A 672 -9.20 9.51 28.93
N PRO A 673 -10.16 8.60 28.98
CA PRO A 673 -11.47 8.86 28.37
C PRO A 673 -12.23 9.92 29.15
N LEU A 674 -13.05 10.68 28.43
CA LEU A 674 -13.85 11.74 29.02
C LEU A 674 -15.06 11.21 29.79
N ASP A 675 -15.37 9.92 29.66
CA ASP A 675 -16.56 9.38 30.30
C ASP A 675 -16.52 9.54 31.81
N LEU A 676 -15.59 8.83 32.46
CA LEU A 676 -15.50 8.92 33.92
C LEU A 676 -14.98 10.28 34.36
N PHE A 677 -14.18 10.94 33.51
CA PHE A 677 -13.75 12.30 33.82
C PHE A 677 -14.95 13.22 34.02
N MET A 678 -15.90 13.19 33.09
CA MET A 678 -17.11 13.99 33.21
C MET A 678 -18.00 13.45 34.33
N HIS A 679 -17.97 12.13 34.55
CA HIS A 679 -18.74 11.54 35.64
C HIS A 679 -18.29 12.05 36.99
N ARG A 680 -16.99 12.33 37.14
CA ARG A 680 -16.41 12.62 38.45
C ARG A 680 -16.60 14.05 38.91
N LYS A 681 -16.54 15.03 38.00
CA LYS A 681 -16.63 16.44 38.36
C LYS A 681 -17.77 17.13 37.63
N SER A 682 -18.95 16.51 37.62
CA SER A 682 -20.09 17.10 36.94
C SER A 682 -20.45 18.46 37.52
N ASP A 683 -20.46 18.57 38.85
CA ASP A 683 -20.81 19.82 39.50
C ASP A 683 -19.86 20.96 39.16
N ALA A 684 -18.65 20.65 38.71
CA ALA A 684 -17.67 21.67 38.37
C ALA A 684 -17.66 22.04 36.90
N LEU A 685 -18.45 21.35 36.07
CA LEU A 685 -18.42 21.61 34.64
C LEU A 685 -19.02 22.97 34.31
N THR A 686 -18.64 23.51 33.16
CA THR A 686 -19.12 24.79 32.69
C THR A 686 -19.70 24.66 31.29
N THR A 687 -20.36 25.72 30.85
CA THR A 687 -21.06 25.75 29.57
C THR A 687 -20.11 25.94 28.38
N PRO A 688 -19.19 26.92 28.42
CA PRO A 688 -18.21 27.02 27.33
C PRO A 688 -17.39 25.76 27.19
N TRP A 689 -17.19 25.03 28.30
CA TRP A 689 -16.50 23.75 28.23
C TRP A 689 -17.16 22.81 27.25
N LYS A 690 -18.47 22.57 27.42
CA LYS A 690 -19.13 21.64 26.50
C LYS A 690 -19.31 22.26 25.12
N PHE A 691 -19.46 23.58 25.02
CA PHE A 691 -19.49 24.20 23.70
C PHE A 691 -18.22 23.88 22.92
N LYS A 692 -17.06 24.14 23.51
CA LYS A 692 -15.82 23.89 22.78
C LYS A 692 -15.60 22.39 22.57
N VAL A 693 -16.02 21.56 23.52
CA VAL A 693 -15.90 20.11 23.34
C VAL A 693 -16.69 19.68 22.11
N ALA A 694 -17.93 20.13 22.00
CA ALA A 694 -18.76 19.76 20.87
C ALA A 694 -18.19 20.30 19.57
N LYS A 695 -17.70 21.55 19.57
CA LYS A 695 -17.28 22.16 18.32
C LYS A 695 -16.03 21.49 17.76
N GLN A 696 -15.11 21.08 18.64
CA GLN A 696 -13.88 20.47 18.15
C GLN A 696 -14.13 19.08 17.58
N LEU A 697 -15.01 18.30 18.22
CA LEU A 697 -15.34 17.00 17.67
C LEU A 697 -16.19 17.13 16.40
N ALA A 698 -17.00 18.18 16.32
CA ALA A 698 -17.73 18.44 15.08
C ALA A 698 -16.77 18.80 13.95
N SER A 699 -15.73 19.57 14.25
CA SER A 699 -14.72 19.88 13.24
C SER A 699 -13.97 18.60 12.83
N ALA A 700 -13.69 17.73 13.79
CA ALA A 700 -13.04 16.46 13.47
C ALA A 700 -13.93 15.61 12.57
N LEU A 701 -15.24 15.58 12.84
CA LEU A 701 -16.16 14.83 12.01
C LEU A 701 -16.27 15.44 10.61
N SER A 702 -16.21 16.77 10.51
CA SER A 702 -16.18 17.42 9.20
C SER A 702 -14.91 17.04 8.44
N TYR A 703 -13.78 16.99 9.13
CA TYR A 703 -12.55 16.53 8.50
C TYR A 703 -12.69 15.08 8.03
N LEU A 704 -13.33 14.24 8.84
CA LEU A 704 -13.53 12.85 8.45
C LEU A 704 -14.39 12.74 7.20
N GLU A 705 -15.52 13.45 7.16
CA GLU A 705 -16.37 13.41 5.99
C GLU A 705 -15.73 14.06 4.78
N ASP A 706 -14.78 14.98 4.99
CA ASP A 706 -14.09 15.62 3.88
C ASP A 706 -13.19 14.66 3.12
N LYS A 707 -12.84 13.53 3.71
CA LYS A 707 -12.04 12.51 3.04
C LYS A 707 -12.85 11.26 2.70
N ASP A 708 -14.18 11.35 2.79
CA ASP A 708 -15.09 10.25 2.45
C ASP A 708 -14.74 8.99 3.23
N LEU A 709 -14.71 9.14 4.56
CA LEU A 709 -14.45 8.04 5.46
C LEU A 709 -15.54 8.01 6.54
N VAL A 710 -15.78 6.81 7.07
CA VAL A 710 -16.88 6.57 7.99
C VAL A 710 -16.31 6.16 9.34
N HIS A 711 -16.95 6.62 10.41
CA HIS A 711 -16.63 6.22 11.78
C HIS A 711 -17.93 5.84 12.47
N GLY A 712 -18.13 4.53 12.66
CA GLY A 712 -19.38 4.04 13.20
C GLY A 712 -19.39 3.89 14.70
N ASN A 713 -18.47 4.55 15.39
CA ASN A 713 -18.35 4.44 16.84
C ASN A 713 -18.16 5.83 17.45
N VAL A 714 -18.91 6.81 16.95
CA VAL A 714 -18.86 8.16 17.51
C VAL A 714 -19.64 8.11 18.82
N CYS A 715 -18.93 7.94 19.93
CA CYS A 715 -19.58 7.84 21.23
C CYS A 715 -18.63 8.39 22.30
N THR A 716 -19.17 8.58 23.50
CA THR A 716 -18.37 9.10 24.60
C THR A 716 -17.24 8.16 24.96
N LYS A 717 -17.43 6.85 24.82
CA LYS A 717 -16.38 5.91 25.11
C LYS A 717 -15.20 6.03 24.16
N ASN A 718 -15.42 6.62 22.98
CA ASN A 718 -14.35 6.87 22.02
C ASN A 718 -13.85 8.31 22.07
N LEU A 719 -14.09 9.00 23.18
CA LEU A 719 -13.63 10.37 23.39
C LEU A 719 -12.64 10.37 24.55
N LEU A 720 -11.36 10.58 24.24
CA LEU A 720 -10.29 10.51 25.23
C LEU A 720 -9.70 11.89 25.45
N LEU A 721 -9.59 12.29 26.71
CA LEU A 721 -9.07 13.60 27.07
C LEU A 721 -7.57 13.67 26.89
N ALA A 722 -7.08 14.88 26.61
CA ALA A 722 -5.64 15.13 26.52
C ALA A 722 -5.12 16.05 27.62
N ARG A 723 -5.73 17.22 27.82
CA ARG A 723 -5.32 18.14 28.86
C ARG A 723 -6.54 18.53 29.69
N GLU A 724 -6.28 18.90 30.95
CA GLU A 724 -7.37 19.18 31.88
C GLU A 724 -7.86 20.62 31.74
N GLY A 725 -7.02 21.60 32.04
CA GLY A 725 -7.38 23.00 31.85
C GLY A 725 -8.56 23.50 32.63
N ILE A 726 -9.13 22.70 33.53
CA ILE A 726 -10.26 23.17 34.32
C ILE A 726 -9.86 24.33 35.22
N ASP A 727 -8.69 24.24 35.84
CA ASP A 727 -8.29 25.24 36.82
C ASP A 727 -8.11 26.62 36.19
N SER A 728 -7.58 26.67 34.97
CA SER A 728 -7.22 27.93 34.35
C SER A 728 -8.07 28.18 33.10
N ASP A 729 -7.77 29.28 32.41
CA ASP A 729 -8.53 29.67 31.23
C ASP A 729 -8.30 28.73 30.06
N ILE A 730 -7.17 28.03 30.02
CA ILE A 730 -6.90 27.13 28.91
C ILE A 730 -7.96 26.03 28.87
N GLY A 731 -8.32 25.62 27.66
CA GLY A 731 -9.35 24.64 27.47
C GLY A 731 -8.79 23.23 27.38
N PRO A 732 -9.56 22.25 27.85
CA PRO A 732 -9.17 20.85 27.67
C PRO A 732 -9.05 20.50 26.19
N PHE A 733 -8.36 19.39 25.94
CA PHE A 733 -8.21 18.85 24.59
C PHE A 733 -8.68 17.41 24.58
N ILE A 734 -9.43 17.04 23.55
CA ILE A 734 -9.86 15.67 23.33
C ILE A 734 -9.39 15.24 21.95
N LYS A 735 -9.37 13.92 21.73
CA LYS A 735 -8.95 13.34 20.47
C LYS A 735 -9.73 12.08 20.19
N LEU A 736 -10.06 11.87 18.92
CA LEU A 736 -10.90 10.76 18.50
C LEU A 736 -10.07 9.48 18.40
N SER A 737 -10.64 8.38 18.88
CA SER A 737 -9.96 7.09 18.88
C SER A 737 -10.24 6.34 17.59
N ASP A 738 -9.84 5.07 17.54
CA ASP A 738 -10.02 4.25 16.35
C ASP A 738 -11.48 3.85 16.17
N PRO A 739 -11.90 3.59 14.93
CA PRO A 739 -13.27 3.10 14.72
C PRO A 739 -13.54 1.75 15.37
N GLY A 740 -12.54 0.88 15.43
CA GLY A 740 -12.73 -0.43 16.02
C GLY A 740 -13.39 -1.40 15.05
N ILE A 741 -14.02 -2.42 15.62
CA ILE A 741 -14.68 -3.45 14.80
C ILE A 741 -15.91 -2.84 14.12
N PRO A 742 -16.13 -3.12 12.84
CA PRO A 742 -17.34 -2.59 12.18
C PRO A 742 -18.60 -3.29 12.68
N VAL A 743 -19.71 -2.55 12.63
CA VAL A 743 -20.99 -3.10 13.02
C VAL A 743 -21.51 -4.10 12.00
N SER A 744 -20.97 -4.07 10.78
CA SER A 744 -21.45 -4.95 9.72
C SER A 744 -21.25 -6.42 10.04
N VAL A 745 -20.39 -6.73 11.01
CA VAL A 745 -20.13 -8.11 11.42
C VAL A 745 -20.77 -8.45 12.76
N LEU A 746 -21.40 -7.49 13.41
CA LEU A 746 -22.04 -7.75 14.68
C LEU A 746 -23.32 -8.56 14.47
N THR A 747 -23.72 -9.27 15.52
CA THR A 747 -24.92 -10.07 15.46
C THR A 747 -26.16 -9.16 15.43
N ARG A 748 -27.29 -9.76 15.06
CA ARG A 748 -28.55 -9.03 15.08
C ARG A 748 -28.86 -8.53 16.49
N GLN A 749 -28.60 -9.36 17.50
CA GLN A 749 -28.73 -8.91 18.87
C GLN A 749 -27.73 -7.80 19.18
N GLU A 750 -26.49 -7.93 18.69
CA GLU A 750 -25.51 -6.89 18.92
C GLU A 750 -25.83 -5.61 18.18
N CYS A 751 -26.77 -5.65 17.22
CA CYS A 751 -27.20 -4.43 16.55
C CYS A 751 -28.26 -3.67 17.34
N ILE A 752 -28.78 -4.25 18.42
CA ILE A 752 -29.84 -3.60 19.18
C ILE A 752 -29.35 -2.96 20.48
N GLU A 753 -28.19 -3.37 20.98
CA GLU A 753 -27.66 -2.74 22.18
C GLU A 753 -27.02 -1.39 21.89
N ARG A 754 -26.62 -1.13 20.64
CA ARG A 754 -26.05 0.15 20.26
C ARG A 754 -27.10 1.26 20.20
N ILE A 755 -28.35 0.95 20.48
CA ILE A 755 -29.42 1.94 20.44
C ILE A 755 -29.21 2.94 21.58
N PRO A 756 -29.34 4.25 21.34
CA PRO A 756 -29.72 4.91 20.10
C PRO A 756 -28.55 5.36 19.25
N TRP A 757 -27.33 4.91 19.54
CA TRP A 757 -26.18 5.37 18.77
C TRP A 757 -26.20 4.86 17.33
N ILE A 758 -26.78 3.69 17.10
CA ILE A 758 -26.83 3.08 15.78
C ILE A 758 -28.00 3.68 15.01
N ALA A 759 -27.81 3.86 13.71
CA ALA A 759 -28.87 4.38 12.86
C ALA A 759 -29.81 3.24 12.47
N PRO A 760 -31.13 3.49 12.45
CA PRO A 760 -32.06 2.43 12.05
C PRO A 760 -31.87 1.97 10.62
N GLU A 761 -31.25 2.77 9.77
CA GLU A 761 -30.98 2.34 8.39
C GLU A 761 -30.04 1.14 8.37
N CYS A 762 -28.97 1.20 9.14
CA CYS A 762 -28.06 0.05 9.23
C CYS A 762 -28.75 -1.12 9.93
N VAL A 763 -29.68 -0.83 10.83
CA VAL A 763 -30.43 -1.89 11.50
C VAL A 763 -31.27 -2.66 10.49
N GLU A 764 -31.92 -1.93 9.57
CA GLU A 764 -32.70 -2.58 8.53
C GLU A 764 -31.83 -3.44 7.64
N ASP A 765 -30.66 -2.93 7.27
CA ASP A 765 -29.70 -3.68 6.48
C ASP A 765 -28.32 -3.09 6.68
N SER A 766 -27.36 -3.94 7.09
CA SER A 766 -26.01 -3.47 7.34
C SER A 766 -25.38 -2.90 6.07
N LYS A 767 -25.79 -3.39 4.90
CA LYS A 767 -25.25 -2.90 3.64
C LYS A 767 -25.60 -1.43 3.39
N ASN A 768 -26.58 -0.88 4.09
CA ASN A 768 -26.98 0.51 3.91
C ASN A 768 -26.09 1.48 4.65
N LEU A 769 -24.90 1.05 5.07
CA LEU A 769 -23.99 1.94 5.79
C LEU A 769 -23.52 3.07 4.87
N SER A 770 -23.38 4.26 5.44
CA SER A 770 -22.95 5.44 4.69
C SER A 770 -22.43 6.47 5.67
N VAL A 771 -21.88 7.56 5.12
CA VAL A 771 -21.37 8.64 5.97
C VAL A 771 -22.49 9.40 6.65
N ALA A 772 -23.72 9.30 6.15
CA ALA A 772 -24.84 10.01 6.74
C ALA A 772 -25.17 9.51 8.14
N ALA A 773 -24.86 8.24 8.44
CA ALA A 773 -25.18 7.70 9.76
C ALA A 773 -24.32 8.31 10.86
N ASP A 774 -23.19 8.93 10.51
CA ASP A 774 -22.34 9.53 11.53
C ASP A 774 -23.03 10.68 12.24
N LYS A 775 -23.91 11.39 11.53
CA LYS A 775 -24.66 12.49 12.15
C LYS A 775 -25.59 12.00 13.25
N TRP A 776 -26.12 10.78 13.14
CA TRP A 776 -26.98 10.25 14.19
C TRP A 776 -26.19 10.02 15.47
N SER A 777 -25.02 9.39 15.37
CA SER A 777 -24.17 9.24 16.55
C SER A 777 -23.71 10.59 17.07
N PHE A 778 -23.47 11.55 16.17
CA PHE A 778 -23.10 12.90 16.59
C PHE A 778 -24.19 13.51 17.46
N GLY A 779 -25.45 13.43 17.01
CA GLY A 779 -26.54 13.97 17.80
C GLY A 779 -26.75 13.21 19.10
N THR A 780 -26.56 11.90 19.07
CA THR A 780 -26.66 11.10 20.29
C THR A 780 -25.62 11.55 21.31
N THR A 781 -24.39 11.76 20.87
CA THR A 781 -23.34 12.27 21.76
C THR A 781 -23.67 13.68 22.24
N LEU A 782 -24.24 14.51 21.37
CA LEU A 782 -24.63 15.86 21.76
C LEU A 782 -25.63 15.81 22.91
N TRP A 783 -26.64 14.93 22.81
CA TRP A 783 -27.55 14.78 23.93
C TRP A 783 -26.84 14.22 25.16
N GLU A 784 -25.95 13.25 24.95
CA GLU A 784 -25.29 12.59 26.08
C GLU A 784 -24.48 13.59 26.91
N ILE A 785 -23.77 14.50 26.24
CA ILE A 785 -22.94 15.45 26.99
C ILE A 785 -23.79 16.52 27.64
N CYS A 786 -25.06 16.64 27.25
CA CYS A 786 -25.93 17.66 27.84
C CYS A 786 -26.51 17.22 29.18
N TYR A 787 -26.44 15.94 29.53
CA TYR A 787 -27.05 15.41 30.74
C TYR A 787 -26.03 14.66 31.58
N ASN A 788 -24.86 15.25 31.78
CA ASN A 788 -23.81 14.69 32.65
C ASN A 788 -23.37 13.30 32.18
N GLY A 789 -23.50 13.02 30.90
CA GLY A 789 -23.13 11.71 30.40
C GLY A 789 -24.02 10.57 30.84
N GLU A 790 -25.25 10.88 31.26
CA GLU A 790 -26.17 9.85 31.69
C GLU A 790 -26.47 8.87 30.55
N ILE A 791 -26.66 7.60 30.90
CA ILE A 791 -26.91 6.56 29.91
C ILE A 791 -28.24 6.85 29.21
N PRO A 792 -28.24 7.07 27.90
CA PRO A 792 -29.49 7.33 27.19
C PRO A 792 -30.30 6.06 27.00
N LEU A 793 -31.62 6.21 27.08
CA LEU A 793 -32.57 5.12 26.84
C LEU A 793 -32.33 3.95 27.79
N LYS A 794 -31.89 4.26 29.00
CA LYS A 794 -31.71 3.23 30.01
C LYS A 794 -33.06 2.75 30.51
N ASP A 795 -33.04 1.63 31.23
CA ASP A 795 -34.24 0.99 31.77
C ASP A 795 -35.23 0.62 30.67
N LYS A 796 -34.73 0.37 29.46
CA LYS A 796 -35.56 0.01 28.33
C LYS A 796 -35.08 -1.31 27.74
N THR A 797 -35.99 -2.26 27.55
CA THR A 797 -35.63 -3.55 27.02
C THR A 797 -35.32 -3.44 25.53
N LEU A 798 -34.70 -4.49 25.00
CA LEU A 798 -34.37 -4.52 23.57
C LEU A 798 -35.63 -4.42 22.73
N ILE A 799 -36.69 -5.16 23.10
CA ILE A 799 -37.92 -5.12 22.34
C ILE A 799 -38.55 -3.73 22.41
N GLU A 800 -38.41 -3.06 23.55
CA GLU A 800 -38.90 -1.69 23.65
C GLU A 800 -38.14 -0.75 22.73
N LYS A 801 -36.82 -0.95 22.62
CA LYS A 801 -36.02 -0.12 21.71
C LYS A 801 -36.40 -0.37 20.26
N GLU A 802 -36.62 -1.64 19.90
CA GLU A 802 -37.06 -1.96 18.55
C GLU A 802 -38.44 -1.35 18.27
N ARG A 803 -39.33 -1.37 19.26
CA ARG A 803 -40.62 -0.71 19.10
C ARG A 803 -40.44 0.79 18.92
N PHE A 804 -39.51 1.39 19.66
CA PHE A 804 -39.22 2.81 19.50
C PHE A 804 -38.79 3.13 18.08
N TYR A 805 -37.90 2.30 17.51
CA TYR A 805 -37.50 2.52 16.12
C TYR A 805 -38.68 2.34 15.18
N GLU A 806 -39.42 1.23 15.30
CA GLU A 806 -40.49 0.96 14.36
C GLU A 806 -41.66 1.92 14.51
N SER A 807 -41.88 2.45 15.72
CA SER A 807 -42.95 3.43 15.91
C SER A 807 -42.63 4.78 15.29
N ARG A 808 -41.39 4.98 14.84
CA ARG A 808 -40.98 6.22 14.21
C ARG A 808 -41.19 7.43 15.11
N CYS A 809 -41.05 7.24 16.41
CA CYS A 809 -41.17 8.31 17.37
C CYS A 809 -39.80 8.90 17.70
N ARG A 810 -39.83 10.10 18.26
CA ARG A 810 -38.58 10.78 18.63
C ARG A 810 -37.88 10.00 19.73
N PRO A 811 -36.58 9.70 19.57
CA PRO A 811 -35.88 8.94 20.61
C PRO A 811 -35.81 9.67 21.94
N VAL A 812 -35.32 10.91 21.94
CA VAL A 812 -35.14 11.66 23.17
C VAL A 812 -35.31 13.14 22.88
N THR A 813 -35.71 13.91 23.90
CA THR A 813 -35.91 15.33 23.78
C THR A 813 -35.20 16.07 24.90
N PRO A 814 -34.60 17.21 24.61
CA PRO A 814 -34.02 18.04 25.69
C PRO A 814 -35.05 18.99 26.27
N SER A 815 -34.63 19.85 27.19
CA SER A 815 -35.52 20.82 27.82
C SER A 815 -35.37 22.21 27.22
N CYS A 816 -34.57 22.36 26.17
CA CYS A 816 -34.37 23.65 25.52
C CYS A 816 -35.01 23.66 24.14
N LYS A 817 -35.62 24.79 23.80
CA LYS A 817 -36.27 24.91 22.50
C LYS A 817 -35.27 24.82 21.36
N GLU A 818 -34.18 25.59 21.45
CA GLU A 818 -33.20 25.59 20.37
C GLU A 818 -32.47 24.25 20.28
N LEU A 819 -32.16 23.65 21.44
CA LEU A 819 -31.52 22.34 21.43
C LEU A 819 -32.44 21.30 20.80
N ALA A 820 -33.73 21.33 21.15
CA ALA A 820 -34.67 20.41 20.52
C ALA A 820 -34.74 20.63 19.01
N ASP A 821 -34.76 21.89 18.59
CA ASP A 821 -34.80 22.19 17.16
C ASP A 821 -33.58 21.60 16.46
N LEU A 822 -32.39 21.86 16.99
CA LEU A 822 -31.17 21.40 16.32
C LEU A 822 -31.10 19.87 16.32
N MET A 823 -31.54 19.24 17.41
CA MET A 823 -31.52 17.78 17.44
C MET A 823 -32.47 17.20 16.40
N THR A 824 -33.72 17.68 16.39
CA THR A 824 -34.66 17.23 15.36
C THR A 824 -34.12 17.49 13.97
N ARG A 825 -33.38 18.58 13.79
CA ARG A 825 -32.76 18.86 12.49
C ARG A 825 -31.70 17.83 12.16
N CYS A 826 -30.95 17.37 13.16
CA CYS A 826 -29.95 16.34 12.92
C CYS A 826 -30.49 14.93 13.13
N MET A 827 -31.57 14.77 13.89
CA MET A 827 -32.18 13.46 14.10
C MET A 827 -33.29 13.21 13.09
N ASN A 828 -32.90 12.96 11.84
CA ASN A 828 -33.84 12.72 10.76
C ASN A 828 -33.81 11.27 10.32
N TYR A 829 -35.00 10.69 10.17
CA TYR A 829 -35.13 9.34 9.65
C TYR A 829 -34.73 9.23 8.18
N ASP A 830 -34.72 10.34 7.45
CA ASP A 830 -34.31 10.32 6.05
C ASP A 830 -32.82 10.61 5.98
N PRO A 831 -31.98 9.65 5.61
CA PRO A 831 -30.53 9.92 5.56
C PRO A 831 -30.17 11.00 4.55
N ASN A 832 -30.89 11.10 3.43
CA ASN A 832 -30.61 12.10 2.43
C ASN A 832 -31.12 13.48 2.80
N GLN A 833 -31.95 13.59 3.85
CA GLN A 833 -32.42 14.89 4.31
C GLN A 833 -31.59 15.47 5.45
N ARG A 834 -30.61 14.73 5.95
CA ARG A 834 -29.83 15.21 7.09
C ARG A 834 -28.91 16.34 6.67
N PRO A 835 -28.94 17.49 7.34
CA PRO A 835 -28.11 18.62 6.96
C PRO A 835 -26.63 18.34 7.24
N PHE A 836 -25.78 19.22 6.73
CA PHE A 836 -24.36 18.94 6.70
C PHE A 836 -23.68 19.45 7.98
N PHE A 837 -22.43 19.02 8.16
CA PHE A 837 -21.70 19.38 9.38
C PHE A 837 -21.42 20.88 9.47
N ARG A 838 -21.04 21.51 8.36
CA ARG A 838 -20.75 22.94 8.40
C ARG A 838 -21.98 23.75 8.81
N ALA A 839 -23.16 23.31 8.39
CA ALA A 839 -24.39 23.92 8.89
C ALA A 839 -24.51 23.76 10.39
N ILE A 840 -24.12 22.60 10.91
CA ILE A 840 -24.17 22.39 12.36
C ILE A 840 -23.21 23.34 13.06
N MET A 841 -22.00 23.51 12.52
CA MET A 841 -21.05 24.44 13.13
C MET A 841 -21.58 25.86 13.11
N ARG A 842 -22.15 26.30 11.99
CA ARG A 842 -22.66 27.66 11.95
C ARG A 842 -23.82 27.84 12.92
N ASP A 843 -24.69 26.82 13.03
CA ASP A 843 -25.83 26.92 13.93
C ASP A 843 -25.37 26.98 15.38
N ILE A 844 -24.39 26.15 15.75
CA ILE A 844 -23.94 26.14 17.13
C ILE A 844 -23.18 27.42 17.45
N ASN A 845 -22.41 27.94 16.48
CA ASN A 845 -21.72 29.21 16.71
C ASN A 845 -22.72 30.35 16.88
N LYS A 846 -23.82 30.31 16.14
CA LYS A 846 -24.85 31.33 16.31
C LYS A 846 -25.51 31.21 17.68
N LEU A 847 -25.90 30.00 18.07
CA LEU A 847 -26.67 29.84 19.29
C LEU A 847 -25.83 30.06 20.53
N GLU A 848 -24.56 29.66 20.52
CA GLU A 848 -23.73 29.77 21.72
C GLU A 848 -23.63 31.22 22.18
N GLU A 849 -23.68 32.16 21.25
CA GLU A 849 -23.79 33.56 21.61
C GLU A 849 -25.24 34.02 21.72
N GLN A 850 -26.16 33.33 21.06
CA GLN A 850 -27.57 33.71 21.15
C GLN A 850 -28.13 33.43 22.54
N ASN A 851 -27.51 32.54 23.28
CA ASN A 851 -28.05 32.06 24.56
C ASN A 851 -27.18 32.43 25.77
N PRO A 852 -27.32 33.64 26.31
CA PRO A 852 -26.54 33.99 27.52
C PRO A 852 -26.84 33.08 28.71
N ASP A 853 -28.07 32.60 28.85
CA ASP A 853 -28.39 31.71 29.96
C ASP A 853 -27.76 30.34 29.73
N ILE A 854 -27.06 29.83 30.75
CA ILE A 854 -26.46 28.51 30.64
C ILE A 854 -27.52 27.43 30.58
N VAL A 855 -28.59 27.59 31.34
CA VAL A 855 -29.68 26.60 31.35
C VAL A 855 -31.02 27.30 31.37
N THR A 867 -23.54 -6.19 40.66
CA THR A 867 -22.96 -7.50 40.46
C THR A 867 -22.70 -7.77 38.98
N HIS A 868 -22.33 -6.70 38.26
CA HIS A 868 -21.96 -6.80 36.85
C HIS A 868 -20.56 -6.24 36.69
N PHE A 869 -19.79 -6.84 35.79
CA PHE A 869 -18.43 -6.41 35.51
C PHE A 869 -18.27 -6.11 34.02
N GLU A 870 -17.46 -5.10 33.72
CA GLU A 870 -17.21 -4.70 32.35
C GLU A 870 -15.87 -5.25 31.87
N LYS A 871 -15.87 -5.81 30.66
CA LYS A 871 -14.65 -6.36 30.09
C LYS A 871 -13.57 -5.31 29.90
N ARG A 872 -13.95 -4.04 29.72
CA ARG A 872 -12.98 -2.97 29.56
C ARG A 872 -12.23 -2.66 30.85
N PHE A 873 -12.74 -3.08 32.00
CA PHE A 873 -12.08 -2.86 33.27
C PHE A 873 -11.43 -4.12 33.82
N LEU A 874 -11.42 -5.21 33.04
CA LEU A 874 -10.82 -6.46 33.47
C LEU A 874 -9.36 -6.49 33.05
N LYS A 875 -8.47 -6.30 34.01
CA LYS A 875 -7.03 -6.26 33.76
C LYS A 875 -6.45 -7.63 34.10
N ARG A 876 -6.28 -8.45 33.07
CA ARG A 876 -5.71 -9.78 33.25
C ARG A 876 -4.26 -9.69 33.71
N ILE A 877 -3.89 -10.53 34.68
CA ILE A 877 -2.52 -10.61 35.17
C ILE A 877 -1.82 -11.87 34.68
N ARG A 878 -2.32 -13.05 35.09
CA ARG A 878 -1.62 -14.29 34.83
C ARG A 878 -2.63 -15.43 34.87
N ASP A 879 -2.33 -16.47 34.10
CA ASP A 879 -3.17 -17.67 34.07
C ASP A 879 -3.29 -18.25 35.47
N LEU A 880 -4.53 -18.56 35.89
CA LEU A 880 -4.79 -19.08 37.22
C LEU A 880 -5.14 -20.56 37.23
N GLY A 881 -5.76 -21.07 36.17
CA GLY A 881 -6.08 -22.49 36.09
C GLY A 881 -6.81 -22.85 34.82
N GLU A 882 -6.38 -23.93 34.17
CA GLU A 882 -6.96 -24.36 32.90
C GLU A 882 -7.45 -25.79 33.03
N GLY A 883 -8.70 -26.02 32.63
CA GLY A 883 -9.26 -27.36 32.58
C GLY A 883 -9.47 -27.83 31.15
N HIS A 884 -10.06 -29.03 31.05
CA HIS A 884 -10.36 -29.60 29.74
C HIS A 884 -11.35 -28.74 28.95
N PHE A 885 -12.25 -28.03 29.62
CA PHE A 885 -13.26 -27.25 28.93
C PHE A 885 -13.26 -25.79 29.32
N GLY A 886 -12.65 -25.41 30.44
CA GLY A 886 -12.67 -24.03 30.90
C GLY A 886 -11.29 -23.59 31.34
N LYS A 887 -11.16 -22.27 31.51
CA LYS A 887 -9.88 -21.67 31.86
C LYS A 887 -10.13 -20.52 32.83
N VAL A 888 -9.29 -20.45 33.87
CA VAL A 888 -9.42 -19.45 34.92
C VAL A 888 -8.24 -18.48 34.81
N GLU A 889 -8.55 -17.19 34.76
CA GLU A 889 -7.55 -16.14 34.67
C GLU A 889 -7.56 -15.30 35.94
N LEU A 890 -6.42 -14.68 36.22
CA LEU A 890 -6.31 -13.73 37.31
C LEU A 890 -6.45 -12.33 36.74
N CYS A 891 -7.46 -11.59 37.21
CA CYS A 891 -7.77 -10.28 36.67
C CYS A 891 -7.88 -9.26 37.79
N ARG A 892 -7.66 -7.99 37.41
CA ARG A 892 -7.82 -6.86 38.30
C ARG A 892 -8.91 -5.97 37.74
N TYR A 893 -9.97 -5.76 38.51
CA TYR A 893 -11.08 -4.90 38.08
C TYR A 893 -10.74 -3.48 38.51
N ASP A 894 -10.31 -2.66 37.56
CA ASP A 894 -9.84 -1.30 37.83
C ASP A 894 -10.58 -0.34 36.93
N PRO A 895 -11.84 -0.03 37.24
CA PRO A 895 -12.55 1.01 36.46
C PRO A 895 -11.90 2.38 36.57
N GLU A 896 -11.27 2.69 37.70
CA GLU A 896 -10.58 3.95 37.85
C GLU A 896 -9.30 4.03 37.03
N GLY A 897 -8.76 2.89 36.62
CA GLY A 897 -7.54 2.90 35.82
C GLY A 897 -6.30 3.29 36.58
N ASP A 898 -6.33 3.24 37.92
CA ASP A 898 -5.21 3.67 38.74
C ASP A 898 -4.46 2.50 39.37
N ASN A 899 -4.75 1.27 38.94
CA ASN A 899 -4.10 0.07 39.47
C ASN A 899 -4.34 -0.09 40.96
N THR A 900 -5.40 0.54 41.48
CA THR A 900 -5.81 0.37 42.87
C THR A 900 -7.02 -0.54 43.01
N GLY A 901 -7.37 -1.27 41.94
CA GLY A 901 -8.52 -2.13 41.98
C GLY A 901 -8.29 -3.38 42.82
N GLU A 902 -9.29 -4.26 42.79
CA GLU A 902 -9.25 -5.49 43.59
C GLU A 902 -8.94 -6.67 42.68
N GLN A 903 -7.94 -7.46 43.08
CA GLN A 903 -7.63 -8.69 42.38
C GLN A 903 -8.80 -9.67 42.49
N VAL A 904 -9.17 -10.27 41.38
CA VAL A 904 -10.29 -11.20 41.33
C VAL A 904 -9.89 -12.44 40.52
N ALA A 905 -10.60 -13.53 40.79
CA ALA A 905 -10.43 -14.77 40.05
C ALA A 905 -11.60 -14.93 39.09
N VAL A 906 -11.30 -15.06 37.80
CA VAL A 906 -12.32 -15.10 36.76
C VAL A 906 -12.19 -16.43 36.01
N LYS A 907 -13.31 -17.11 35.84
CA LYS A 907 -13.36 -18.37 35.11
C LYS A 907 -13.99 -18.15 33.74
N SER A 908 -13.34 -18.68 32.71
CA SER A 908 -13.82 -18.50 31.34
C SER A 908 -13.76 -19.84 30.62
N LEU A 909 -14.52 -19.93 29.54
CA LEU A 909 -14.57 -21.14 28.73
C LEU A 909 -13.83 -20.93 27.41
N LYS A 910 -13.24 -22.01 26.91
CA LYS A 910 -12.52 -21.97 25.65
C LYS A 910 -13.49 -21.74 24.50
N PRO A 911 -13.03 -21.09 23.43
CA PRO A 911 -13.95 -20.72 22.34
C PRO A 911 -14.66 -21.90 21.71
N GLU A 912 -13.98 -23.05 21.61
CA GLU A 912 -14.52 -24.23 20.97
C GLU A 912 -15.47 -25.01 21.88
N SER A 913 -15.90 -24.41 22.99
CA SER A 913 -16.85 -25.08 23.88
C SER A 913 -18.23 -25.10 23.24
N GLY A 914 -18.94 -26.21 23.44
CA GLY A 914 -20.29 -26.33 22.93
C GLY A 914 -21.30 -25.62 23.81
N GLY A 915 -22.51 -25.47 23.26
CA GLY A 915 -23.59 -24.86 24.01
C GLY A 915 -23.98 -25.65 25.24
N ASN A 916 -23.82 -26.97 25.22
CA ASN A 916 -24.06 -27.77 26.42
C ASN A 916 -23.12 -27.36 27.53
N HIS A 917 -21.85 -27.11 27.21
CA HIS A 917 -20.91 -26.65 28.22
C HIS A 917 -21.25 -25.23 28.67
N ILE A 918 -21.81 -24.42 27.77
CA ILE A 918 -22.28 -23.09 28.16
C ILE A 918 -23.38 -23.21 29.21
N ALA A 919 -24.33 -24.13 28.98
CA ALA A 919 -25.39 -24.35 29.95
C ALA A 919 -24.85 -24.91 31.26
N ASP A 920 -23.86 -25.79 31.18
CA ASP A 920 -23.21 -26.30 32.39
C ASP A 920 -22.58 -25.15 33.18
N LEU A 921 -21.90 -24.24 32.47
CA LEU A 921 -21.32 -23.09 33.15
C LEU A 921 -22.39 -22.25 33.81
N LYS A 922 -23.46 -21.92 33.08
CA LYS A 922 -24.56 -21.16 33.68
C LYS A 922 -25.07 -21.85 34.94
N LYS A 923 -25.31 -23.16 34.87
CA LYS A 923 -25.70 -23.92 36.04
C LYS A 923 -24.71 -23.72 37.17
N GLU A 924 -23.41 -23.72 36.85
CA GLU A 924 -22.41 -23.43 37.87
C GLU A 924 -22.66 -22.07 38.52
N ILE A 925 -22.99 -21.05 37.73
CA ILE A 925 -23.31 -19.76 38.34
C ILE A 925 -24.47 -19.87 39.32
N GLU A 926 -25.60 -20.43 38.88
CA GLU A 926 -26.73 -20.32 39.82
C GLU A 926 -26.56 -21.23 41.03
N ILE A 927 -25.85 -22.35 40.89
CA ILE A 927 -25.69 -23.22 42.06
C ILE A 927 -24.78 -22.56 43.09
N LEU A 928 -23.81 -21.78 42.64
CA LEU A 928 -22.92 -21.11 43.60
C LEU A 928 -23.54 -19.84 44.14
N ARG A 929 -24.41 -19.19 43.35
CA ARG A 929 -24.96 -17.90 43.72
C ARG A 929 -25.72 -17.95 45.04
N ASN A 930 -26.51 -18.99 45.25
CA ASN A 930 -27.31 -19.14 46.46
C ASN A 930 -26.53 -19.71 47.63
N LEU A 931 -25.22 -19.92 47.47
CA LEU A 931 -24.40 -20.47 48.53
C LEU A 931 -23.80 -19.36 49.37
N TYR A 932 -23.66 -19.63 50.68
CA TYR A 932 -23.12 -18.65 51.61
C TYR A 932 -22.54 -19.42 52.81
N HIS A 933 -21.21 -19.54 52.84
CA HIS A 933 -20.55 -20.21 53.95
C HIS A 933 -19.12 -19.70 54.08
N GLU A 934 -18.57 -19.86 55.29
CA GLU A 934 -17.23 -19.36 55.59
C GLU A 934 -16.14 -20.13 54.87
N ASN A 935 -16.41 -21.36 54.44
CA ASN A 935 -15.40 -22.21 53.81
C ASN A 935 -15.77 -22.54 52.37
N ILE A 936 -16.27 -21.56 51.63
CA ILE A 936 -16.58 -21.73 50.22
C ILE A 936 -16.12 -20.49 49.48
N VAL A 937 -15.85 -20.66 48.18
CA VAL A 937 -15.41 -19.55 47.35
C VAL A 937 -16.47 -18.46 47.33
N LYS A 938 -16.02 -17.21 47.33
CA LYS A 938 -16.93 -16.07 47.33
C LYS A 938 -17.21 -15.62 45.91
N TYR A 939 -18.48 -15.31 45.64
CA TYR A 939 -18.91 -14.83 44.33
C TYR A 939 -19.35 -13.37 44.44
N LYS A 940 -19.03 -12.58 43.42
CA LYS A 940 -19.29 -11.15 43.41
C LYS A 940 -20.17 -10.71 42.25
N GLY A 941 -19.89 -11.16 41.04
CA GLY A 941 -20.69 -10.72 39.91
C GLY A 941 -20.33 -11.47 38.66
N ILE A 942 -20.95 -11.05 37.56
CA ILE A 942 -20.83 -11.72 36.28
C ILE A 942 -20.57 -10.68 35.19
N CYS A 943 -19.63 -10.97 34.30
CA CYS A 943 -19.32 -10.12 33.17
C CYS A 943 -19.90 -10.74 31.90
N MET A 944 -20.60 -9.93 31.12
CA MET A 944 -21.23 -10.37 29.89
C MET A 944 -20.34 -10.06 28.69
N GLU A 945 -20.32 -10.96 27.72
CA GLU A 945 -19.68 -10.70 26.44
C GLU A 945 -20.71 -10.23 25.43
N ASP A 946 -20.21 -9.68 24.32
CA ASP A 946 -21.09 -9.16 23.28
C ASP A 946 -21.84 -10.29 22.59
N GLY A 947 -23.13 -10.07 22.33
CA GLY A 947 -23.96 -11.03 21.66
C GLY A 947 -24.60 -12.07 22.56
N GLY A 948 -24.32 -12.04 23.86
CA GLY A 948 -24.87 -13.00 24.78
C GLY A 948 -24.30 -14.40 24.67
N ASN A 949 -23.34 -14.64 23.78
CA ASN A 949 -22.73 -15.93 23.62
C ASN A 949 -21.59 -16.19 24.60
N GLY A 950 -21.14 -15.17 25.31
CA GLY A 950 -20.04 -15.32 26.24
C GLY A 950 -20.40 -14.77 27.60
N ILE A 951 -19.87 -15.42 28.63
CA ILE A 951 -20.14 -15.06 30.02
C ILE A 951 -18.87 -15.32 30.83
N LYS A 952 -18.59 -14.44 31.79
CA LYS A 952 -17.42 -14.56 32.65
C LYS A 952 -17.88 -14.79 34.08
N LEU A 953 -17.33 -15.83 34.71
CA LEU A 953 -17.63 -16.15 36.09
C LEU A 953 -16.50 -15.66 36.99
N ILE A 954 -16.85 -14.85 37.98
CA ILE A 954 -15.88 -14.17 38.82
C ILE A 954 -15.93 -14.76 40.22
N MET A 955 -14.80 -15.25 40.69
CA MET A 955 -14.62 -15.79 42.04
C MET A 955 -13.62 -14.93 42.79
N GLU A 956 -13.18 -15.44 43.94
CA GLU A 956 -12.16 -14.75 44.72
C GLU A 956 -10.78 -15.33 44.43
N PHE A 957 -9.83 -14.43 44.16
CA PHE A 957 -8.43 -14.81 44.01
C PHE A 957 -7.79 -14.86 45.39
N LEU A 958 -7.29 -16.04 45.76
CA LEU A 958 -6.58 -16.19 47.03
C LEU A 958 -5.10 -16.41 46.73
N PRO A 959 -4.22 -15.48 47.12
CA PRO A 959 -2.78 -15.68 46.85
C PRO A 959 -2.22 -16.91 47.54
N SER A 960 -2.86 -17.40 48.60
CA SER A 960 -2.42 -18.63 49.24
C SER A 960 -2.58 -19.85 48.34
N GLY A 961 -3.38 -19.76 47.29
CA GLY A 961 -3.54 -20.88 46.39
C GLY A 961 -4.31 -22.02 47.03
N SER A 962 -4.10 -23.21 46.47
CA SER A 962 -4.76 -24.41 46.96
C SER A 962 -3.79 -25.26 47.77
N LEU A 963 -4.36 -26.20 48.53
CA LEU A 963 -3.55 -27.08 49.38
C LEU A 963 -2.57 -27.91 48.56
N LYS A 964 -2.89 -28.15 47.29
CA LYS A 964 -1.94 -28.82 46.41
C LYS A 964 -0.65 -28.04 46.30
N GLU A 965 -0.74 -26.71 46.25
CA GLU A 965 0.44 -25.85 46.16
C GLU A 965 0.84 -25.26 47.49
N TYR A 966 -0.12 -24.98 48.38
CA TYR A 966 0.20 -24.33 49.65
C TYR A 966 1.05 -25.24 50.53
N LEU A 967 0.65 -26.51 50.65
CA LEU A 967 1.37 -27.43 51.54
C LEU A 967 2.83 -27.61 51.18
N PRO A 968 3.20 -27.91 49.91
CA PRO A 968 4.61 -28.21 49.64
C PRO A 968 5.57 -27.11 50.03
N LYS A 969 5.18 -25.86 49.92
CA LYS A 969 6.05 -24.75 50.29
C LYS A 969 5.95 -24.38 51.76
N ASN A 970 5.23 -25.16 52.56
CA ASN A 970 5.00 -24.83 53.96
C ASN A 970 5.14 -26.06 54.83
N LYS A 971 6.26 -26.77 54.71
CA LYS A 971 6.44 -28.02 55.43
C LYS A 971 6.36 -27.82 56.94
N ASN A 972 7.19 -26.93 57.49
CA ASN A 972 7.40 -26.91 58.92
C ASN A 972 6.38 -26.06 59.69
N LYS A 973 5.61 -25.22 59.01
CA LYS A 973 4.72 -24.32 59.73
C LYS A 973 3.34 -24.91 60.01
N ILE A 974 3.04 -26.12 59.51
CA ILE A 974 1.81 -26.82 59.84
C ILE A 974 2.14 -28.01 60.73
N ASN A 975 1.45 -28.08 61.88
CA ASN A 975 1.49 -29.22 62.75
C ASN A 975 0.21 -30.04 62.58
N LEU A 976 0.18 -31.24 63.17
CA LEU A 976 -0.97 -32.13 63.02
C LEU A 976 -2.27 -31.42 63.36
N LYS A 977 -2.26 -30.60 64.41
CA LYS A 977 -3.44 -29.86 64.81
C LYS A 977 -3.97 -29.00 63.66
N GLN A 978 -3.07 -28.45 62.84
CA GLN A 978 -3.50 -27.54 61.79
C GLN A 978 -4.26 -28.26 60.67
N GLN A 979 -3.73 -29.37 60.14
CA GLN A 979 -4.49 -30.06 59.10
C GLN A 979 -5.71 -30.76 59.70
N LEU A 980 -5.67 -31.02 61.01
CA LEU A 980 -6.89 -31.50 61.66
C LEU A 980 -7.98 -30.43 61.64
N LYS A 981 -7.60 -29.18 61.94
CA LYS A 981 -8.52 -28.07 61.76
C LYS A 981 -8.98 -27.95 60.32
N TYR A 982 -8.07 -28.17 59.38
CA TYR A 982 -8.42 -28.11 57.97
C TYR A 982 -9.47 -29.16 57.62
N ALA A 983 -9.32 -30.37 58.15
CA ALA A 983 -10.31 -31.41 57.94
C ALA A 983 -11.65 -31.02 58.54
N ILE A 984 -11.63 -30.43 59.74
CA ILE A 984 -12.87 -29.94 60.33
C ILE A 984 -13.54 -28.94 59.41
N GLN A 985 -12.76 -28.00 58.86
CA GLN A 985 -13.30 -26.98 57.98
C GLN A 985 -13.90 -27.58 56.72
N ILE A 986 -13.20 -28.54 56.12
CA ILE A 986 -13.68 -29.14 54.87
C ILE A 986 -14.94 -29.95 55.13
N CYS A 987 -14.97 -30.68 56.24
CA CYS A 987 -16.18 -31.42 56.62
C CYS A 987 -17.34 -30.46 56.82
N LYS A 988 -17.10 -29.33 57.47
CA LYS A 988 -18.16 -28.35 57.67
C LYS A 988 -18.65 -27.80 56.33
N GLY A 989 -17.72 -27.54 55.41
CA GLY A 989 -18.12 -27.04 54.10
C GLY A 989 -19.01 -28.03 53.35
N MET A 990 -18.60 -29.29 53.32
CA MET A 990 -19.42 -30.30 52.65
C MET A 990 -20.75 -30.48 53.36
N ASP A 991 -20.75 -30.46 54.70
CA ASP A 991 -21.99 -30.65 55.45
C ASP A 991 -22.97 -29.53 55.16
N TYR A 992 -22.47 -28.30 55.05
CA TYR A 992 -23.30 -27.20 54.57
C TYR A 992 -23.81 -27.48 53.17
N LEU A 993 -22.92 -27.95 52.29
CA LEU A 993 -23.32 -28.25 50.93
C LEU A 993 -24.30 -29.42 50.89
N GLY A 994 -24.03 -30.47 51.67
CA GLY A 994 -24.93 -31.60 51.71
C GLY A 994 -26.28 -31.24 52.30
N SER A 995 -26.28 -30.38 53.31
CA SER A 995 -27.54 -29.87 53.84
C SER A 995 -28.31 -29.07 52.80
N ARG A 996 -27.64 -28.59 51.76
CA ARG A 996 -28.29 -27.96 50.62
C ARG A 996 -28.51 -28.93 49.47
N GLN A 997 -28.29 -30.23 49.71
CA GLN A 997 -28.55 -31.27 48.72
C GLN A 997 -27.73 -31.07 47.46
N TYR A 998 -26.43 -30.85 47.64
CA TYR A 998 -25.47 -30.74 46.55
C TYR A 998 -24.35 -31.75 46.75
N VAL A 999 -23.87 -32.31 45.65
CA VAL A 999 -22.68 -33.16 45.67
C VAL A 999 -21.65 -32.50 44.78
N HIS A 1000 -20.52 -32.12 45.38
CA HIS A 1000 -19.51 -31.37 44.64
C HIS A 1000 -18.92 -32.20 43.51
N ARG A 1001 -18.72 -33.49 43.74
CA ARG A 1001 -18.23 -34.48 42.79
C ARG A 1001 -16.79 -34.22 42.35
N ASP A 1002 -16.15 -33.16 42.85
CA ASP A 1002 -14.77 -32.86 42.52
C ASP A 1002 -14.01 -32.44 43.76
N LEU A 1003 -14.30 -33.08 44.89
CA LEU A 1003 -13.67 -32.74 46.16
C LEU A 1003 -12.22 -33.22 46.12
N ALA A 1004 -11.30 -32.30 45.83
CA ALA A 1004 -9.88 -32.62 45.77
C ALA A 1004 -9.11 -31.52 46.47
N ALA A 1005 -7.94 -31.88 47.00
CA ALA A 1005 -7.09 -30.89 47.67
C ALA A 1005 -6.68 -29.79 46.71
N ARG A 1006 -6.51 -30.11 45.43
CA ARG A 1006 -6.25 -29.09 44.42
C ARG A 1006 -7.41 -28.11 44.31
N ASN A 1007 -8.62 -28.53 44.68
CA ASN A 1007 -9.80 -27.67 44.65
C ASN A 1007 -10.06 -26.99 45.98
N VAL A 1008 -9.23 -27.26 46.99
CA VAL A 1008 -9.37 -26.67 48.31
C VAL A 1008 -8.50 -25.43 48.35
N LEU A 1009 -9.10 -24.27 48.09
CA LEU A 1009 -8.36 -23.00 48.10
C LEU A 1009 -8.09 -22.57 49.54
N VAL A 1010 -6.93 -21.96 49.74
CA VAL A 1010 -6.48 -21.55 51.06
C VAL A 1010 -6.70 -20.05 51.20
N GLU A 1011 -7.32 -19.65 52.31
CA GLU A 1011 -7.50 -18.23 52.61
C GLU A 1011 -6.49 -17.73 53.64
N SER A 1012 -6.10 -18.57 54.60
CA SER A 1012 -5.05 -18.22 55.54
C SER A 1012 -4.45 -19.50 56.10
N GLU A 1013 -3.45 -19.35 56.95
CA GLU A 1013 -2.91 -20.52 57.64
C GLU A 1013 -3.83 -21.00 58.76
N HIS A 1014 -4.98 -20.35 58.97
CA HIS A 1014 -6.00 -20.87 59.86
C HIS A 1014 -7.32 -21.15 59.14
N GLN A 1015 -7.40 -20.88 57.84
CA GLN A 1015 -8.66 -21.10 57.14
C GLN A 1015 -8.41 -21.44 55.68
N VAL A 1016 -9.22 -22.35 55.15
CA VAL A 1016 -9.21 -22.69 53.74
C VAL A 1016 -10.64 -22.59 53.23
N LYS A 1017 -10.78 -22.65 51.90
CA LYS A 1017 -12.09 -22.62 51.28
C LYS A 1017 -12.15 -23.65 50.16
N ILE A 1018 -13.37 -23.88 49.69
CA ILE A 1018 -13.65 -24.92 48.71
C ILE A 1018 -14.13 -24.26 47.42
N GLY A 1019 -13.62 -24.74 46.29
CA GLY A 1019 -13.98 -24.18 44.99
C GLY A 1019 -14.19 -25.24 43.93
N ASP A 1020 -14.09 -24.82 42.66
CA ASP A 1020 -14.20 -25.71 41.50
C ASP A 1020 -15.56 -26.42 41.51
N PHE A 1021 -16.62 -25.61 41.61
CA PHE A 1021 -17.98 -26.10 41.67
C PHE A 1021 -18.59 -26.33 40.30
N GLY A 1022 -17.77 -26.41 39.26
CA GLY A 1022 -18.30 -26.72 37.94
C GLY A 1022 -18.87 -28.12 37.84
N LEU A 1023 -18.44 -29.00 38.73
CA LEU A 1023 -18.89 -30.39 38.73
C LEU A 1023 -19.96 -30.66 39.78
N THR A 1024 -20.28 -29.67 40.62
CA THR A 1024 -21.29 -29.87 41.65
C THR A 1024 -22.67 -30.01 41.03
N LYS A 1025 -23.47 -30.93 41.59
CA LYS A 1025 -24.81 -31.20 41.10
C LYS A 1025 -25.77 -31.30 42.28
N ALA A 1026 -26.96 -30.75 42.09
CA ALA A 1026 -28.02 -30.87 43.07
C ALA A 1026 -28.78 -32.18 42.87
N ILE A 1027 -29.25 -32.75 43.97
CA ILE A 1027 -30.08 -33.94 43.93
C ILE A 1027 -31.54 -33.54 44.05
N GLU A 1028 -32.41 -34.20 43.30
CA GLU A 1028 -33.82 -33.86 43.34
C GLU A 1028 -34.44 -34.32 44.65
N THR A 1029 -35.59 -33.73 44.97
CA THR A 1029 -36.17 -33.88 46.30
C THR A 1029 -36.64 -35.30 46.58
N ASP A 1030 -36.75 -36.14 45.56
CA ASP A 1030 -37.28 -37.49 45.75
C ASP A 1030 -36.34 -38.55 45.18
N LYS A 1031 -35.06 -38.48 45.55
CA LYS A 1031 -34.09 -39.51 45.19
C LYS A 1031 -32.97 -39.53 46.20
N GLU A 1032 -32.23 -40.64 46.23
CA GLU A 1032 -31.15 -40.81 47.17
C GLU A 1032 -29.77 -40.63 46.56
N TYR A 1033 -29.67 -40.49 45.24
CA TYR A 1033 -28.38 -40.27 44.60
C TYR A 1033 -28.60 -39.54 43.29
N TYR A 1034 -27.54 -39.52 42.47
CA TYR A 1034 -27.56 -38.87 41.17
C TYR A 1034 -26.84 -39.73 40.15
N THR A 1035 -27.24 -39.61 38.90
CA THR A 1035 -26.62 -40.33 37.79
C THR A 1035 -26.09 -39.32 36.78
N VAL A 1036 -24.82 -39.47 36.42
CA VAL A 1036 -24.14 -38.53 35.55
C VAL A 1036 -24.39 -38.90 34.09
N LYS A 1037 -24.51 -37.88 33.23
CA LYS A 1037 -24.71 -38.09 31.81
C LYS A 1037 -23.71 -37.36 30.93
N ASP A 1038 -23.22 -36.20 31.34
CA ASP A 1038 -22.29 -35.40 30.55
C ASP A 1038 -20.97 -36.12 30.41
N ASP A 1039 -20.30 -35.96 29.27
CA ASP A 1039 -19.02 -36.59 29.01
C ASP A 1039 -17.91 -35.62 29.39
N ARG A 1040 -17.27 -35.86 30.53
CA ARG A 1040 -16.24 -34.98 31.04
C ARG A 1040 -15.23 -35.78 31.84
N ASP A 1041 -13.97 -35.35 31.80
CA ASP A 1041 -12.93 -35.99 32.59
C ASP A 1041 -13.21 -35.82 34.08
N SER A 1042 -13.00 -36.88 34.84
CA SER A 1042 -13.34 -36.86 36.25
C SER A 1042 -12.24 -37.51 37.08
N PRO A 1043 -12.05 -37.05 38.32
CA PRO A 1043 -11.05 -37.67 39.19
C PRO A 1043 -11.48 -39.04 39.65
N VAL A 1044 -11.29 -40.04 38.78
CA VAL A 1044 -11.76 -41.39 39.06
C VAL A 1044 -11.11 -41.94 40.33
N PHE A 1045 -9.88 -41.53 40.61
CA PHE A 1045 -9.20 -41.99 41.81
C PHE A 1045 -9.78 -41.40 43.08
N TRP A 1046 -10.63 -40.38 42.98
CA TRP A 1046 -11.24 -39.75 44.13
C TRP A 1046 -12.66 -40.24 44.39
N TYR A 1047 -13.14 -41.23 43.64
CA TYR A 1047 -14.55 -41.61 43.66
C TYR A 1047 -14.76 -42.93 44.39
N ALA A 1048 -16.00 -43.13 44.84
CA ALA A 1048 -16.44 -44.36 45.46
C ALA A 1048 -16.74 -45.41 44.40
N PRO A 1049 -16.72 -46.70 44.75
CA PRO A 1049 -16.89 -47.74 43.72
C PRO A 1049 -18.17 -47.63 42.93
N GLU A 1050 -19.28 -47.26 43.58
CA GLU A 1050 -20.51 -47.03 42.84
C GLU A 1050 -20.36 -45.87 41.88
N CYS A 1051 -19.55 -44.88 42.25
CA CYS A 1051 -19.31 -43.74 41.37
C CYS A 1051 -18.48 -44.15 40.15
N LEU A 1052 -17.84 -45.32 40.23
CA LEU A 1052 -17.10 -45.81 39.07
C LEU A 1052 -17.91 -46.83 38.26
N ILE A 1053 -18.87 -47.49 38.89
CA ILE A 1053 -19.53 -48.63 38.27
C ILE A 1053 -20.91 -48.29 37.73
N GLN A 1054 -21.63 -47.35 38.37
CA GLN A 1054 -23.01 -47.09 38.01
C GLN A 1054 -23.36 -45.62 37.89
N CYS A 1055 -22.36 -44.73 37.82
CA CYS A 1055 -22.58 -43.28 37.79
C CYS A 1055 -23.44 -42.80 38.97
N LYS A 1056 -23.57 -43.62 40.01
CA LYS A 1056 -24.40 -43.26 41.15
C LYS A 1056 -23.56 -42.47 42.15
N PHE A 1057 -24.02 -41.27 42.48
CA PHE A 1057 -23.29 -40.35 43.35
C PHE A 1057 -24.19 -39.94 44.50
N TYR A 1058 -23.76 -40.23 45.72
CA TYR A 1058 -24.52 -39.96 46.93
C TYR A 1058 -23.84 -38.85 47.73
N ILE A 1059 -24.46 -38.49 48.85
CA ILE A 1059 -23.75 -37.68 49.84
C ILE A 1059 -22.69 -38.52 50.53
N ALA A 1060 -22.95 -39.82 50.68
CA ALA A 1060 -21.92 -40.74 51.16
C ALA A 1060 -20.78 -40.88 50.15
N SER A 1061 -21.05 -40.58 48.88
CA SER A 1061 -19.98 -40.61 47.89
C SER A 1061 -18.91 -39.56 48.20
N ASP A 1062 -19.33 -38.38 48.65
CA ASP A 1062 -18.36 -37.34 48.98
C ASP A 1062 -17.53 -37.69 50.21
N VAL A 1063 -17.96 -38.68 50.99
CA VAL A 1063 -17.14 -39.17 52.10
C VAL A 1063 -15.88 -39.83 51.56
N TRP A 1064 -16.02 -40.57 50.46
CA TRP A 1064 -14.87 -41.19 49.81
C TRP A 1064 -13.88 -40.13 49.33
N SER A 1065 -14.41 -39.09 48.68
CA SER A 1065 -13.55 -38.00 48.21
C SER A 1065 -12.88 -37.28 49.38
N PHE A 1066 -13.61 -37.09 50.48
CA PHE A 1066 -13.01 -36.48 51.66
C PHE A 1066 -11.87 -37.34 52.20
N GLY A 1067 -12.06 -38.65 52.23
CA GLY A 1067 -10.99 -39.52 52.69
C GLY A 1067 -9.77 -39.44 51.80
N VAL A 1068 -9.97 -39.40 50.49
CA VAL A 1068 -8.85 -39.24 49.58
C VAL A 1068 -8.14 -37.91 49.83
N THR A 1069 -8.92 -36.84 49.99
CA THR A 1069 -8.31 -35.54 50.26
C THR A 1069 -7.58 -35.50 51.59
N LEU A 1070 -8.05 -36.26 52.58
CA LEU A 1070 -7.36 -36.29 53.86
C LEU A 1070 -6.06 -37.08 53.74
N HIS A 1071 -6.09 -38.19 53.02
CA HIS A 1071 -4.85 -38.89 52.71
C HIS A 1071 -3.86 -37.97 52.01
N GLU A 1072 -4.38 -37.07 51.17
CA GLU A 1072 -3.53 -36.04 50.56
C GLU A 1072 -3.00 -35.08 51.61
N LEU A 1073 -3.89 -34.59 52.47
CA LEU A 1073 -3.56 -33.48 53.37
C LEU A 1073 -2.55 -33.90 54.43
N LEU A 1074 -2.82 -35.00 55.12
CA LEU A 1074 -1.91 -35.42 56.20
C LEU A 1074 -0.52 -35.71 55.66
N THR A 1075 -0.42 -36.21 54.43
CA THR A 1075 0.85 -36.43 53.76
C THR A 1075 1.32 -35.15 53.05
N TYR A 1076 0.64 -34.03 53.30
CA TYR A 1076 1.07 -32.70 52.84
C TYR A 1076 0.99 -32.58 51.31
N CYS A 1077 0.11 -33.37 50.69
CA CYS A 1077 -0.05 -33.37 49.24
C CYS A 1077 1.27 -33.68 48.54
N ASP A 1078 1.85 -34.83 48.86
CA ASP A 1078 3.11 -35.23 48.25
C ASP A 1078 2.88 -35.85 46.88
N SER A 1079 3.67 -35.41 45.90
CA SER A 1079 3.67 -36.07 44.60
C SER A 1079 4.18 -37.50 44.74
N ASP A 1080 5.19 -37.71 45.59
CA ASP A 1080 5.67 -39.06 45.85
C ASP A 1080 4.58 -39.96 46.40
N PHE A 1081 3.67 -39.40 47.19
CA PHE A 1081 2.55 -40.13 47.76
C PHE A 1081 1.22 -39.73 47.14
N SER A 1082 1.23 -39.32 45.86
CA SER A 1082 0.00 -38.88 45.24
C SER A 1082 -0.96 -40.05 45.07
N PRO A 1083 -2.24 -39.87 45.39
CA PRO A 1083 -3.21 -40.95 45.14
C PRO A 1083 -3.23 -41.40 43.70
N MET A 1084 -3.01 -40.48 42.77
CA MET A 1084 -2.75 -40.86 41.38
C MET A 1084 -1.68 -41.94 41.32
N ALA A 1085 -0.47 -41.61 41.80
CA ALA A 1085 0.65 -42.53 41.68
C ALA A 1085 0.50 -43.72 42.62
N LEU A 1086 -0.02 -43.49 43.84
CA LEU A 1086 -0.21 -44.61 44.76
C LEU A 1086 -1.14 -45.65 44.16
N PHE A 1087 -2.29 -45.21 43.66
CA PHE A 1087 -3.21 -46.13 43.03
C PHE A 1087 -2.56 -46.78 41.82
N LEU A 1088 -1.83 -46.00 41.01
CA LEU A 1088 -1.17 -46.56 39.83
C LEU A 1088 -0.26 -47.71 40.22
N LYS A 1089 0.56 -47.51 41.26
CA LYS A 1089 1.53 -48.54 41.61
C LYS A 1089 0.87 -49.72 42.30
N MET A 1090 -0.27 -49.51 42.98
CA MET A 1090 -0.94 -50.66 43.57
C MET A 1090 -1.77 -51.41 42.53
N ILE A 1091 -2.00 -50.81 41.35
CA ILE A 1091 -2.74 -51.49 40.30
C ILE A 1091 -1.85 -51.89 39.13
N GLY A 1092 -0.54 -51.71 39.26
CA GLY A 1092 0.38 -52.12 38.23
C GLY A 1092 0.36 -51.19 37.03
N PRO A 1093 1.06 -51.56 35.95
CA PRO A 1093 1.12 -50.70 34.78
C PRO A 1093 -0.22 -50.67 34.06
N THR A 1094 -0.92 -49.56 34.17
CA THR A 1094 -2.22 -49.37 33.54
C THR A 1094 -2.11 -48.29 32.47
N HIS A 1095 -3.21 -48.09 31.74
CA HIS A 1095 -3.13 -47.33 30.51
C HIS A 1095 -4.45 -46.65 30.21
N GLY A 1096 -4.56 -45.38 30.59
CA GLY A 1096 -5.66 -44.54 30.18
C GLY A 1096 -7.04 -45.13 30.39
N GLN A 1097 -7.67 -45.54 29.29
CA GLN A 1097 -8.98 -46.18 29.35
C GLN A 1097 -8.98 -47.41 30.22
N MET A 1098 -7.84 -48.10 30.33
CA MET A 1098 -7.71 -49.31 31.13
C MET A 1098 -7.77 -49.05 32.62
N THR A 1099 -7.36 -47.85 33.07
CA THR A 1099 -7.03 -47.64 34.48
C THR A 1099 -8.21 -47.92 35.40
N VAL A 1100 -9.38 -47.39 35.06
CA VAL A 1100 -10.53 -47.50 35.95
C VAL A 1100 -10.92 -48.95 36.16
N THR A 1101 -10.75 -49.79 35.14
CA THR A 1101 -11.05 -51.20 35.28
C THR A 1101 -10.26 -51.82 36.42
N ARG A 1102 -8.93 -51.80 36.32
CA ARG A 1102 -8.09 -52.38 37.36
C ARG A 1102 -8.30 -51.68 38.69
N LEU A 1103 -8.61 -50.38 38.66
CA LEU A 1103 -8.93 -49.67 39.89
C LEU A 1103 -10.12 -50.32 40.59
N VAL A 1104 -11.18 -50.56 39.83
CA VAL A 1104 -12.36 -51.22 40.38
C VAL A 1104 -11.99 -52.62 40.87
N ASN A 1105 -11.19 -53.34 40.09
CA ASN A 1105 -10.82 -54.70 40.46
C ASN A 1105 -10.13 -54.72 41.81
N THR A 1106 -9.12 -53.87 41.98
CA THR A 1106 -8.37 -53.83 43.24
C THR A 1106 -9.25 -53.34 44.38
N LEU A 1107 -10.12 -52.37 44.12
CA LEU A 1107 -11.00 -51.89 45.18
C LEU A 1107 -11.93 -52.99 45.67
N LYS A 1108 -12.51 -53.76 44.74
CA LYS A 1108 -13.32 -54.90 45.14
C LYS A 1108 -12.49 -55.97 45.84
N GLU A 1109 -11.18 -55.96 45.66
CA GLU A 1109 -10.30 -56.83 46.42
C GLU A 1109 -10.02 -56.30 47.82
N GLY A 1110 -10.65 -55.20 48.21
CA GLY A 1110 -10.43 -54.61 49.51
C GLY A 1110 -9.22 -53.70 49.61
N LYS A 1111 -8.67 -53.28 48.47
CA LYS A 1111 -7.48 -52.44 48.49
C LYS A 1111 -7.86 -50.97 48.64
N ARG A 1112 -7.13 -50.26 49.50
CA ARG A 1112 -7.32 -48.84 49.73
C ARG A 1112 -5.97 -48.16 49.78
N LEU A 1113 -5.99 -46.85 50.03
CA LEU A 1113 -4.74 -46.12 50.20
C LEU A 1113 -4.12 -46.48 51.54
N PRO A 1114 -2.80 -46.57 51.63
CA PRO A 1114 -2.16 -47.04 52.86
C PRO A 1114 -2.22 -46.00 53.96
N CYS A 1115 -1.63 -46.36 55.09
CA CYS A 1115 -1.55 -45.45 56.22
C CYS A 1115 -0.58 -44.32 55.90
N PRO A 1116 -1.01 -43.07 55.91
CA PRO A 1116 -0.10 -41.95 55.62
C PRO A 1116 0.97 -41.84 56.70
N PRO A 1117 2.12 -41.25 56.37
CA PRO A 1117 3.22 -41.22 57.35
C PRO A 1117 2.82 -40.52 58.64
N ASN A 1118 3.18 -41.13 59.75
CA ASN A 1118 2.96 -40.59 61.10
C ASN A 1118 1.48 -40.36 61.39
N CYS A 1119 0.59 -41.05 60.69
CA CYS A 1119 -0.84 -40.88 60.97
C CYS A 1119 -1.20 -41.59 62.28
N PRO A 1120 -1.83 -40.90 63.22
CA PRO A 1120 -2.20 -41.55 64.48
C PRO A 1120 -3.21 -42.66 64.26
N ASP A 1121 -3.16 -43.65 65.16
CA ASP A 1121 -3.99 -44.84 65.01
C ASP A 1121 -5.47 -44.49 65.04
N GLU A 1122 -5.87 -43.60 65.93
CA GLU A 1122 -7.27 -43.16 65.95
C GLU A 1122 -7.61 -42.39 64.68
N VAL A 1123 -6.67 -41.56 64.20
CA VAL A 1123 -6.90 -40.83 62.96
C VAL A 1123 -7.06 -41.80 61.80
N TYR A 1124 -6.22 -42.83 61.75
CA TYR A 1124 -6.34 -43.83 60.69
C TYR A 1124 -7.66 -44.57 60.80
N GLN A 1125 -8.07 -44.92 62.03
CA GLN A 1125 -9.29 -45.68 62.24
C GLN A 1125 -10.50 -44.90 61.76
N LEU A 1126 -10.65 -43.66 62.22
CA LEU A 1126 -11.78 -42.85 61.78
C LEU A 1126 -11.66 -42.53 60.30
N MET A 1127 -10.43 -42.43 59.80
CA MET A 1127 -10.18 -42.06 58.42
C MET A 1127 -10.53 -43.18 57.46
N ARG A 1128 -10.13 -44.41 57.73
CA ARG A 1128 -10.48 -45.50 56.85
C ARG A 1128 -11.98 -45.77 56.83
N LYS A 1129 -12.71 -45.29 57.85
CA LYS A 1129 -14.15 -45.46 57.89
C LYS A 1129 -14.84 -44.84 56.68
N CYS A 1130 -14.18 -43.89 56.00
CA CYS A 1130 -14.82 -43.18 54.91
C CYS A 1130 -15.01 -44.03 53.67
N TRP A 1131 -14.17 -45.04 53.44
CA TRP A 1131 -14.24 -45.82 52.20
C TRP A 1131 -14.90 -47.18 52.40
N GLU A 1132 -15.96 -47.28 53.18
CA GLU A 1132 -16.75 -48.50 53.18
C GLU A 1132 -17.39 -48.70 51.80
N PHE A 1133 -17.49 -49.96 51.38
CA PHE A 1133 -17.97 -50.25 50.03
C PHE A 1133 -19.42 -49.80 49.85
N GLN A 1134 -20.26 -50.07 50.85
CA GLN A 1134 -21.66 -49.67 50.79
C GLN A 1134 -21.80 -48.22 51.24
N PRO A 1135 -22.36 -47.33 50.42
CA PRO A 1135 -22.57 -45.96 50.88
C PRO A 1135 -23.41 -45.87 52.14
N SER A 1136 -24.38 -46.76 52.30
CA SER A 1136 -25.18 -46.80 53.53
C SER A 1136 -24.33 -47.09 54.74
N ASN A 1137 -23.24 -47.83 54.58
CA ASN A 1137 -22.35 -48.16 55.67
C ASN A 1137 -21.21 -47.16 55.82
N ARG A 1138 -21.24 -46.06 55.08
CA ARG A 1138 -20.22 -45.03 55.18
C ARG A 1138 -20.65 -43.95 56.17
N THR A 1139 -19.66 -43.28 56.77
CA THR A 1139 -19.95 -42.36 57.85
C THR A 1139 -20.45 -41.01 57.32
N THR A 1140 -20.87 -40.18 58.25
CA THR A 1140 -21.39 -38.85 57.96
C THR A 1140 -20.35 -37.79 58.32
N PHE A 1141 -20.50 -36.61 57.74
CA PHE A 1141 -19.54 -35.55 58.00
C PHE A 1141 -19.77 -34.91 59.36
N GLN A 1142 -21.00 -34.93 59.87
CA GLN A 1142 -21.22 -34.52 61.25
C GLN A 1142 -20.45 -35.42 62.21
N ASN A 1143 -20.48 -36.74 61.96
CA ASN A 1143 -19.68 -37.65 62.75
C ASN A 1143 -18.18 -37.36 62.60
N LEU A 1144 -17.75 -37.01 61.39
CA LEU A 1144 -16.34 -36.67 61.19
C LEU A 1144 -15.96 -35.45 62.01
N ILE A 1145 -16.81 -34.42 62.02
CA ILE A 1145 -16.53 -33.22 62.78
C ILE A 1145 -16.47 -33.55 64.27
N GLU A 1146 -17.43 -34.36 64.74
CA GLU A 1146 -17.44 -34.75 66.14
C GLU A 1146 -16.15 -35.49 66.52
N GLY A 1147 -15.74 -36.45 65.69
CA GLY A 1147 -14.53 -37.19 65.99
C GLY A 1147 -13.29 -36.32 65.97
N PHE A 1148 -13.20 -35.42 64.98
CA PHE A 1148 -12.03 -34.55 64.90
C PHE A 1148 -11.97 -33.61 66.11
N GLU A 1149 -13.10 -33.03 66.50
CA GLU A 1149 -13.10 -32.15 67.66
C GLU A 1149 -12.78 -32.92 68.94
N ALA A 1150 -13.23 -34.17 69.03
CA ALA A 1150 -12.79 -35.02 70.13
C ALA A 1150 -11.29 -35.22 70.10
N LEU A 1151 -10.73 -35.35 68.89
CA LEU A 1151 -9.28 -35.45 68.75
C LEU A 1151 -8.60 -34.19 69.27
N LEU A 1152 -9.20 -33.03 69.02
CA LEU A 1152 -8.68 -31.80 69.62
C LEU A 1152 -8.60 -31.91 71.13
N LYS A 1153 -9.63 -32.46 71.76
CA LYS A 1153 -9.64 -32.65 73.20
C LYS A 1153 -8.67 -33.74 73.61
N PRO B 32 51.51 19.38 -44.13
CA PRO B 32 52.36 19.46 -45.31
C PRO B 32 53.68 18.73 -45.10
N GLU B 33 54.49 19.22 -44.17
CA GLU B 33 55.75 18.54 -43.86
C GLU B 33 55.46 17.16 -43.28
N PRO B 34 56.36 16.19 -43.48
CA PRO B 34 56.10 14.85 -42.96
C PRO B 34 55.98 14.85 -41.44
N GLY B 35 54.94 14.19 -40.95
CA GLY B 35 54.74 14.08 -39.52
C GLY B 35 53.31 14.26 -39.07
N VAL B 36 52.99 13.75 -37.88
CA VAL B 36 51.67 13.86 -37.30
C VAL B 36 51.70 14.98 -36.26
N GLU B 37 50.66 15.80 -36.25
CA GLU B 37 50.59 16.95 -35.35
C GLU B 37 49.24 16.97 -34.64
N VAL B 38 49.27 17.12 -33.33
CA VAL B 38 48.09 17.43 -32.53
C VAL B 38 47.89 18.95 -32.53
N THR B 39 46.63 19.36 -32.56
CA THR B 39 46.23 20.76 -32.55
C THR B 39 45.19 21.02 -31.48
N PHE B 40 45.23 22.24 -30.95
CA PHE B 40 44.36 22.72 -29.90
C PHE B 40 43.72 24.02 -30.32
N TYR B 41 43.10 24.70 -29.34
CA TYR B 41 42.50 26.00 -29.63
C TYR B 41 43.12 27.15 -28.84
N LEU B 42 44.30 26.93 -28.25
CA LEU B 42 45.00 27.95 -27.49
C LEU B 42 46.42 28.12 -28.02
N LEU B 43 46.69 29.31 -28.55
CA LEU B 43 47.99 29.62 -29.13
C LEU B 43 49.15 29.51 -28.14
N ASP B 44 48.91 29.77 -26.86
CA ASP B 44 49.92 29.60 -25.82
C ASP B 44 50.42 28.17 -25.68
N ARG B 45 49.54 27.18 -25.80
CA ARG B 45 50.00 25.79 -25.79
C ARG B 45 50.60 25.43 -27.15
N GLU B 46 51.87 25.04 -27.13
CA GLU B 46 52.51 24.56 -28.34
C GLU B 46 51.88 23.23 -28.77
N PRO B 47 51.77 22.98 -30.08
CA PRO B 47 51.27 21.69 -30.54
C PRO B 47 52.23 20.57 -30.15
N LEU B 48 51.65 19.45 -29.74
CA LEU B 48 52.36 18.18 -29.70
C LEU B 48 53.09 17.88 -31.00
N ARG B 49 54.28 17.31 -30.85
CA ARG B 49 55.10 16.90 -31.99
C ARG B 49 55.75 15.57 -31.65
N LEU B 50 55.69 14.62 -32.59
CA LEU B 50 56.19 13.26 -32.38
C LEU B 50 56.80 12.75 -33.68
N GLY B 51 57.92 12.05 -33.56
CA GLY B 51 58.61 11.52 -34.71
C GLY B 51 58.47 10.02 -34.84
N SER B 52 58.36 9.34 -33.71
CA SER B 52 58.23 7.88 -33.70
C SER B 52 57.40 7.50 -32.49
N GLY B 53 57.26 6.20 -32.28
CA GLY B 53 56.52 5.66 -31.15
C GLY B 53 55.15 5.17 -31.57
N GLU B 54 54.64 4.22 -30.80
CA GLU B 54 53.48 3.44 -31.19
C GLU B 54 52.44 3.63 -30.10
N TYR B 55 51.47 4.50 -30.36
CA TYR B 55 50.65 5.08 -29.32
C TYR B 55 49.23 4.56 -29.37
N THR B 56 48.50 4.82 -28.29
CA THR B 56 47.06 4.57 -28.23
C THR B 56 46.35 5.85 -27.83
N ALA B 57 45.15 6.05 -28.40
CA ALA B 57 44.48 7.34 -28.35
C ALA B 57 44.34 7.86 -26.91
N GLU B 58 44.13 6.98 -25.95
CA GLU B 58 43.98 7.44 -24.57
C GLU B 58 45.28 8.05 -24.04
N GLU B 59 46.43 7.51 -24.46
CA GLU B 59 47.70 8.01 -23.97
C GLU B 59 47.95 9.43 -24.47
N LEU B 60 47.73 9.64 -25.77
CA LEU B 60 47.86 10.99 -26.33
C LEU B 60 46.79 11.92 -25.78
N CYS B 61 45.61 11.39 -25.47
CA CYS B 61 44.55 12.21 -24.89
C CYS B 61 44.96 12.73 -23.52
N ILE B 62 45.46 11.85 -22.65
CA ILE B 62 45.83 12.30 -21.32
C ILE B 62 47.17 13.05 -21.35
N ARG B 63 47.96 12.87 -22.40
CA ARG B 63 49.10 13.75 -22.66
C ARG B 63 48.65 15.17 -22.97
N ALA B 64 47.67 15.32 -23.86
CA ALA B 64 47.13 16.65 -24.14
C ALA B 64 46.51 17.25 -22.88
N ALA B 65 45.80 16.43 -22.12
CA ALA B 65 45.19 16.90 -20.88
C ALA B 65 46.24 17.40 -19.90
N GLN B 66 47.33 16.64 -19.74
CA GLN B 66 48.41 17.07 -18.87
C GLN B 66 49.02 18.38 -19.36
N GLU B 67 49.22 18.50 -20.67
CA GLU B 67 49.85 19.71 -21.19
C GLU B 67 48.95 20.93 -21.02
N CYS B 68 47.65 20.76 -21.18
CA CYS B 68 46.72 21.86 -21.03
C CYS B 68 46.14 21.97 -19.63
N SER B 69 46.54 21.09 -18.71
CA SER B 69 46.19 21.18 -17.30
C SER B 69 44.68 21.14 -17.08
N ILE B 70 44.10 19.99 -17.39
CA ILE B 70 42.68 19.73 -17.17
C ILE B 70 42.55 18.75 -16.00
N SER B 71 41.57 19.00 -15.15
CA SER B 71 41.35 18.15 -13.99
C SER B 71 41.02 16.72 -14.44
N PRO B 72 41.52 15.70 -13.74
CA PRO B 72 41.12 14.33 -14.06
C PRO B 72 39.63 14.09 -13.93
N LEU B 73 38.92 14.94 -13.19
CA LEU B 73 37.47 14.81 -13.09
C LEU B 73 36.79 15.15 -14.42
N CYS B 74 37.52 15.79 -15.35
CA CYS B 74 36.91 16.30 -16.57
C CYS B 74 37.56 15.84 -17.87
N HIS B 75 38.56 14.96 -17.84
CA HIS B 75 39.26 14.64 -19.08
C HIS B 75 38.42 13.76 -20.01
N ASN B 76 37.56 12.91 -19.46
CA ASN B 76 36.77 12.00 -20.27
C ASN B 76 35.71 12.70 -21.12
N LEU B 77 35.45 13.98 -20.88
CA LEU B 77 34.57 14.74 -21.76
C LEU B 77 35.20 15.03 -23.11
N PHE B 78 36.51 14.82 -23.26
CA PHE B 78 37.23 15.17 -24.46
C PHE B 78 37.53 13.94 -25.29
N ALA B 79 37.82 14.15 -26.57
CA ALA B 79 38.12 13.07 -27.49
C ALA B 79 38.97 13.63 -28.63
N LEU B 80 39.10 12.86 -29.70
CA LEU B 80 39.88 13.24 -30.86
C LEU B 80 39.01 13.22 -32.10
N TYR B 81 39.30 14.14 -33.03
CA TYR B 81 38.49 14.27 -34.24
C TYR B 81 39.36 14.66 -35.41
N ASP B 82 39.02 14.17 -36.60
CA ASP B 82 39.72 14.49 -37.82
C ASP B 82 38.82 15.34 -38.71
N GLU B 83 39.23 16.57 -38.96
CA GLU B 83 38.46 17.46 -39.82
C GLU B 83 38.48 16.98 -41.27
N SER B 84 39.66 16.58 -41.76
CA SER B 84 39.77 16.11 -43.14
C SER B 84 39.02 14.82 -43.39
N THR B 85 38.64 14.10 -42.33
CA THR B 85 37.88 12.87 -42.46
C THR B 85 36.49 12.98 -41.87
N LYS B 86 36.21 14.02 -41.07
CA LYS B 86 34.91 14.20 -40.42
C LYS B 86 34.56 12.99 -39.55
N LEU B 87 35.58 12.38 -38.96
CA LEU B 87 35.41 11.21 -38.12
C LEU B 87 36.21 11.37 -36.85
N TRP B 88 35.86 10.57 -35.85
CA TRP B 88 36.47 10.63 -34.53
C TRP B 88 37.07 9.27 -34.20
N TYR B 89 38.28 9.28 -33.65
CA TYR B 89 38.99 8.03 -33.38
C TYR B 89 38.44 7.33 -32.15
N ALA B 90 38.60 6.01 -32.12
CA ALA B 90 38.10 5.22 -31.01
C ALA B 90 39.00 5.38 -29.79
N PRO B 91 38.45 5.20 -28.59
CA PRO B 91 39.30 5.26 -27.38
C PRO B 91 40.42 4.24 -27.38
N ASN B 92 40.17 3.04 -27.91
CA ASN B 92 41.17 2.00 -27.99
C ASN B 92 41.82 1.90 -29.37
N ARG B 93 41.57 2.88 -30.24
CA ARG B 93 42.17 2.84 -31.56
C ARG B 93 43.68 2.97 -31.46
N ILE B 94 44.39 2.32 -32.37
CA ILE B 94 45.85 2.27 -32.37
C ILE B 94 46.34 3.06 -33.57
N ILE B 95 47.27 3.99 -33.33
CA ILE B 95 47.83 4.83 -34.37
C ILE B 95 49.30 4.47 -34.55
N THR B 96 49.70 4.23 -35.79
CA THR B 96 51.02 3.72 -36.12
C THR B 96 51.77 4.71 -36.99
N VAL B 97 53.03 4.94 -36.68
CA VAL B 97 53.92 5.79 -37.46
C VAL B 97 54.88 4.90 -38.24
N ASP B 98 55.20 5.32 -39.47
CA ASP B 98 56.15 4.59 -40.30
C ASP B 98 57.08 5.54 -41.04
N ASP B 99 57.46 6.63 -40.38
CA ASP B 99 58.39 7.60 -40.94
C ASP B 99 57.87 8.22 -42.24
N LYS B 100 56.63 7.90 -42.60
CA LYS B 100 56.05 8.42 -43.84
C LYS B 100 54.67 8.98 -43.58
N THR B 101 53.97 8.45 -42.59
CA THR B 101 52.62 8.88 -42.30
C THR B 101 52.62 10.32 -41.78
N SER B 102 51.49 11.00 -41.97
CA SER B 102 51.34 12.39 -41.56
C SER B 102 49.87 12.75 -41.57
N LEU B 103 49.37 13.29 -40.47
CA LEU B 103 48.00 13.77 -40.42
C LEU B 103 47.86 14.72 -39.24
N ARG B 104 46.88 15.62 -39.34
CA ARG B 104 46.62 16.63 -38.33
C ARG B 104 45.38 16.23 -37.55
N LEU B 105 45.45 16.34 -36.22
CA LEU B 105 44.40 15.87 -35.34
C LEU B 105 43.99 16.97 -34.36
N HIS B 106 42.77 16.86 -33.86
CA HIS B 106 42.14 17.90 -33.06
C HIS B 106 41.62 17.32 -31.76
N TYR B 107 42.14 17.80 -30.64
CA TYR B 107 41.73 17.34 -29.31
C TYR B 107 40.57 18.20 -28.85
N ARG B 108 39.36 17.69 -29.01
CA ARG B 108 38.15 18.46 -28.77
C ARG B 108 37.31 17.84 -27.67
N MET B 109 36.47 18.67 -27.04
CA MET B 109 35.46 18.19 -26.11
C MET B 109 34.22 17.85 -26.92
N ARG B 110 33.60 16.71 -26.62
CA ARG B 110 32.51 16.18 -27.43
C ARG B 110 31.18 16.14 -26.69
N PHE B 111 31.10 15.44 -25.57
CA PHE B 111 29.83 15.22 -24.90
C PHE B 111 29.39 16.51 -24.23
N TYR B 112 28.41 17.18 -24.82
CA TYR B 112 27.87 18.43 -24.30
C TYR B 112 26.40 18.25 -23.91
N PHE B 113 25.98 18.98 -22.90
CA PHE B 113 24.62 18.93 -22.40
C PHE B 113 24.02 20.33 -22.43
N THR B 114 22.87 20.47 -23.07
CA THR B 114 22.24 21.79 -23.20
C THR B 114 21.67 22.23 -21.86
N ASN B 115 21.56 23.56 -21.71
CA ASN B 115 21.04 24.18 -20.49
C ASN B 115 21.82 23.72 -19.26
N TRP B 116 23.11 23.48 -19.43
CA TRP B 116 23.97 23.22 -18.28
C TRP B 116 23.97 24.40 -17.34
N HIS B 117 23.97 25.62 -17.89
CA HIS B 117 23.87 26.83 -17.11
C HIS B 117 22.48 27.00 -16.53
N GLY B 118 22.36 27.93 -15.58
CA GLY B 118 21.09 28.30 -15.01
C GLY B 118 20.46 29.53 -15.62
N THR B 119 21.06 30.11 -16.66
CA THR B 119 20.50 31.30 -17.28
C THR B 119 19.16 31.01 -17.92
N ASN B 120 19.01 29.86 -18.56
CA ASN B 120 17.74 29.46 -19.16
C ASN B 120 16.80 28.98 -18.07
N ASP B 121 15.88 29.85 -17.65
CA ASP B 121 14.88 29.47 -16.66
C ASP B 121 13.72 28.69 -17.26
N ASN B 122 13.60 28.66 -18.59
CA ASN B 122 12.50 27.96 -19.22
C ASN B 122 12.61 26.45 -19.08
N GLU B 123 13.80 25.94 -18.84
CA GLU B 123 14.00 24.50 -18.73
C GLU B 123 14.92 24.20 -17.56
N GLN B 124 14.77 23.00 -17.00
CA GLN B 124 15.59 22.57 -15.87
C GLN B 124 17.04 22.40 -16.31
N SER B 125 17.96 22.86 -15.46
CA SER B 125 19.38 22.69 -15.73
C SER B 125 19.85 21.33 -15.22
N VAL B 126 21.16 21.11 -15.27
CA VAL B 126 21.76 19.86 -14.84
C VAL B 126 22.86 20.16 -13.84
N TRP B 127 23.21 19.14 -13.06
CA TRP B 127 24.22 19.27 -12.01
C TRP B 127 24.72 17.89 -11.63
N ARG B 128 25.88 17.86 -10.99
CA ARG B 128 26.43 16.63 -10.46
C ARG B 128 25.85 16.34 -9.08
N HIS B 129 25.92 15.07 -8.69
CA HIS B 129 25.42 14.67 -7.39
C HIS B 129 26.42 15.04 -6.29
N SER B 130 25.91 15.24 -5.08
CA SER B 130 26.72 15.64 -3.95
C SER B 130 26.43 14.74 -2.76
N PRO B 131 27.46 14.45 -1.94
CA PRO B 131 27.21 13.63 -0.75
C PRO B 131 26.34 14.35 0.25
N LYS B 132 25.55 13.58 0.99
CA LYS B 132 24.65 14.13 1.99
C LYS B 132 25.42 14.64 3.20
N GLU B 145 25.36 23.97 -2.40
CA GLU B 145 24.19 23.45 -3.11
C GLU B 145 24.60 22.46 -4.18
N ALA B 146 23.91 22.49 -5.31
CA ALA B 146 24.22 21.60 -6.42
C ALA B 146 25.61 21.92 -6.98
N THR B 147 26.37 20.88 -7.27
CA THR B 147 27.74 21.06 -7.75
C THR B 147 27.75 21.28 -9.25
N PRO B 148 28.33 22.38 -9.74
CA PRO B 148 28.45 22.56 -11.19
C PRO B 148 29.23 21.43 -11.85
N LEU B 149 28.90 21.20 -13.13
CA LEU B 149 29.48 20.07 -13.85
C LEU B 149 30.96 20.29 -14.12
N LEU B 150 31.29 21.32 -14.91
CA LEU B 150 32.65 21.55 -15.36
C LEU B 150 33.41 22.45 -14.37
N ASP B 151 34.73 22.41 -14.47
CA ASP B 151 35.60 23.15 -13.57
C ASP B 151 36.06 24.45 -14.21
N ALA B 152 36.86 25.20 -13.45
CA ALA B 152 37.36 26.48 -13.94
C ALA B 152 38.35 26.29 -15.08
N SER B 153 39.04 25.15 -15.11
CA SER B 153 40.04 24.94 -16.16
C SER B 153 39.39 24.65 -17.50
N SER B 154 38.31 23.86 -17.52
CA SER B 154 37.73 23.44 -18.80
C SER B 154 36.93 24.54 -19.47
N LEU B 155 36.47 25.54 -18.70
CA LEU B 155 35.61 26.55 -19.29
C LEU B 155 36.35 27.42 -20.30
N GLU B 156 37.63 27.70 -20.06
CA GLU B 156 38.39 28.49 -21.01
C GLU B 156 38.53 27.76 -22.34
N TYR B 157 38.89 26.47 -22.29
CA TYR B 157 39.03 25.70 -23.52
C TYR B 157 37.69 25.54 -24.23
N LEU B 158 36.61 25.38 -23.46
CA LEU B 158 35.28 25.26 -24.08
C LEU B 158 34.87 26.57 -24.74
N PHE B 159 35.17 27.70 -24.10
CA PHE B 159 34.91 28.99 -24.71
C PHE B 159 35.70 29.15 -26.01
N ALA B 160 36.96 28.73 -25.99
CA ALA B 160 37.77 28.79 -27.22
C ALA B 160 37.18 27.90 -28.31
N GLN B 161 36.71 26.72 -27.93
CA GLN B 161 36.10 25.81 -28.88
C GLN B 161 34.87 26.44 -29.52
N GLY B 162 33.98 27.00 -28.69
CA GLY B 162 32.80 27.65 -29.23
C GLY B 162 33.12 28.85 -30.08
N GLN B 163 34.14 29.62 -29.68
CA GLN B 163 34.55 30.80 -30.45
C GLN B 163 35.06 30.39 -31.82
N TYR B 164 35.89 29.35 -31.88
CA TYR B 164 36.38 28.89 -33.16
C TYR B 164 35.26 28.31 -34.01
N ASP B 165 34.32 27.61 -33.39
CA ASP B 165 33.19 27.08 -34.12
C ASP B 165 32.36 28.21 -34.73
N LEU B 166 32.20 29.31 -33.99
CA LEU B 166 31.44 30.44 -34.49
C LEU B 166 32.17 31.16 -35.61
N ILE B 167 33.47 31.38 -35.46
CA ILE B 167 34.20 32.18 -36.45
C ILE B 167 34.46 31.38 -37.72
N LYS B 168 34.70 30.07 -37.58
CA LYS B 168 35.09 29.27 -38.74
C LYS B 168 33.90 28.73 -39.52
N CYS B 169 32.67 29.06 -39.10
CA CYS B 169 31.45 28.70 -39.81
C CYS B 169 31.26 27.19 -39.91
N LEU B 170 32.05 26.42 -39.16
CA LEU B 170 31.87 24.96 -39.17
C LEU B 170 30.50 24.58 -38.61
N ALA B 171 30.04 25.30 -37.60
CA ALA B 171 28.69 25.09 -37.10
C ALA B 171 27.69 25.79 -38.01
N PRO B 172 26.53 25.20 -38.26
CA PRO B 172 25.53 25.84 -39.11
C PRO B 172 24.70 26.86 -38.35
N ILE B 173 24.52 28.02 -38.96
CA ILE B 173 23.73 29.08 -38.37
C ILE B 173 22.25 28.79 -38.60
N ARG B 174 21.39 29.53 -37.90
CA ARG B 174 19.96 29.38 -38.07
C ARG B 174 19.46 30.26 -39.20
N ASP B 175 18.73 29.65 -40.13
CA ASP B 175 18.14 30.40 -41.23
C ASP B 175 16.97 31.24 -40.74
N PRO B 176 16.77 32.42 -41.31
CA PRO B 176 15.70 33.31 -40.87
C PRO B 176 14.32 32.83 -41.33
N LYS B 177 13.30 33.40 -40.71
CA LYS B 177 11.92 33.16 -41.10
C LYS B 177 11.28 34.33 -41.82
N THR B 178 11.88 35.52 -41.74
CA THR B 178 11.41 36.69 -42.46
C THR B 178 12.58 37.65 -42.61
N GLU B 179 12.28 38.90 -42.96
CA GLU B 179 13.32 39.91 -43.06
C GLU B 179 13.65 40.50 -41.70
N GLN B 180 12.64 40.69 -40.85
CA GLN B 180 12.87 41.29 -39.54
C GLN B 180 13.80 40.43 -38.69
N ASP B 181 13.47 39.15 -38.53
CA ASP B 181 14.34 38.27 -37.76
C ASP B 181 15.67 38.03 -38.47
N GLY B 182 15.68 38.11 -39.81
CA GLY B 182 16.93 38.02 -40.52
C GLY B 182 17.90 39.12 -40.15
N HIS B 183 17.41 40.36 -40.09
CA HIS B 183 18.22 41.45 -39.58
C HIS B 183 18.52 41.30 -38.11
N ASP B 184 17.58 40.75 -37.34
CA ASP B 184 17.79 40.55 -35.91
C ASP B 184 18.97 39.63 -35.63
N ILE B 185 19.08 38.55 -36.40
CA ILE B 185 20.17 37.60 -36.20
C ILE B 185 21.51 38.26 -36.51
N GLU B 186 21.57 39.05 -37.58
CA GLU B 186 22.79 39.78 -37.89
C GLU B 186 23.15 40.75 -36.76
N ASN B 187 22.16 41.45 -36.22
CA ASN B 187 22.42 42.38 -35.13
C ASN B 187 22.92 41.64 -33.89
N GLU B 188 22.33 40.50 -33.58
CA GLU B 188 22.77 39.72 -32.44
C GLU B 188 24.18 39.17 -32.65
N CYS B 189 24.52 38.81 -33.89
CA CYS B 189 25.88 38.39 -34.19
C CYS B 189 26.87 39.53 -33.99
N LEU B 190 26.49 40.73 -34.41
CA LEU B 190 27.36 41.89 -34.18
C LEU B 190 27.54 42.14 -32.70
N GLY B 191 26.46 42.03 -31.91
CA GLY B 191 26.60 42.16 -30.47
C GLY B 191 27.45 41.06 -29.87
N MET B 192 27.38 39.86 -30.43
CA MET B 192 28.25 38.77 -30.00
C MET B 192 29.71 39.12 -30.25
N ALA B 193 30.00 39.72 -31.40
CA ALA B 193 31.36 40.17 -31.68
C ALA B 193 31.78 41.27 -30.71
N VAL B 194 30.85 42.16 -30.37
CA VAL B 194 31.14 43.19 -29.37
C VAL B 194 31.54 42.53 -28.04
N LEU B 195 30.77 41.52 -27.63
CA LEU B 195 31.10 40.80 -26.39
C LEU B 195 32.47 40.16 -26.49
N ALA B 196 32.78 39.56 -27.62
CA ALA B 196 34.07 38.90 -27.79
C ALA B 196 35.22 39.89 -27.68
N ILE B 197 35.12 41.03 -28.37
CA ILE B 197 36.20 42.00 -28.33
C ILE B 197 36.30 42.61 -26.94
N SER B 198 35.17 42.79 -26.25
CA SER B 198 35.22 43.29 -24.89
C SER B 198 35.94 42.31 -23.98
N HIS B 199 35.64 41.02 -24.12
CA HIS B 199 36.33 40.02 -23.31
C HIS B 199 37.81 40.02 -23.58
N TYR B 200 38.20 40.09 -24.86
CA TYR B 200 39.61 40.11 -25.19
C TYR B 200 40.30 41.33 -24.59
N ALA B 201 39.67 42.50 -24.70
CA ALA B 201 40.26 43.71 -24.16
C ALA B 201 40.42 43.63 -22.65
N MET B 202 39.39 43.16 -21.94
CA MET B 202 39.48 43.04 -20.49
C MET B 202 40.57 42.05 -20.10
N MET B 203 40.64 40.91 -20.79
CA MET B 203 41.70 39.95 -20.52
C MET B 203 43.04 40.38 -21.11
N LYS B 204 43.06 41.40 -21.96
CA LYS B 204 44.32 41.98 -22.41
C LYS B 204 44.78 43.10 -21.49
N LYS B 205 43.89 43.62 -20.63
CA LYS B 205 44.23 44.57 -19.57
C LYS B 205 44.68 45.91 -20.13
N MET B 206 43.92 46.42 -21.10
CA MET B 206 43.98 47.84 -21.43
C MET B 206 42.64 48.23 -22.05
N GLN B 207 42.29 49.50 -21.87
CA GLN B 207 41.05 50.04 -22.42
C GLN B 207 41.20 50.24 -23.92
N LEU B 208 40.07 50.22 -24.62
CA LEU B 208 40.07 50.14 -26.09
C LEU B 208 40.95 51.17 -26.78
N PRO B 209 40.88 52.47 -26.50
CA PRO B 209 41.74 53.41 -27.22
C PRO B 209 43.22 53.19 -27.01
N GLU B 210 43.61 52.46 -25.95
CA GLU B 210 45.02 52.14 -25.77
C GLU B 210 45.53 51.27 -26.91
N LEU B 211 44.73 50.30 -27.34
CA LEU B 211 45.08 49.38 -28.42
C LEU B 211 43.93 49.29 -29.42
N PRO B 212 43.76 50.31 -30.25
CA PRO B 212 42.68 50.29 -31.25
C PRO B 212 43.07 49.81 -32.64
N LYS B 213 44.36 49.62 -32.93
CA LYS B 213 44.78 49.31 -34.28
C LYS B 213 44.29 47.94 -34.74
N ASP B 214 44.23 46.98 -33.82
CA ASP B 214 43.92 45.59 -34.17
C ASP B 214 42.47 45.23 -33.89
N ILE B 215 41.53 46.14 -34.13
CA ILE B 215 40.12 45.91 -33.86
C ILE B 215 39.36 45.96 -35.17
N SER B 216 38.66 44.86 -35.48
CA SER B 216 37.80 44.79 -36.66
C SER B 216 36.89 43.59 -36.51
N TYR B 217 35.58 43.81 -36.59
CA TYR B 217 34.62 42.74 -36.37
C TYR B 217 34.66 41.67 -37.47
N LYS B 218 35.35 41.93 -38.57
CA LYS B 218 35.36 40.98 -39.68
C LYS B 218 35.91 39.63 -39.23
N ARG B 219 36.95 39.65 -38.40
CA ARG B 219 37.56 38.42 -37.93
C ARG B 219 36.65 37.61 -36.99
N TYR B 220 35.56 38.20 -36.50
CA TYR B 220 34.74 37.58 -35.48
C TYR B 220 33.31 37.34 -35.95
N ILE B 221 33.10 37.20 -37.26
CA ILE B 221 31.77 36.95 -37.81
C ILE B 221 31.86 35.79 -38.80
N PRO B 222 30.77 35.06 -38.97
CA PRO B 222 30.79 33.94 -39.93
C PRO B 222 31.12 34.42 -41.34
N GLU B 223 31.93 33.62 -42.04
CA GLU B 223 32.47 34.03 -43.31
C GLU B 223 31.37 34.18 -44.36
N THR B 224 30.29 33.41 -44.22
CA THR B 224 29.14 33.59 -45.10
C THR B 224 28.52 34.97 -44.92
N LEU B 225 28.36 35.40 -43.66
CA LEU B 225 27.90 36.75 -43.40
C LEU B 225 28.85 37.78 -44.00
N ASN B 226 30.15 37.51 -43.94
CA ASN B 226 31.12 38.40 -44.55
C ASN B 226 30.87 38.53 -46.05
N LYS B 227 30.67 37.39 -46.73
CA LYS B 227 30.42 37.44 -48.16
C LYS B 227 29.13 38.17 -48.47
N SER B 228 28.09 37.97 -47.64
CA SER B 228 26.82 38.63 -47.89
C SER B 228 26.93 40.14 -47.78
N ILE B 229 27.63 40.62 -46.73
CA ILE B 229 27.65 42.05 -46.47
C ILE B 229 28.57 42.77 -47.45
N ARG B 230 29.64 42.12 -47.91
CA ARG B 230 30.54 42.77 -48.86
C ARG B 230 29.82 43.08 -50.17
N GLN B 231 28.79 42.32 -50.50
CA GLN B 231 28.01 42.55 -51.69
C GLN B 231 26.94 43.61 -51.51
N ARG B 232 27.03 44.42 -50.47
CA ARG B 232 26.04 45.46 -50.17
C ARG B 232 26.67 46.83 -50.35
N ASN B 233 25.84 47.86 -50.21
CA ASN B 233 26.26 49.23 -50.51
C ASN B 233 27.23 49.75 -49.46
N LEU B 234 28.07 50.70 -49.89
CA LEU B 234 29.09 51.25 -49.01
C LEU B 234 28.47 52.00 -47.83
N LEU B 235 27.42 52.78 -48.10
CA LEU B 235 26.78 53.56 -47.05
C LEU B 235 26.32 52.66 -45.90
N THR B 236 25.74 51.52 -46.23
CA THR B 236 25.37 50.55 -45.20
C THR B 236 26.60 50.07 -44.43
N ARG B 237 27.73 49.92 -45.13
CA ARG B 237 28.94 49.48 -44.45
C ARG B 237 29.39 50.50 -43.42
N MET B 238 29.53 51.76 -43.80
CA MET B 238 29.93 52.77 -42.83
C MET B 238 28.90 52.90 -41.72
N ARG B 239 27.62 52.74 -42.05
CA ARG B 239 26.57 52.83 -41.03
C ARG B 239 26.71 51.72 -40.00
N ILE B 240 26.96 50.48 -40.45
CA ILE B 240 27.11 49.40 -39.49
C ILE B 240 28.42 49.54 -38.72
N ASN B 241 29.46 50.11 -39.34
CA ASN B 241 30.65 50.44 -38.56
C ASN B 241 30.32 51.40 -37.43
N ASN B 242 29.56 52.44 -37.73
CA ASN B 242 29.20 53.42 -36.70
C ASN B 242 28.33 52.78 -35.62
N VAL B 243 27.41 51.91 -36.01
CA VAL B 243 26.54 51.26 -35.03
C VAL B 243 27.33 50.34 -34.12
N PHE B 244 28.25 49.55 -34.71
CA PHE B 244 29.11 48.69 -33.92
C PHE B 244 29.96 49.50 -32.96
N LYS B 245 30.52 50.61 -33.44
CA LYS B 245 31.32 51.48 -32.58
C LYS B 245 30.51 52.04 -31.44
N ASP B 246 29.27 52.48 -31.71
CA ASP B 246 28.43 53.01 -30.66
C ASP B 246 28.10 51.96 -29.62
N PHE B 247 27.74 50.75 -30.08
CA PHE B 247 27.41 49.68 -29.14
C PHE B 247 28.61 49.33 -28.26
N LEU B 248 29.79 49.18 -28.86
CA LEU B 248 30.97 48.84 -28.07
C LEU B 248 31.33 49.96 -27.11
N LYS B 249 31.20 51.22 -27.56
CA LYS B 249 31.53 52.34 -26.69
C LYS B 249 30.59 52.40 -25.50
N GLU B 250 29.32 52.11 -25.72
CA GLU B 250 28.36 52.08 -24.61
C GLU B 250 28.67 50.93 -23.66
N PHE B 251 28.92 49.73 -24.20
CA PHE B 251 29.08 48.56 -23.36
C PHE B 251 30.35 48.63 -22.53
N ASN B 252 31.47 49.00 -23.16
CA ASN B 252 32.75 49.03 -22.46
C ASN B 252 32.74 50.01 -21.30
N ASN B 253 32.14 51.18 -21.47
CA ASN B 253 32.15 52.20 -20.42
C ASN B 253 31.04 52.04 -19.40
N LYS B 254 29.79 51.89 -19.85
CA LYS B 254 28.67 51.96 -18.92
C LYS B 254 28.32 50.60 -18.31
N THR B 255 28.23 49.55 -19.14
CA THR B 255 27.70 48.28 -18.66
C THR B 255 28.62 47.66 -17.61
N ILE B 256 29.93 47.88 -17.72
CA ILE B 256 30.85 47.28 -16.77
C ILE B 256 30.61 47.83 -15.37
N CYS B 257 30.20 49.10 -15.27
CA CYS B 257 29.91 49.68 -13.97
C CYS B 257 28.47 49.38 -13.54
N ASP B 258 27.53 49.37 -14.49
CA ASP B 258 26.13 49.12 -14.15
C ASP B 258 25.94 47.69 -13.67
N SER B 259 26.72 46.75 -14.20
CA SER B 259 26.57 45.34 -13.87
C SER B 259 27.66 44.80 -12.98
N SER B 260 28.85 45.42 -12.97
CA SER B 260 29.98 44.95 -12.17
C SER B 260 30.31 43.50 -12.48
N VAL B 261 30.44 43.18 -13.77
CA VAL B 261 30.67 41.81 -14.20
C VAL B 261 32.17 41.59 -14.38
N SER B 262 32.58 40.32 -14.36
CA SER B 262 33.98 39.94 -14.48
C SER B 262 34.20 39.17 -15.79
N THR B 263 35.41 38.65 -15.96
CA THR B 263 35.71 37.86 -17.15
C THR B 263 34.89 36.57 -17.16
N HIS B 264 34.74 35.93 -16.01
CA HIS B 264 33.93 34.72 -15.94
C HIS B 264 32.46 35.00 -16.24
N ASP B 265 31.96 36.17 -15.84
CA ASP B 265 30.54 36.45 -15.96
C ASP B 265 30.08 36.46 -17.41
N LEU B 266 30.90 37.00 -18.32
CA LEU B 266 30.51 37.04 -19.72
C LEU B 266 30.54 35.66 -20.36
N LYS B 267 31.31 34.73 -19.79
CA LYS B 267 31.44 33.40 -20.37
C LYS B 267 30.09 32.68 -20.44
N VAL B 268 29.32 32.73 -19.35
CA VAL B 268 28.08 31.97 -19.30
C VAL B 268 27.09 32.50 -20.33
N LYS B 269 27.01 33.82 -20.49
CA LYS B 269 26.09 34.36 -21.48
C LYS B 269 26.59 34.12 -22.90
N TYR B 270 27.90 34.18 -23.11
CA TYR B 270 28.46 33.82 -24.41
C TYR B 270 28.05 32.41 -24.81
N LEU B 271 28.24 31.46 -23.90
CA LEU B 271 27.92 30.07 -24.21
C LEU B 271 26.42 29.87 -24.36
N ALA B 272 25.60 30.52 -23.52
CA ALA B 272 24.16 30.38 -23.63
C ALA B 272 23.64 30.97 -24.93
N THR B 273 24.17 32.12 -25.32
CA THR B 273 23.76 32.74 -26.58
C THR B 273 24.16 31.90 -27.77
N LEU B 274 25.41 31.39 -27.77
CA LEU B 274 25.82 30.50 -28.85
C LEU B 274 24.96 29.24 -28.87
N GLU B 275 24.51 28.78 -27.71
CA GLU B 275 23.60 27.65 -27.64
C GLU B 275 22.27 27.96 -28.31
N THR B 276 21.67 29.10 -27.97
CA THR B 276 20.33 29.41 -28.45
C THR B 276 20.30 29.96 -29.86
N LEU B 277 21.43 30.40 -30.41
CA LEU B 277 21.43 30.94 -31.76
C LEU B 277 21.74 29.88 -32.81
N THR B 278 22.53 28.87 -32.47
CA THR B 278 22.93 27.83 -33.41
C THR B 278 21.85 26.75 -33.45
N LYS B 279 21.40 26.42 -34.65
CA LYS B 279 20.37 25.38 -34.79
C LYS B 279 20.96 24.02 -34.45
N HIS B 280 20.21 23.24 -33.68
CA HIS B 280 20.61 21.92 -33.18
C HIS B 280 22.07 21.92 -32.73
N TYR B 281 22.41 22.91 -31.91
CA TYR B 281 23.78 23.03 -31.43
C TYR B 281 24.14 21.87 -30.51
N GLY B 282 25.38 21.41 -30.61
CA GLY B 282 25.83 20.29 -29.82
C GLY B 282 25.08 19.01 -30.10
N ALA B 283 24.88 18.68 -31.37
CA ALA B 283 24.12 17.51 -31.76
C ALA B 283 24.86 16.75 -32.85
N GLU B 284 24.62 15.45 -32.91
CA GLU B 284 25.16 14.58 -33.93
C GLU B 284 24.03 13.91 -34.67
N ILE B 285 23.97 14.13 -35.98
CA ILE B 285 22.90 13.61 -36.83
C ILE B 285 23.52 12.73 -37.90
N PHE B 286 22.97 11.53 -38.07
CA PHE B 286 23.44 10.58 -39.06
C PHE B 286 22.30 10.21 -39.99
N GLU B 287 22.55 10.33 -41.29
CA GLU B 287 21.58 9.94 -42.31
C GLU B 287 21.96 8.58 -42.88
N THR B 288 20.95 7.75 -43.13
CA THR B 288 21.19 6.41 -43.62
C THR B 288 20.15 6.06 -44.67
N SER B 289 20.50 5.10 -45.52
CA SER B 289 19.59 4.61 -46.53
C SER B 289 18.70 3.47 -46.03
N MET B 290 19.12 2.76 -44.99
CA MET B 290 18.36 1.63 -44.47
C MET B 290 18.17 1.80 -42.97
N LEU B 291 16.97 1.42 -42.50
CA LEU B 291 16.66 1.42 -41.08
C LEU B 291 15.60 0.38 -40.83
N LEU B 292 15.82 -0.49 -39.86
CA LEU B 292 14.89 -1.56 -39.54
C LEU B 292 14.62 -1.58 -38.04
N ILE B 293 13.34 -1.62 -37.69
CA ILE B 293 12.89 -1.71 -36.30
C ILE B 293 11.94 -2.90 -36.19
N SER B 294 12.17 -3.76 -35.21
CA SER B 294 11.34 -4.94 -35.03
C SER B 294 11.00 -5.13 -33.56
N SER B 295 9.86 -5.77 -33.32
CA SER B 295 9.42 -6.12 -31.98
C SER B 295 8.93 -7.56 -31.99
N GLU B 296 9.16 -8.27 -30.89
CA GLU B 296 8.84 -9.69 -30.83
C GLU B 296 7.81 -9.98 -29.75
N ASN B 297 6.70 -9.24 -29.75
CA ASN B 297 5.64 -9.49 -28.80
C ASN B 297 5.06 -10.90 -29.01
N GLU B 298 4.34 -11.37 -28.00
CA GLU B 298 3.79 -12.72 -28.03
C GLU B 298 2.97 -12.96 -29.29
N LEU B 299 3.36 -13.98 -30.04
CA LEU B 299 2.75 -14.35 -31.31
C LEU B 299 2.81 -13.24 -32.35
N SER B 300 3.56 -12.17 -32.08
CA SER B 300 3.64 -11.04 -32.99
C SER B 300 4.87 -11.12 -33.89
N ARG B 301 6.06 -11.07 -33.30
CA ARG B 301 7.32 -10.96 -34.06
C ARG B 301 7.21 -9.87 -35.12
N CYS B 302 6.72 -8.71 -34.69
CA CYS B 302 6.36 -7.63 -35.61
C CYS B 302 7.60 -7.11 -36.32
N HIS B 303 7.65 -7.32 -37.63
CA HIS B 303 8.69 -6.74 -38.47
C HIS B 303 8.17 -5.43 -39.02
N SER B 304 8.47 -4.33 -38.31
CA SER B 304 7.97 -3.03 -38.71
C SER B 304 8.72 -2.52 -39.94
N ASN B 305 8.42 -1.28 -40.32
CA ASN B 305 9.04 -0.61 -41.46
C ASN B 305 8.73 -1.32 -42.77
N ASP B 306 9.29 -0.83 -43.86
CA ASP B 306 9.04 -1.39 -45.19
C ASP B 306 10.36 -1.45 -45.95
N SER B 307 10.27 -1.84 -47.22
CA SER B 307 11.44 -1.95 -48.09
C SER B 307 11.50 -0.81 -49.10
N GLY B 308 11.04 0.37 -48.72
CA GLY B 308 11.05 1.50 -49.62
C GLY B 308 12.42 2.08 -49.84
N ASN B 309 12.50 2.99 -50.81
CA ASN B 309 13.74 3.67 -51.14
C ASN B 309 13.91 4.99 -50.40
N VAL B 310 13.04 5.28 -49.43
CA VAL B 310 13.15 6.53 -48.70
C VAL B 310 14.40 6.54 -47.85
N LEU B 311 14.90 7.74 -47.57
CA LEU B 311 16.09 7.95 -46.76
C LEU B 311 15.70 8.37 -45.35
N TYR B 312 16.47 7.89 -44.38
CA TYR B 312 16.20 8.13 -42.97
C TYR B 312 17.38 8.87 -42.35
N GLU B 313 17.10 9.64 -41.30
CA GLU B 313 18.13 10.33 -40.55
C GLU B 313 18.03 9.95 -39.08
N VAL B 314 19.19 9.88 -38.42
CA VAL B 314 19.30 9.50 -37.02
C VAL B 314 20.06 10.58 -36.29
N MET B 315 19.51 11.07 -35.19
CA MET B 315 20.12 12.13 -34.41
C MET B 315 20.30 11.66 -32.97
N VAL B 316 21.42 12.06 -32.36
CA VAL B 316 21.76 11.64 -31.01
C VAL B 316 22.15 12.87 -30.19
N THR B 317 21.46 13.08 -29.07
CA THR B 317 21.82 14.08 -28.09
C THR B 317 21.63 13.51 -26.69
N GLY B 318 22.43 14.01 -25.75
CA GLY B 318 22.33 13.52 -24.38
C GLY B 318 21.08 13.97 -23.67
N ASN B 319 20.49 15.09 -24.11
CA ASN B 319 19.31 15.65 -23.47
C ASN B 319 18.02 15.20 -24.13
N LEU B 320 18.08 14.33 -25.12
CA LEU B 320 16.90 13.74 -25.73
C LEU B 320 17.00 12.23 -25.84
N GLY B 321 18.21 11.68 -25.96
CA GLY B 321 18.37 10.26 -26.15
C GLY B 321 18.58 9.90 -27.61
N ILE B 322 17.71 9.08 -28.15
CA ILE B 322 17.78 8.65 -29.54
C ILE B 322 16.43 8.90 -30.21
N GLN B 323 16.46 9.57 -31.36
CA GLN B 323 15.25 9.86 -32.12
C GLN B 323 15.58 9.80 -33.60
N TRP B 324 14.54 9.72 -34.42
CA TRP B 324 14.68 9.55 -35.85
C TRP B 324 13.45 10.12 -36.55
N ARG B 325 13.57 10.31 -37.86
CA ARG B 325 12.45 10.78 -38.67
C ARG B 325 12.80 10.60 -40.14
N GLN B 326 11.81 10.84 -40.99
CA GLN B 326 12.02 10.81 -42.44
C GLN B 326 12.48 12.19 -42.92
N LYS B 327 13.41 12.19 -43.86
CA LYS B 327 13.89 13.45 -44.41
C LYS B 327 12.89 13.99 -45.42
N PRO B 328 12.37 15.20 -45.22
CA PRO B 328 11.44 15.75 -46.22
C PRO B 328 12.15 15.99 -47.55
N ASN B 329 11.38 15.85 -48.63
CA ASN B 329 11.92 16.03 -49.97
C ASN B 329 12.28 17.49 -50.22
N GLU B 361 9.00 17.34 -40.07
CA GLU B 361 8.23 16.39 -39.25
C GLU B 361 8.86 16.22 -37.88
N GLU B 362 8.03 15.98 -36.88
CA GLU B 362 8.51 15.81 -35.52
C GLU B 362 9.18 14.45 -35.36
N TRP B 363 10.29 14.45 -34.63
CA TRP B 363 10.98 13.20 -34.33
C TRP B 363 10.18 12.37 -33.34
N ASN B 364 10.44 11.07 -33.33
CA ASN B 364 9.79 10.15 -32.40
C ASN B 364 10.84 9.54 -31.48
N ASN B 365 10.49 9.44 -30.20
CA ASN B 365 11.39 8.91 -29.20
C ASN B 365 11.50 7.40 -29.34
N PHE B 366 12.71 6.87 -29.09
CA PHE B 366 12.96 5.44 -29.14
C PHE B 366 13.31 4.89 -27.76
N SER B 367 14.35 5.43 -27.13
CA SER B 367 14.78 4.98 -25.80
C SER B 367 15.78 5.99 -25.27
N TYR B 368 16.33 5.68 -24.10
CA TYR B 368 17.39 6.46 -23.49
C TYR B 368 18.52 5.53 -23.10
N PHE B 369 19.67 6.11 -22.75
CA PHE B 369 20.90 5.33 -22.62
C PHE B 369 20.82 4.24 -21.57
N PRO B 370 20.41 4.50 -20.31
CA PRO B 370 20.34 3.40 -19.34
C PRO B 370 19.38 2.29 -19.71
N GLU B 371 18.30 2.61 -20.44
CA GLU B 371 17.37 1.58 -20.87
C GLU B 371 18.01 0.61 -21.87
N ILE B 372 19.05 1.04 -22.59
CA ILE B 372 19.69 0.18 -23.56
C ILE B 372 20.44 -0.94 -22.86
N THR B 373 20.29 -2.15 -23.37
CA THR B 373 20.95 -3.33 -22.81
C THR B 373 22.36 -3.54 -23.35
N HIS B 374 22.51 -3.71 -24.66
CA HIS B 374 23.80 -4.01 -25.24
C HIS B 374 23.80 -3.63 -26.71
N ILE B 375 24.97 -3.77 -27.33
CA ILE B 375 25.19 -3.43 -28.73
C ILE B 375 25.89 -4.58 -29.42
N VAL B 376 25.48 -4.85 -30.66
CA VAL B 376 26.12 -5.85 -31.51
C VAL B 376 26.36 -5.24 -32.87
N ILE B 377 27.54 -5.49 -33.43
CA ILE B 377 27.95 -4.92 -34.71
C ILE B 377 28.27 -6.07 -35.66
N LYS B 378 27.70 -6.01 -36.85
CA LYS B 378 27.93 -7.01 -37.89
C LYS B 378 28.49 -6.31 -39.12
N GLU B 379 29.78 -6.51 -39.38
CA GLU B 379 30.44 -5.89 -40.52
C GLU B 379 30.26 -4.37 -40.46
N SER B 380 29.25 -3.88 -41.17
CA SER B 380 28.90 -2.46 -41.13
C SER B 380 27.46 -2.24 -40.69
N VAL B 381 26.90 -3.18 -39.92
CA VAL B 381 25.53 -3.11 -39.46
C VAL B 381 25.52 -2.89 -37.96
N VAL B 382 24.72 -1.93 -37.51
CA VAL B 382 24.56 -1.61 -36.10
C VAL B 382 23.18 -2.04 -35.66
N SER B 383 23.12 -2.81 -34.56
CA SER B 383 21.85 -3.28 -34.01
C SER B 383 21.89 -3.13 -32.51
N ILE B 384 20.95 -2.37 -31.96
CA ILE B 384 20.86 -2.10 -30.53
C ILE B 384 19.66 -2.85 -29.98
N ASN B 385 19.74 -3.22 -28.69
CA ASN B 385 18.67 -3.95 -28.02
C ASN B 385 18.25 -3.21 -26.77
N LYS B 386 16.96 -3.25 -26.47
CA LYS B 386 16.40 -2.60 -25.30
C LYS B 386 16.05 -3.64 -24.24
N GLN B 387 15.60 -3.16 -23.09
CA GLN B 387 15.23 -4.06 -22.00
C GLN B 387 13.93 -4.79 -22.28
N ASP B 388 13.02 -4.16 -23.01
CA ASP B 388 11.76 -4.79 -23.40
C ASP B 388 11.88 -5.62 -24.68
N ASN B 389 13.09 -6.08 -24.99
CA ASN B 389 13.40 -6.95 -26.13
C ASN B 389 13.23 -6.23 -27.47
N LYS B 390 13.11 -4.90 -27.47
CA LYS B 390 12.98 -4.18 -28.72
C LYS B 390 14.35 -4.04 -29.39
N ASN B 391 14.36 -4.20 -30.71
CA ASN B 391 15.59 -4.17 -31.49
C ASN B 391 15.47 -3.13 -32.59
N MET B 392 16.55 -2.36 -32.79
CA MET B 392 16.67 -1.44 -33.90
C MET B 392 18.00 -1.70 -34.57
N GLU B 393 17.99 -1.88 -35.88
CA GLU B 393 19.19 -2.20 -36.64
C GLU B 393 19.31 -1.29 -37.85
N LEU B 394 20.54 -0.95 -38.22
CA LEU B 394 20.82 -0.09 -39.34
C LEU B 394 22.24 -0.36 -39.85
N LYS B 395 22.53 0.15 -41.04
CA LYS B 395 23.79 -0.08 -41.71
C LYS B 395 24.45 1.26 -42.04
N LEU B 396 25.78 1.25 -42.06
CA LEU B 396 26.57 2.41 -42.48
C LEU B 396 27.42 2.01 -43.70
N SER B 397 28.01 3.02 -44.33
CA SER B 397 28.85 2.77 -45.49
C SER B 397 30.19 2.14 -45.13
N SER B 398 30.65 2.35 -43.89
CA SER B 398 31.95 1.86 -43.47
C SER B 398 31.86 1.42 -42.01
N ARG B 399 32.98 0.86 -41.52
CA ARG B 399 33.06 0.33 -40.17
C ARG B 399 33.42 1.40 -39.14
N GLU B 400 34.40 2.25 -39.46
CA GLU B 400 34.89 3.22 -38.50
C GLU B 400 33.79 4.20 -38.08
N GLU B 401 32.89 4.54 -39.00
CA GLU B 401 31.78 5.43 -38.63
C GLU B 401 30.85 4.78 -37.63
N ALA B 402 30.54 3.49 -37.83
CA ALA B 402 29.75 2.77 -36.84
C ALA B 402 30.48 2.66 -35.52
N LEU B 403 31.80 2.51 -35.57
CA LEU B 403 32.61 2.47 -34.36
C LEU B 403 32.51 3.80 -33.61
N SER B 404 32.55 4.91 -34.36
CA SER B 404 32.36 6.21 -33.74
C SER B 404 30.97 6.32 -33.11
N PHE B 405 29.95 5.83 -33.82
CA PHE B 405 28.59 5.91 -33.29
C PHE B 405 28.46 5.13 -31.99
N VAL B 406 29.00 3.91 -31.95
CA VAL B 406 28.92 3.14 -30.73
C VAL B 406 29.79 3.77 -29.64
N SER B 407 30.86 4.47 -30.03
CA SER B 407 31.62 5.23 -29.05
C SER B 407 30.76 6.32 -28.41
N LEU B 408 29.99 7.03 -29.23
CA LEU B 408 29.05 8.02 -28.71
C LEU B 408 28.11 7.39 -27.70
N VAL B 409 27.46 6.30 -28.11
CA VAL B 409 26.41 5.73 -27.25
C VAL B 409 27.02 5.18 -25.96
N ASP B 410 28.22 4.60 -26.04
CA ASP B 410 28.87 4.07 -24.85
C ASP B 410 29.29 5.19 -23.92
N GLY B 411 29.83 6.28 -24.48
CA GLY B 411 30.19 7.42 -23.64
C GLY B 411 28.98 8.03 -22.95
N TYR B 412 27.87 8.16 -23.67
CA TYR B 412 26.66 8.66 -23.04
C TYR B 412 26.16 7.72 -21.95
N PHE B 413 26.17 6.42 -22.21
CA PHE B 413 25.76 5.45 -21.20
C PHE B 413 26.63 5.57 -19.96
N ARG B 414 27.94 5.69 -20.14
CA ARG B 414 28.84 5.84 -19.00
C ARG B 414 28.58 7.13 -18.25
N LEU B 415 28.31 8.21 -18.97
CA LEU B 415 28.08 9.51 -18.33
C LEU B 415 26.73 9.57 -17.63
N THR B 416 25.77 8.73 -17.99
CA THR B 416 24.43 8.77 -17.40
C THR B 416 24.08 7.54 -16.59
N ALA B 417 24.46 6.34 -17.04
CA ALA B 417 23.99 5.11 -16.42
C ALA B 417 25.00 4.55 -15.42
N ASP B 418 26.21 4.21 -15.87
CA ASP B 418 27.20 3.59 -15.00
C ASP B 418 28.59 3.81 -15.57
N ALA B 419 29.50 4.27 -14.71
CA ALA B 419 30.87 4.54 -15.11
C ALA B 419 31.77 3.32 -15.01
N HIS B 420 31.25 2.18 -14.56
CA HIS B 420 32.04 0.96 -14.42
C HIS B 420 31.52 -0.11 -15.39
N HIS B 421 31.24 0.29 -16.61
CA HIS B 421 30.73 -0.62 -17.62
C HIS B 421 30.97 -0.04 -19.00
N TYR B 422 31.20 -0.93 -19.96
CA TYR B 422 31.27 -0.57 -21.37
C TYR B 422 30.28 -1.42 -22.14
N LEU B 423 29.86 -0.93 -23.30
CA LEU B 423 28.86 -1.65 -24.09
C LEU B 423 29.52 -2.56 -25.12
N CYS B 424 30.33 -2.00 -26.02
CA CYS B 424 30.95 -2.76 -27.08
C CYS B 424 32.41 -3.04 -26.73
N THR B 425 32.81 -4.31 -26.86
CA THR B 425 34.20 -4.68 -26.62
C THR B 425 35.13 -4.10 -27.67
N ASP B 426 34.62 -3.83 -28.88
CA ASP B 426 35.46 -3.30 -29.95
C ASP B 426 35.93 -1.88 -29.69
N VAL B 427 35.22 -1.12 -28.85
CA VAL B 427 35.56 0.29 -28.62
C VAL B 427 35.82 0.52 -27.14
N ALA B 428 36.04 -0.55 -26.39
CA ALA B 428 36.25 -0.45 -24.96
C ALA B 428 37.56 0.26 -24.64
N PRO B 429 37.55 1.33 -23.86
CA PRO B 429 38.80 2.01 -23.52
C PRO B 429 39.64 1.18 -22.57
N PRO B 430 40.95 1.07 -22.81
CA PRO B 430 41.78 0.16 -22.02
C PRO B 430 41.85 0.51 -20.54
N LEU B 431 41.77 1.80 -20.19
CA LEU B 431 41.92 2.18 -18.79
C LEU B 431 40.77 1.61 -17.95
N ILE B 432 39.55 1.69 -18.46
CA ILE B 432 38.42 1.13 -17.75
C ILE B 432 38.53 -0.39 -17.70
N VAL B 433 39.11 -1.01 -18.72
CA VAL B 433 39.35 -2.44 -18.68
C VAL B 433 40.29 -2.79 -17.53
N HIS B 434 41.37 -2.00 -17.37
CA HIS B 434 42.28 -2.23 -16.26
C HIS B 434 41.60 -2.02 -14.92
N ASN B 435 40.78 -0.98 -14.81
CA ASN B 435 40.07 -0.72 -13.56
C ASN B 435 39.15 -1.88 -13.21
N ILE B 436 38.41 -2.39 -14.20
CA ILE B 436 37.52 -3.51 -13.96
C ILE B 436 38.32 -4.75 -13.57
N GLN B 437 39.45 -4.98 -14.23
CA GLN B 437 40.31 -6.10 -13.87
C GLN B 437 40.85 -5.96 -12.46
N ASN B 438 41.02 -4.73 -11.99
CA ASN B 438 41.60 -4.48 -10.66
C ASN B 438 40.58 -4.04 -9.63
N GLY B 439 39.45 -3.49 -10.05
CA GLY B 439 38.44 -3.00 -9.13
C GLY B 439 38.72 -1.62 -8.58
N CYS B 440 39.79 -0.97 -8.99
CA CYS B 440 40.13 0.35 -8.48
C CYS B 440 39.11 1.37 -8.92
N HIS B 441 38.77 2.29 -8.02
CA HIS B 441 37.81 3.35 -8.33
C HIS B 441 38.53 4.52 -8.99
N GLY B 442 37.73 5.48 -9.44
CA GLY B 442 38.25 6.68 -10.06
C GLY B 442 38.37 7.83 -9.09
N PRO B 443 38.30 9.06 -9.60
CA PRO B 443 38.41 10.24 -8.73
C PRO B 443 37.14 10.51 -7.95
N ILE B 444 36.79 9.62 -7.02
CA ILE B 444 35.61 9.82 -6.20
C ILE B 444 36.00 10.56 -4.91
N CYS B 445 35.10 11.44 -4.46
CA CYS B 445 35.35 12.29 -3.31
C CYS B 445 35.62 11.45 -2.06
N THR B 446 36.36 12.06 -1.12
CA THR B 446 36.81 11.34 0.07
C THR B 446 35.63 10.92 0.94
N GLU B 447 34.65 11.80 1.10
CA GLU B 447 33.50 11.49 1.96
C GLU B 447 32.77 10.25 1.48
N TYR B 448 32.65 10.08 0.16
CA TYR B 448 31.98 8.90 -0.38
C TYR B 448 32.66 7.63 0.10
N ALA B 449 33.98 7.54 -0.09
CA ALA B 449 34.70 6.32 0.27
C ALA B 449 34.72 6.12 1.77
N ILE B 450 34.80 7.21 2.54
CA ILE B 450 34.76 7.09 4.00
C ILE B 450 33.43 6.51 4.43
N ASN B 451 32.32 6.99 3.83
CA ASN B 451 31.01 6.43 4.13
C ASN B 451 30.94 4.96 3.72
N LYS B 452 31.57 4.61 2.60
CA LYS B 452 31.53 3.23 2.14
C LYS B 452 32.15 2.28 3.16
N LEU B 453 33.19 2.73 3.86
CA LEU B 453 33.80 1.89 4.88
C LEU B 453 32.86 1.64 6.05
N ARG B 454 32.01 2.63 6.37
CA ARG B 454 31.08 2.46 7.48
C ARG B 454 30.06 1.37 7.22
N GLN B 455 29.59 1.26 5.97
CA GLN B 455 28.51 0.34 5.66
C GLN B 455 28.90 -1.12 5.88
N GLU B 456 30.12 -1.50 5.52
CA GLU B 456 30.52 -2.90 5.62
C GLU B 456 30.82 -3.34 7.04
N GLY B 457 31.32 -2.44 7.89
CA GLY B 457 31.61 -2.76 9.27
C GLY B 457 32.82 -2.06 9.84
N SER B 458 33.61 -1.38 9.01
CA SER B 458 34.77 -0.60 9.46
C SER B 458 35.78 -1.46 10.22
N GLU B 459 35.79 -2.77 9.96
CA GLU B 459 36.74 -3.66 10.59
C GLU B 459 38.15 -3.40 10.08
N GLU B 460 39.13 -3.59 10.97
CA GLU B 460 40.52 -3.42 10.60
C GLU B 460 40.92 -4.47 9.57
N GLY B 461 41.41 -4.03 8.42
CA GLY B 461 41.84 -4.95 7.38
C GLY B 461 41.27 -4.60 6.01
N MET B 462 40.18 -3.86 5.97
CA MET B 462 39.58 -3.48 4.71
C MET B 462 40.28 -2.27 4.12
N TYR B 463 40.12 -2.09 2.82
CA TYR B 463 40.78 -1.02 2.09
C TYR B 463 40.06 -0.76 0.78
N VAL B 464 40.15 0.47 0.31
CA VAL B 464 39.53 0.89 -0.95
C VAL B 464 40.58 1.59 -1.79
N LEU B 465 40.55 1.32 -3.10
CA LEU B 465 41.50 1.89 -4.04
C LEU B 465 40.77 2.80 -5.01
N ARG B 466 41.32 3.99 -5.22
CA ARG B 466 40.71 4.97 -6.11
C ARG B 466 41.80 5.90 -6.63
N TRP B 467 41.61 6.39 -7.85
CA TRP B 467 42.61 7.25 -8.47
C TRP B 467 42.63 8.62 -7.80
N SER B 468 43.83 9.15 -7.63
CA SER B 468 43.98 10.48 -7.05
C SER B 468 43.35 11.53 -7.95
N CYS B 469 42.51 12.37 -7.36
CA CYS B 469 41.81 13.40 -8.12
C CYS B 469 42.75 14.46 -8.69
N THR B 470 44.01 14.48 -8.25
CA THR B 470 44.95 15.50 -8.69
C THR B 470 46.11 14.97 -9.50
N ASP B 471 46.51 13.72 -9.31
CA ASP B 471 47.68 13.16 -9.96
C ASP B 471 47.30 11.96 -10.82
N PHE B 472 47.74 11.97 -12.08
CA PHE B 472 47.42 10.92 -13.03
C PHE B 472 48.27 9.67 -12.85
N ASP B 473 49.40 9.76 -12.15
CA ASP B 473 50.33 8.64 -12.01
C ASP B 473 50.31 8.06 -10.61
N ASN B 474 49.35 8.45 -9.77
CA ASN B 474 49.33 8.06 -8.38
C ASN B 474 47.97 7.49 -8.01
N ILE B 475 47.97 6.33 -7.38
CA ILE B 475 46.78 5.73 -6.81
C ILE B 475 46.86 5.90 -5.29
N LEU B 476 45.72 6.12 -4.66
CA LEU B 476 45.65 6.26 -3.22
C LEU B 476 44.67 5.24 -2.66
N MET B 477 45.03 4.65 -1.52
CA MET B 477 44.19 3.65 -0.87
C MET B 477 43.83 4.16 0.51
N THR B 478 42.60 3.85 0.95
CA THR B 478 42.13 4.24 2.27
C THR B 478 41.90 2.98 3.09
N VAL B 479 42.56 2.88 4.23
CA VAL B 479 42.48 1.69 5.08
C VAL B 479 41.86 2.09 6.41
N THR B 480 41.14 1.13 7.00
CA THR B 480 40.52 1.33 8.30
C THR B 480 40.39 -0.01 9.03
N LYS B 492 37.96 4.85 15.98
CA LYS B 492 38.39 4.26 14.72
C LYS B 492 39.38 5.17 14.01
N GLN B 493 40.16 4.59 13.10
CA GLN B 493 41.13 5.34 12.32
C GLN B 493 40.87 5.13 10.84
N PHE B 494 41.32 6.10 10.04
CA PHE B 494 41.15 6.06 8.59
C PHE B 494 42.46 6.54 7.98
N LYS B 495 43.32 5.61 7.60
CA LYS B 495 44.66 5.93 7.12
C LYS B 495 44.72 5.83 5.61
N ASN B 496 45.38 6.81 5.00
CA ASN B 496 45.51 6.87 3.54
C ASN B 496 46.96 6.60 3.15
N PHE B 497 47.12 5.95 2.00
CA PHE B 497 48.43 5.59 1.51
C PHE B 497 48.46 5.72 -0.01
N GLN B 498 49.55 6.30 -0.51
CA GLN B 498 49.70 6.61 -1.93
C GLN B 498 50.71 5.69 -2.58
N ILE B 499 50.48 5.36 -3.84
CA ILE B 499 51.36 4.49 -4.61
C ILE B 499 51.65 5.15 -5.95
N GLU B 500 52.92 5.22 -6.31
CA GLU B 500 53.35 5.80 -7.59
C GLU B 500 53.34 4.75 -8.68
N VAL B 501 52.80 5.11 -9.84
CA VAL B 501 52.80 4.24 -11.01
C VAL B 501 53.51 4.99 -12.14
N GLN B 502 54.67 4.49 -12.54
CA GLN B 502 55.47 5.10 -13.58
C GLN B 502 55.81 4.05 -14.63
N LYS B 503 55.76 4.46 -15.90
CA LYS B 503 56.08 3.63 -17.07
C LYS B 503 55.53 2.22 -16.91
N GLY B 504 54.31 2.09 -16.40
CA GLY B 504 53.70 0.80 -16.18
C GLY B 504 54.28 0.02 -15.03
N ARG B 505 55.28 0.56 -14.33
CA ARG B 505 55.89 -0.09 -13.19
C ARG B 505 55.23 0.38 -11.91
N TYR B 506 55.02 -0.56 -10.99
CA TYR B 506 54.29 -0.29 -9.75
C TYR B 506 55.22 -0.42 -8.55
N SER B 507 55.16 0.56 -7.65
CA SER B 507 56.00 0.58 -6.46
C SER B 507 55.41 1.53 -5.44
N LEU B 508 55.65 1.24 -4.16
CA LEU B 508 55.16 2.08 -3.09
C LEU B 508 56.14 3.21 -2.81
N HIS B 509 55.60 4.38 -2.48
CA HIS B 509 56.43 5.54 -2.17
C HIS B 509 57.31 5.26 -0.96
N GLY B 510 58.56 5.68 -1.05
CA GLY B 510 59.53 5.39 -0.01
C GLY B 510 60.17 4.02 -0.12
N SER B 511 59.78 3.22 -1.10
CA SER B 511 60.33 1.88 -1.28
C SER B 511 61.18 1.84 -2.54
N MET B 512 62.43 1.38 -2.38
CA MET B 512 63.34 1.32 -3.51
C MET B 512 63.06 0.17 -4.45
N ASP B 513 62.20 -0.78 -4.08
CA ASP B 513 61.86 -1.86 -4.99
C ASP B 513 60.62 -1.50 -5.81
N HIS B 514 60.40 -2.27 -6.87
CA HIS B 514 59.28 -2.03 -7.76
C HIS B 514 58.73 -3.36 -8.24
N PHE B 515 57.49 -3.33 -8.71
CA PHE B 515 56.79 -4.53 -9.14
C PHE B 515 56.11 -4.29 -10.48
N PRO B 516 56.04 -5.31 -11.34
CA PRO B 516 55.57 -5.08 -12.71
C PRO B 516 54.07 -4.88 -12.83
N SER B 517 53.26 -5.56 -12.02
CA SER B 517 51.81 -5.46 -12.12
C SER B 517 51.24 -4.86 -10.86
N LEU B 518 50.13 -4.14 -11.02
CA LEU B 518 49.40 -3.63 -9.87
C LEU B 518 48.97 -4.77 -8.96
N ARG B 519 48.45 -5.85 -9.55
CA ARG B 519 48.10 -7.01 -8.76
C ARG B 519 49.34 -7.67 -8.17
N ASP B 520 50.43 -7.72 -8.95
CA ASP B 520 51.69 -8.22 -8.40
C ASP B 520 52.18 -7.36 -7.24
N LEU B 521 52.06 -6.04 -7.39
CA LEU B 521 52.42 -5.13 -6.31
C LEU B 521 51.61 -5.42 -5.06
N MET B 522 50.29 -5.43 -5.18
CA MET B 522 49.44 -5.47 -3.99
C MET B 522 49.44 -6.85 -3.35
N ASN B 523 49.60 -7.89 -4.16
CA ASN B 523 49.71 -9.24 -3.60
C ASN B 523 50.98 -9.37 -2.77
N HIS B 524 52.04 -8.67 -3.17
CA HIS B 524 53.30 -8.79 -2.46
C HIS B 524 53.17 -8.32 -1.02
N LEU B 525 52.44 -7.24 -0.79
CA LEU B 525 52.32 -6.68 0.56
C LEU B 525 51.31 -7.43 1.41
N LYS B 526 50.63 -8.44 0.87
CA LYS B 526 49.60 -9.14 1.64
C LYS B 526 50.19 -9.82 2.87
N LYS B 527 51.40 -10.37 2.75
CA LYS B 527 51.95 -11.24 3.77
C LYS B 527 52.91 -10.54 4.73
N GLN B 528 52.82 -9.21 4.87
CA GLN B 528 53.68 -8.51 5.81
C GLN B 528 52.86 -7.73 6.82
N ILE B 529 53.54 -7.31 7.89
CA ILE B 529 52.93 -6.50 8.95
C ILE B 529 53.22 -5.03 8.68
N LEU B 530 52.25 -4.18 9.00
CA LEU B 530 52.36 -2.75 8.78
C LEU B 530 52.45 -2.02 10.11
N ARG B 531 53.49 -1.22 10.26
CA ARG B 531 53.70 -0.41 11.46
C ARG B 531 53.30 1.03 11.19
N THR B 532 52.41 1.57 12.02
CA THR B 532 51.95 2.94 11.90
C THR B 532 52.01 3.58 13.26
N ASP B 533 53.06 4.37 13.51
CA ASP B 533 53.28 5.04 14.78
C ASP B 533 53.27 4.03 15.92
N ASN B 534 52.14 3.90 16.60
CA ASN B 534 51.98 2.94 17.68
C ASN B 534 51.07 1.79 17.33
N ILE B 535 50.21 1.94 16.33
CA ILE B 535 49.22 0.94 15.97
C ILE B 535 49.69 0.19 14.73
N SER B 536 49.39 -1.11 14.71
CA SER B 536 49.76 -1.98 13.59
C SER B 536 48.55 -2.80 13.19
N PHE B 537 48.54 -3.25 11.94
CA PHE B 537 47.38 -3.94 11.40
C PHE B 537 47.79 -4.71 10.15
N VAL B 538 46.87 -5.55 9.68
CA VAL B 538 47.05 -6.35 8.46
C VAL B 538 45.79 -6.21 7.63
N LEU B 539 45.96 -5.89 6.35
CA LEU B 539 44.83 -5.84 5.43
C LEU B 539 44.26 -7.23 5.21
N LYS B 540 42.94 -7.30 4.99
CA LYS B 540 42.28 -8.59 4.80
C LYS B 540 41.41 -8.68 3.57
N ARG B 541 40.80 -7.58 3.13
CA ARG B 541 39.84 -7.67 2.03
C ARG B 541 39.65 -6.29 1.41
N CYS B 542 39.42 -6.27 0.11
CA CYS B 542 39.26 -5.04 -0.65
C CYS B 542 37.79 -4.64 -0.72
N CYS B 543 37.54 -3.59 -1.51
CA CYS B 543 36.19 -3.09 -1.76
C CYS B 543 35.98 -2.91 -3.25
N GLN B 544 34.82 -3.33 -3.73
CA GLN B 544 34.53 -3.30 -5.16
C GLN B 544 33.29 -2.47 -5.45
N PRO B 545 33.17 -1.94 -6.67
CA PRO B 545 32.01 -1.11 -7.01
C PRO B 545 30.71 -1.93 -7.03
N LYS B 546 29.61 -1.19 -7.02
CA LYS B 546 28.25 -1.70 -6.96
C LYS B 546 27.43 -1.12 -8.10
N PRO B 547 26.33 -1.77 -8.49
CA PRO B 547 25.60 -1.31 -9.69
C PRO B 547 25.06 0.09 -9.55
N ARG B 548 25.40 0.95 -10.52
CA ARG B 548 24.83 2.29 -10.63
C ARG B 548 25.04 3.06 -9.33
N GLU B 549 26.20 2.86 -8.71
CA GLU B 549 26.46 3.41 -7.38
C GLU B 549 26.50 4.93 -7.45
N ILE B 550 25.65 5.57 -6.64
CA ILE B 550 25.50 7.02 -6.68
C ILE B 550 26.78 7.66 -6.16
N SER B 551 27.28 8.65 -6.90
CA SER B 551 28.54 9.30 -6.56
C SER B 551 28.61 10.64 -7.27
N ASN B 552 29.73 11.34 -7.07
CA ASN B 552 29.94 12.64 -7.71
C ASN B 552 30.11 12.53 -9.22
N LEU B 553 30.60 11.39 -9.71
CA LEU B 553 30.84 11.27 -11.15
C LEU B 553 29.54 11.23 -11.94
N LEU B 554 28.43 10.86 -11.30
CA LEU B 554 27.17 10.80 -12.00
C LEU B 554 26.59 12.20 -12.18
N VAL B 555 25.78 12.36 -13.24
CA VAL B 555 25.18 13.62 -13.60
C VAL B 555 23.67 13.52 -13.38
N ALA B 556 23.11 14.49 -12.67
CA ALA B 556 21.68 14.51 -12.37
C ALA B 556 20.94 15.25 -13.47
N THR B 557 20.00 14.56 -14.11
CA THR B 557 19.18 15.14 -15.17
C THR B 557 17.71 14.88 -14.86
N LYS B 558 16.86 15.73 -15.45
CA LYS B 558 15.42 15.61 -15.22
C LYS B 558 14.88 14.27 -15.71
N LYS B 559 15.32 13.83 -16.90
CA LYS B 559 14.81 12.60 -17.46
C LYS B 559 15.29 11.38 -16.69
N ALA B 560 16.54 11.39 -16.23
CA ALA B 560 17.03 10.30 -15.39
C ALA B 560 16.43 10.32 -14.00
N GLN B 561 15.92 11.48 -13.56
CA GLN B 561 15.26 11.54 -12.26
C GLN B 561 14.02 10.67 -12.22
N GLU B 562 13.28 10.62 -13.34
CA GLU B 562 12.09 9.77 -13.40
C GLU B 562 12.42 8.29 -13.30
N TRP B 563 13.66 7.91 -13.58
CA TRP B 563 14.08 6.51 -13.48
C TRP B 563 14.66 6.16 -12.12
N GLN B 564 14.59 7.07 -11.17
CA GLN B 564 15.06 6.77 -9.82
C GLN B 564 14.16 5.70 -9.19
N PRO B 565 14.73 4.74 -8.48
CA PRO B 565 13.91 3.70 -7.85
C PRO B 565 13.02 4.27 -6.75
N VAL B 566 11.86 3.66 -6.59
CA VAL B 566 10.91 4.11 -5.59
C VAL B 566 11.35 3.66 -4.20
N TYR B 567 10.88 4.37 -3.18
CA TYR B 567 11.21 4.08 -1.79
C TYR B 567 10.05 3.30 -1.17
N SER B 568 10.26 2.01 -0.94
CA SER B 568 9.25 1.14 -0.33
C SER B 568 9.90 0.28 0.74
N MET B 569 10.68 0.92 1.62
CA MET B 569 11.40 0.18 2.65
C MET B 569 10.46 -0.45 3.66
N SER B 570 9.31 0.17 3.91
CA SER B 570 8.34 -0.33 4.87
C SER B 570 6.92 -0.14 4.37
N GLN B 571 6.66 -0.57 3.14
CA GLN B 571 5.35 -0.40 2.51
C GLN B 571 4.97 -1.67 1.77
N LEU B 572 3.81 -2.23 2.10
CA LEU B 572 3.18 -3.29 1.32
C LEU B 572 1.79 -2.86 0.88
N SER B 573 1.52 -3.01 -0.41
CA SER B 573 0.22 -2.74 -0.99
C SER B 573 -0.23 -3.95 -1.78
N PHE B 574 -1.54 -4.20 -1.79
CA PHE B 574 -2.10 -5.34 -2.50
C PHE B 574 -3.59 -5.10 -2.70
N ASP B 575 -4.15 -5.85 -3.65
CA ASP B 575 -5.56 -5.77 -3.98
C ASP B 575 -6.26 -7.06 -3.58
N ARG B 576 -7.42 -6.91 -2.95
CA ARG B 576 -8.20 -8.06 -2.51
C ARG B 576 -9.06 -8.58 -3.65
N ILE B 577 -9.33 -9.88 -3.62
CA ILE B 577 -10.25 -10.50 -4.55
C ILE B 577 -11.42 -11.04 -3.75
N LEU B 578 -12.62 -10.58 -4.08
CA LEU B 578 -13.81 -10.98 -3.33
C LEU B 578 -14.05 -12.48 -3.47
N LYS B 579 -14.42 -13.11 -2.37
CA LYS B 579 -14.58 -14.56 -2.35
C LYS B 579 -15.66 -15.03 -3.31
N LYS B 580 -16.64 -14.19 -3.64
CA LYS B 580 -17.67 -14.56 -4.59
C LYS B 580 -17.22 -14.42 -6.04
N ASP B 581 -16.04 -13.88 -6.28
CA ASP B 581 -15.54 -13.64 -7.63
C ASP B 581 -14.66 -14.76 -8.15
N ILE B 582 -14.42 -15.80 -7.36
CA ILE B 582 -13.53 -16.89 -7.74
C ILE B 582 -14.28 -18.20 -7.63
N ILE B 583 -13.82 -19.20 -8.39
CA ILE B 583 -14.33 -20.55 -8.34
C ILE B 583 -13.15 -21.50 -8.12
N GLN B 584 -13.23 -22.31 -7.07
CA GLN B 584 -12.16 -23.23 -6.75
C GLN B 584 -12.31 -24.51 -7.57
N GLY B 585 -11.21 -24.97 -8.16
CA GLY B 585 -11.24 -26.16 -8.99
C GLY B 585 -10.44 -27.32 -8.43
N GLU B 586 -10.05 -28.25 -9.30
CA GLU B 586 -9.35 -29.45 -8.87
C GLU B 586 -7.91 -29.12 -8.49
N HIS B 587 -7.34 -29.98 -7.65
CA HIS B 587 -5.98 -29.81 -7.19
C HIS B 587 -4.99 -30.04 -8.34
N LEU B 588 -3.77 -29.54 -8.14
CA LEU B 588 -2.72 -29.66 -9.14
C LEU B 588 -1.41 -30.21 -8.59
N GLY B 589 -1.24 -30.27 -7.29
CA GLY B 589 -0.01 -30.75 -6.68
C GLY B 589 0.41 -29.81 -5.56
N ARG B 590 1.11 -30.36 -4.58
CA ARG B 590 1.52 -29.62 -3.39
C ARG B 590 2.92 -29.06 -3.60
N GLY B 591 3.08 -27.77 -3.33
CA GLY B 591 4.38 -27.12 -3.41
C GLY B 591 5.08 -27.11 -2.06
N THR B 592 6.02 -26.18 -1.92
CA THR B 592 6.74 -26.02 -0.65
C THR B 592 5.79 -25.37 0.34
N ARG B 593 5.10 -26.22 1.12
CA ARG B 593 4.10 -25.76 2.09
C ARG B 593 3.01 -24.92 1.42
N THR B 594 2.63 -25.32 0.22
CA THR B 594 1.65 -24.59 -0.57
C THR B 594 0.86 -25.56 -1.43
N HIS B 595 -0.44 -25.35 -1.50
CA HIS B 595 -1.33 -26.14 -2.34
C HIS B 595 -1.98 -25.27 -3.40
N ILE B 596 -2.08 -25.81 -4.61
CA ILE B 596 -2.59 -25.08 -5.76
C ILE B 596 -3.76 -25.87 -6.34
N TYR B 597 -4.86 -25.17 -6.62
CA TYR B 597 -6.04 -25.76 -7.24
C TYR B 597 -6.31 -25.04 -8.56
N SER B 598 -7.22 -25.61 -9.34
CA SER B 598 -7.72 -24.92 -10.52
C SER B 598 -8.53 -23.71 -10.10
N GLY B 599 -8.47 -22.65 -10.90
CA GLY B 599 -9.15 -21.42 -10.56
C GLY B 599 -9.76 -20.76 -11.76
N THR B 600 -10.81 -19.97 -11.51
CA THR B 600 -11.48 -19.19 -12.52
C THR B 600 -11.99 -17.90 -11.90
N LEU B 601 -11.68 -16.78 -12.54
CA LEU B 601 -12.05 -15.46 -12.05
C LEU B 601 -13.25 -14.93 -12.84
N LEU B 602 -14.13 -14.22 -12.15
CA LEU B 602 -15.36 -13.70 -12.74
C LEU B 602 -15.44 -12.20 -12.54
N ASP B 603 -15.90 -11.50 -13.59
CA ASP B 603 -16.16 -10.06 -13.54
C ASP B 603 -14.91 -9.28 -13.14
N TYR B 604 -13.91 -9.36 -14.01
CA TYR B 604 -12.66 -8.65 -13.79
C TYR B 604 -12.53 -7.46 -14.73
N GLU B 613 -14.20 -8.63 -19.99
CA GLU B 613 -14.57 -10.02 -20.18
C GLU B 613 -14.91 -10.69 -18.86
N LYS B 614 -15.16 -11.99 -18.90
CA LYS B 614 -15.49 -12.74 -17.71
C LYS B 614 -15.19 -14.22 -17.97
N LYS B 615 -15.29 -15.01 -16.90
CA LYS B 615 -15.03 -16.46 -16.95
C LYS B 615 -13.63 -16.75 -17.47
N ILE B 616 -12.64 -16.25 -16.74
CA ILE B 616 -11.23 -16.41 -17.10
C ILE B 616 -10.58 -17.38 -16.12
N LYS B 617 -9.97 -18.43 -16.65
CA LYS B 617 -9.28 -19.41 -15.81
C LYS B 617 -8.03 -18.77 -15.21
N VAL B 618 -7.86 -18.95 -13.90
CA VAL B 618 -6.71 -18.40 -13.18
C VAL B 618 -6.05 -19.52 -12.39
N ILE B 619 -4.92 -19.18 -11.78
CA ILE B 619 -4.17 -20.10 -10.93
C ILE B 619 -4.20 -19.59 -9.51
N LEU B 620 -4.65 -20.43 -8.59
CA LEU B 620 -4.76 -20.07 -7.18
C LEU B 620 -3.74 -20.88 -6.39
N LYS B 621 -3.15 -20.25 -5.37
CA LYS B 621 -2.15 -20.89 -4.52
C LYS B 621 -2.53 -20.69 -3.07
N VAL B 622 -2.61 -21.78 -2.32
CA VAL B 622 -3.08 -21.76 -0.93
C VAL B 622 -1.91 -22.08 -0.01
N LEU B 623 -1.61 -21.18 0.91
CA LEU B 623 -0.59 -21.45 1.92
C LEU B 623 -1.06 -22.55 2.85
N ASP B 624 -0.14 -23.43 3.22
CA ASP B 624 -0.49 -24.58 4.04
C ASP B 624 -0.90 -24.13 5.44
N PRO B 625 -2.00 -24.65 5.99
CA PRO B 625 -2.43 -24.24 7.34
C PRO B 625 -1.44 -24.60 8.42
N SER B 626 -0.57 -25.60 8.20
CA SER B 626 0.40 -25.97 9.22
C SER B 626 1.45 -24.90 9.41
N HIS B 627 1.57 -23.95 8.49
CA HIS B 627 2.61 -22.94 8.51
C HIS B 627 2.02 -21.55 8.36
N ARG B 628 0.95 -21.28 9.10
CA ARG B 628 0.41 -19.93 9.14
C ARG B 628 1.32 -18.96 9.88
N ASP B 629 2.32 -19.45 10.62
CA ASP B 629 3.28 -18.59 11.27
C ASP B 629 4.12 -17.80 10.27
N ILE B 630 4.27 -18.31 9.05
CA ILE B 630 5.09 -17.66 8.03
C ILE B 630 4.24 -16.77 7.12
N SER B 631 3.06 -16.34 7.59
CA SER B 631 2.23 -15.45 6.80
C SER B 631 2.93 -14.14 6.48
N LEU B 632 4.00 -13.79 7.21
CA LEU B 632 4.78 -12.61 6.87
C LEU B 632 5.42 -12.76 5.49
N ALA B 633 6.34 -13.71 5.35
CA ALA B 633 6.97 -13.96 4.05
C ALA B 633 5.92 -14.14 2.96
N PHE B 634 4.80 -14.80 3.31
CA PHE B 634 3.64 -14.83 2.43
C PHE B 634 3.23 -13.44 1.97
N PHE B 635 3.10 -12.51 2.92
CA PHE B 635 2.62 -11.17 2.60
C PHE B 635 3.61 -10.39 1.74
N GLU B 636 4.88 -10.35 2.15
CA GLU B 636 5.86 -9.59 1.38
C GLU B 636 6.31 -10.33 0.12
N ALA B 637 5.88 -11.57 -0.08
CA ALA B 637 6.04 -12.20 -1.39
C ALA B 637 4.88 -11.83 -2.30
N ALA B 638 3.66 -11.82 -1.76
CA ALA B 638 2.51 -11.37 -2.54
C ALA B 638 2.63 -9.91 -2.92
N SER B 639 3.29 -9.11 -2.09
CA SER B 639 3.38 -7.67 -2.36
C SER B 639 4.48 -7.35 -3.34
N MET B 640 5.61 -8.05 -3.26
CA MET B 640 6.77 -7.70 -4.09
C MET B 640 6.50 -7.87 -5.58
N MET B 641 5.56 -8.75 -5.95
CA MET B 641 5.21 -8.95 -7.34
C MET B 641 4.26 -7.88 -7.87
N ARG B 642 3.74 -7.00 -6.99
CA ARG B 642 2.89 -5.91 -7.45
C ARG B 642 3.68 -4.88 -8.23
N GLN B 643 4.94 -4.66 -7.84
CA GLN B 643 5.75 -3.61 -8.46
C GLN B 643 6.37 -4.05 -9.78
N VAL B 644 6.61 -5.35 -9.97
CA VAL B 644 7.26 -5.80 -11.19
C VAL B 644 6.31 -5.67 -12.37
N SER B 645 6.87 -5.41 -13.55
CA SER B 645 6.08 -5.29 -14.78
C SER B 645 6.99 -5.67 -15.95
N HIS B 646 6.91 -6.92 -16.37
CA HIS B 646 7.70 -7.39 -17.50
C HIS B 646 6.97 -8.56 -18.16
N LYS B 647 7.20 -8.71 -19.47
CA LYS B 647 6.51 -9.74 -20.22
C LYS B 647 6.99 -11.15 -19.88
N HIS B 648 8.14 -11.28 -19.23
CA HIS B 648 8.67 -12.59 -18.85
C HIS B 648 8.33 -12.96 -17.42
N ILE B 649 7.43 -12.22 -16.77
CA ILE B 649 7.05 -12.49 -15.39
C ILE B 649 5.55 -12.78 -15.35
N VAL B 650 5.13 -13.49 -14.30
CA VAL B 650 3.72 -13.80 -14.13
C VAL B 650 2.94 -12.51 -13.85
N TYR B 651 1.62 -12.60 -13.99
CA TYR B 651 0.72 -11.52 -13.63
C TYR B 651 -0.17 -11.97 -12.48
N LEU B 652 -0.18 -11.19 -11.41
CA LEU B 652 -1.00 -11.45 -10.24
C LEU B 652 -2.20 -10.52 -10.23
N TYR B 653 -3.41 -11.09 -10.30
CA TYR B 653 -4.61 -10.27 -10.23
C TYR B 653 -4.81 -9.70 -8.84
N GLY B 654 -4.16 -10.26 -7.83
CA GLY B 654 -4.28 -9.78 -6.48
C GLY B 654 -4.22 -10.93 -5.48
N VAL B 655 -4.91 -10.74 -4.36
CA VAL B 655 -4.97 -11.72 -3.29
C VAL B 655 -6.42 -11.90 -2.87
N CYS B 656 -6.74 -13.10 -2.39
CA CYS B 656 -8.09 -13.44 -1.99
C CYS B 656 -8.13 -13.66 -0.49
N PHE B 657 -9.21 -13.19 0.14
CA PHE B 657 -9.42 -13.33 1.57
C PHE B 657 -10.76 -13.99 1.85
N ARG B 658 -10.74 -15.02 2.70
CA ARG B 658 -11.95 -15.60 3.25
C ARG B 658 -11.55 -16.48 4.41
N ASP B 659 -12.35 -16.47 5.48
CA ASP B 659 -12.05 -17.19 6.70
C ASP B 659 -10.66 -16.81 7.21
N VAL B 660 -9.72 -17.75 7.11
CA VAL B 660 -8.34 -17.50 7.50
C VAL B 660 -7.35 -17.73 6.37
N GLU B 661 -7.69 -18.57 5.40
CA GLU B 661 -6.78 -18.89 4.30
C GLU B 661 -6.76 -17.77 3.27
N ASN B 662 -5.75 -17.81 2.40
CA ASN B 662 -5.53 -16.78 1.40
C ASN B 662 -5.04 -17.42 0.11
N ILE B 663 -5.15 -16.67 -0.98
CA ILE B 663 -4.83 -17.17 -2.31
C ILE B 663 -4.17 -16.07 -3.14
N MET B 664 -3.10 -16.43 -3.85
CA MET B 664 -2.55 -15.59 -4.91
C MET B 664 -3.17 -16.02 -6.23
N VAL B 665 -3.95 -15.13 -6.85
CA VAL B 665 -4.54 -15.36 -8.15
C VAL B 665 -3.55 -14.92 -9.22
N GLU B 666 -2.90 -15.88 -9.86
CA GLU B 666 -1.83 -15.63 -10.80
C GLU B 666 -2.25 -16.03 -12.21
N GLU B 667 -1.42 -15.65 -13.18
CA GLU B 667 -1.70 -15.95 -14.58
C GLU B 667 -1.53 -17.44 -14.86
N PHE B 668 -2.46 -18.00 -15.63
CA PHE B 668 -2.39 -19.39 -16.07
C PHE B 668 -1.78 -19.45 -17.46
N VAL B 669 -0.90 -20.42 -17.66
CA VAL B 669 -0.31 -20.69 -18.97
C VAL B 669 -0.37 -22.19 -19.22
N GLU B 670 -0.86 -22.57 -20.40
CA GLU B 670 -0.98 -23.98 -20.76
C GLU B 670 0.33 -24.60 -21.21
N GLY B 671 1.36 -23.79 -21.48
CA GLY B 671 2.63 -24.34 -21.91
C GLY B 671 3.28 -25.23 -20.88
N GLY B 672 3.10 -24.93 -19.60
CA GLY B 672 3.62 -25.76 -18.54
C GLY B 672 5.09 -25.52 -18.30
N PRO B 673 5.65 -26.19 -17.29
CA PRO B 673 7.07 -26.02 -16.98
C PRO B 673 7.96 -26.62 -18.07
N LEU B 674 9.12 -26.01 -18.24
CA LEU B 674 10.08 -26.46 -19.25
C LEU B 674 10.82 -27.71 -18.83
N ASP B 675 10.70 -28.14 -17.57
CA ASP B 675 11.48 -29.28 -17.09
C ASP B 675 11.13 -30.55 -17.87
N LEU B 676 9.90 -31.04 -17.72
CA LEU B 676 9.52 -32.26 -18.43
C LEU B 676 9.40 -32.03 -19.92
N PHE B 677 9.09 -30.79 -20.33
CA PHE B 677 9.10 -30.46 -21.75
C PHE B 677 10.45 -30.75 -22.38
N MET B 678 11.52 -30.27 -21.75
CA MET B 678 12.87 -30.52 -22.23
C MET B 678 13.24 -31.99 -22.02
N HIS B 679 12.73 -32.60 -20.96
CA HIS B 679 12.98 -34.02 -20.71
C HIS B 679 12.43 -34.89 -21.83
N ARG B 680 11.31 -34.49 -22.43
CA ARG B 680 10.59 -35.35 -23.36
C ARG B 680 11.14 -35.35 -24.77
N LYS B 681 11.62 -34.22 -25.27
CA LYS B 681 12.10 -34.10 -26.64
C LYS B 681 13.54 -33.60 -26.69
N SER B 682 14.41 -34.22 -25.87
CA SER B 682 15.80 -33.81 -25.85
C SER B 682 16.47 -34.00 -27.21
N ASP B 683 16.21 -35.12 -27.86
CA ASP B 683 16.81 -35.41 -29.15
C ASP B 683 16.41 -34.41 -30.22
N ALA B 684 15.29 -33.71 -30.04
CA ALA B 684 14.82 -32.74 -31.02
C ALA B 684 15.28 -31.32 -30.73
N LEU B 685 15.95 -31.08 -29.61
CA LEU B 685 16.33 -29.73 -29.26
C LEU B 685 17.42 -29.20 -30.18
N THR B 686 17.51 -27.88 -30.27
CA THR B 686 18.50 -27.21 -31.10
C THR B 686 19.29 -26.20 -30.26
N THR B 687 20.36 -25.70 -30.86
CA THR B 687 21.29 -24.80 -30.20
C THR B 687 20.76 -23.37 -30.11
N PRO B 688 20.24 -22.77 -31.18
CA PRO B 688 19.63 -21.45 -31.03
C PRO B 688 18.47 -21.45 -30.06
N TRP B 689 17.81 -22.61 -29.91
CA TRP B 689 16.74 -22.72 -28.92
C TRP B 689 17.26 -22.39 -27.53
N LYS B 690 18.33 -23.06 -27.09
CA LYS B 690 18.83 -22.79 -25.76
C LYS B 690 19.51 -21.43 -25.68
N PHE B 691 20.12 -20.96 -26.77
CA PHE B 691 20.66 -19.60 -26.76
C PHE B 691 19.57 -18.58 -26.44
N LYS B 692 18.45 -18.63 -27.17
CA LYS B 692 17.41 -17.65 -26.94
C LYS B 692 16.74 -17.88 -25.58
N VAL B 693 16.64 -19.13 -25.14
CA VAL B 693 16.07 -19.40 -23.82
C VAL B 693 16.91 -18.73 -22.74
N ALA B 694 18.24 -18.91 -22.82
CA ALA B 694 19.12 -18.31 -21.84
C ALA B 694 19.08 -16.79 -21.91
N LYS B 695 19.06 -16.22 -23.12
CA LYS B 695 19.17 -14.78 -23.22
C LYS B 695 17.92 -14.08 -22.69
N GLN B 696 16.74 -14.67 -22.89
CA GLN B 696 15.52 -14.02 -22.44
C GLN B 696 15.41 -14.06 -20.91
N LEU B 697 15.80 -15.18 -20.30
CA LEU B 697 15.78 -15.23 -18.84
C LEU B 697 16.89 -14.36 -18.25
N ALA B 698 18.01 -14.22 -18.95
CA ALA B 698 19.04 -13.29 -18.50
C ALA B 698 18.54 -11.85 -18.56
N SER B 699 17.79 -11.51 -19.61
CA SER B 699 17.20 -10.18 -19.68
C SER B 699 16.18 -9.97 -18.56
N ALA B 700 15.40 -11.02 -18.26
CA ALA B 700 14.45 -10.93 -17.14
C ALA B 700 15.18 -10.71 -15.83
N LEU B 701 16.30 -11.40 -15.62
CA LEU B 701 17.08 -11.22 -14.41
C LEU B 701 17.70 -9.83 -14.34
N SER B 702 18.12 -9.29 -15.48
CA SER B 702 18.60 -7.92 -15.52
C SER B 702 17.50 -6.93 -15.16
N TYR B 703 16.29 -7.17 -15.65
CA TYR B 703 15.15 -6.36 -15.25
C TYR B 703 14.90 -6.46 -13.76
N LEU B 704 15.01 -7.66 -13.20
CA LEU B 704 14.81 -7.85 -11.77
C LEU B 704 15.84 -7.07 -10.96
N GLU B 705 17.12 -7.19 -11.31
CA GLU B 705 18.15 -6.47 -10.60
C GLU B 705 18.07 -4.96 -10.82
N ASP B 706 17.46 -4.53 -11.94
CA ASP B 706 17.29 -3.11 -12.19
C ASP B 706 16.32 -2.44 -11.23
N LYS B 707 15.48 -3.22 -10.55
CA LYS B 707 14.55 -2.70 -9.56
C LYS B 707 14.95 -3.07 -8.14
N ASP B 708 16.17 -3.58 -7.95
CA ASP B 708 16.70 -3.93 -6.64
C ASP B 708 15.78 -4.92 -5.93
N LEU B 709 15.51 -6.04 -6.62
CA LEU B 709 14.69 -7.11 -6.09
C LEU B 709 15.43 -8.43 -6.25
N VAL B 710 15.12 -9.38 -5.37
CA VAL B 710 15.83 -10.64 -5.29
C VAL B 710 14.88 -11.78 -5.61
N HIS B 711 15.37 -12.78 -6.32
CA HIS B 711 14.63 -14.01 -6.60
C HIS B 711 15.53 -15.19 -6.25
N GLY B 712 15.23 -15.85 -5.15
CA GLY B 712 16.10 -16.91 -4.66
C GLY B 712 15.71 -18.29 -5.14
N ASN B 713 14.93 -18.37 -6.21
CA ASN B 713 14.47 -19.64 -6.75
C ASN B 713 14.61 -19.65 -8.27
N VAL B 714 15.74 -19.16 -8.76
CA VAL B 714 16.04 -19.19 -10.19
C VAL B 714 16.44 -20.62 -10.52
N CYS B 715 15.48 -21.41 -11.00
CA CYS B 715 15.73 -22.82 -11.29
C CYS B 715 14.82 -23.25 -12.43
N THR B 716 15.11 -24.44 -12.97
CA THR B 716 14.31 -24.96 -14.07
C THR B 716 12.87 -25.20 -13.65
N LYS B 717 12.64 -25.57 -12.38
CA LYS B 717 11.28 -25.78 -11.92
C LYS B 717 10.48 -24.49 -11.89
N ASN B 718 11.13 -23.34 -11.88
CA ASN B 718 10.46 -22.05 -11.94
C ASN B 718 10.47 -21.46 -13.34
N LEU B 719 10.69 -22.29 -14.37
CA LEU B 719 10.68 -21.86 -15.76
C LEU B 719 9.52 -22.55 -16.45
N LEU B 720 8.50 -21.78 -16.80
CA LEU B 720 7.28 -22.31 -17.39
C LEU B 720 7.16 -21.85 -18.83
N LEU B 721 6.90 -22.79 -19.73
CA LEU B 721 6.79 -22.51 -21.15
C LEU B 721 5.47 -21.81 -21.47
N ALA B 722 5.49 -21.00 -22.54
CA ALA B 722 4.30 -20.35 -23.06
C ALA B 722 3.89 -20.85 -24.43
N ARG B 723 4.80 -20.84 -25.40
CA ARG B 723 4.50 -21.32 -26.75
C ARG B 723 5.55 -22.33 -27.16
N GLU B 724 5.16 -23.23 -28.07
CA GLU B 724 6.04 -24.33 -28.46
C GLU B 724 7.02 -23.91 -29.55
N GLY B 725 6.50 -23.56 -30.73
CA GLY B 725 7.35 -23.06 -31.80
C GLY B 725 8.42 -23.99 -32.31
N ILE B 726 8.47 -25.25 -31.84
CA ILE B 726 9.49 -26.17 -32.33
C ILE B 726 9.31 -26.43 -33.82
N ASP B 727 8.07 -26.62 -34.26
CA ASP B 727 7.82 -27.02 -35.64
C ASP B 727 8.27 -25.95 -36.63
N SER B 728 8.08 -24.68 -36.29
CA SER B 728 8.31 -23.60 -37.23
C SER B 728 9.45 -22.70 -36.74
N ASP B 729 9.72 -21.63 -37.49
CA ASP B 729 10.81 -20.72 -37.17
C ASP B 729 10.55 -19.93 -35.91
N ILE B 730 9.28 -19.73 -35.53
CA ILE B 730 8.98 -18.96 -34.33
C ILE B 730 9.59 -19.65 -33.12
N GLY B 731 10.05 -18.82 -32.17
CA GLY B 731 10.69 -19.33 -30.99
C GLY B 731 9.73 -19.53 -29.84
N PRO B 732 9.99 -20.52 -28.99
CA PRO B 732 9.21 -20.69 -27.78
C PRO B 732 9.30 -19.46 -26.88
N PHE B 733 8.35 -19.37 -25.95
CA PHE B 733 8.34 -18.30 -24.96
C PHE B 733 8.28 -18.92 -23.57
N ILE B 734 9.07 -18.38 -22.66
CA ILE B 734 9.05 -18.79 -21.25
C ILE B 734 8.80 -17.55 -20.40
N LYS B 735 8.38 -17.79 -19.17
CA LYS B 735 8.08 -16.72 -18.23
C LYS B 735 8.43 -17.16 -16.81
N LEU B 736 8.95 -16.22 -16.03
CA LEU B 736 9.42 -16.50 -14.68
C LEU B 736 8.25 -16.55 -13.70
N SER B 737 8.29 -17.52 -12.80
CA SER B 737 7.23 -17.72 -11.83
C SER B 737 7.54 -16.93 -10.55
N ASP B 738 6.75 -17.16 -9.51
CA ASP B 738 6.90 -16.44 -8.26
C ASP B 738 8.13 -16.91 -7.50
N PRO B 739 8.72 -16.04 -6.66
CA PRO B 739 9.85 -16.48 -5.83
C PRO B 739 9.49 -17.58 -4.85
N GLY B 740 8.26 -17.59 -4.34
CA GLY B 740 7.86 -18.60 -3.38
C GLY B 740 8.35 -18.29 -1.98
N ILE B 741 8.46 -19.34 -1.17
CA ILE B 741 8.89 -19.18 0.22
C ILE B 741 10.37 -18.79 0.25
N PRO B 742 10.77 -17.83 1.07
CA PRO B 742 12.20 -17.50 1.16
C PRO B 742 13.00 -18.58 1.85
N VAL B 743 14.27 -18.68 1.46
CA VAL B 743 15.18 -19.64 2.08
C VAL B 743 15.53 -19.24 3.50
N SER B 744 15.33 -17.98 3.86
CA SER B 744 15.71 -17.49 5.18
C SER B 744 14.96 -18.19 6.30
N VAL B 745 13.85 -18.86 5.98
CA VAL B 745 13.05 -19.58 6.97
C VAL B 745 13.21 -21.08 6.86
N LEU B 746 13.96 -21.56 5.87
CA LEU B 746 14.18 -22.99 5.73
C LEU B 746 15.12 -23.50 6.81
N THR B 747 15.01 -24.79 7.10
CA THR B 747 15.85 -25.41 8.10
C THR B 747 17.29 -25.51 7.59
N ARG B 748 18.21 -25.76 8.52
CA ARG B 748 19.60 -25.97 8.15
C ARG B 748 19.73 -27.15 7.19
N GLN B 749 18.98 -28.22 7.46
CA GLN B 749 18.93 -29.34 6.52
C GLN B 749 18.35 -28.89 5.18
N GLU B 750 17.28 -28.10 5.23
CA GLU B 750 16.68 -27.62 3.98
C GLU B 750 17.58 -26.65 3.23
N CYS B 751 18.63 -26.14 3.87
CA CYS B 751 19.59 -25.30 3.18
C CYS B 751 20.65 -26.11 2.43
N ILE B 752 20.68 -27.43 2.60
CA ILE B 752 21.70 -28.24 1.96
C ILE B 752 21.17 -29.01 0.75
N GLU B 753 19.85 -29.20 0.64
CA GLU B 753 19.31 -29.87 -0.54
C GLU B 753 19.26 -28.94 -1.75
N ARG B 754 19.25 -27.63 -1.56
CA ARG B 754 19.26 -26.68 -2.65
C ARG B 754 20.61 -26.60 -3.36
N ILE B 755 21.58 -27.40 -2.93
CA ILE B 755 22.91 -27.40 -3.55
C ILE B 755 22.80 -28.00 -4.94
N PRO B 756 23.41 -27.40 -5.97
CA PRO B 756 24.27 -26.22 -5.94
C PRO B 756 23.54 -24.92 -6.25
N TRP B 757 22.21 -24.91 -6.26
CA TRP B 757 21.49 -23.69 -6.61
C TRP B 757 21.66 -22.61 -5.56
N ILE B 758 21.84 -22.99 -4.30
CA ILE B 758 21.98 -22.03 -3.21
C ILE B 758 23.43 -21.56 -3.14
N ALA B 759 23.60 -20.28 -2.81
CA ALA B 759 24.94 -19.73 -2.67
C ALA B 759 25.51 -20.07 -1.30
N PRO B 760 26.79 -20.43 -1.21
CA PRO B 760 27.39 -20.74 0.10
C PRO B 760 27.36 -19.57 1.06
N GLU B 761 27.26 -18.33 0.55
CA GLU B 761 27.19 -17.18 1.45
C GLU B 761 25.93 -17.22 2.30
N CYS B 762 24.79 -17.53 1.69
CA CYS B 762 23.56 -17.68 2.46
C CYS B 762 23.63 -18.90 3.36
N VAL B 763 24.36 -19.93 2.94
CA VAL B 763 24.54 -21.11 3.77
C VAL B 763 25.28 -20.76 5.05
N GLU B 764 26.32 -19.94 4.94
CA GLU B 764 27.07 -19.50 6.13
C GLU B 764 26.16 -18.69 7.04
N ASP B 765 25.36 -17.80 6.48
CA ASP B 765 24.41 -17.02 7.27
C ASP B 765 23.29 -16.55 6.35
N SER B 766 22.06 -16.85 6.71
CA SER B 766 20.92 -16.46 5.89
C SER B 766 20.82 -14.94 5.76
N LYS B 767 21.29 -14.21 6.77
CA LYS B 767 21.25 -12.76 6.74
C LYS B 767 22.12 -12.16 5.64
N ASN B 768 23.05 -12.95 5.08
CA ASN B 768 23.93 -12.47 4.02
C ASN B 768 23.27 -12.49 2.65
N LEU B 769 21.94 -12.60 2.59
CA LEU B 769 21.25 -12.63 1.30
C LEU B 769 21.41 -11.29 0.58
N SER B 770 21.57 -11.36 -0.73
CA SER B 770 21.75 -10.17 -1.55
C SER B 770 21.39 -10.52 -2.99
N VAL B 771 21.39 -9.49 -3.85
CA VAL B 771 21.10 -9.71 -5.27
C VAL B 771 22.23 -10.45 -5.97
N ALA B 772 23.43 -10.44 -5.39
CA ALA B 772 24.56 -11.12 -6.02
C ALA B 772 24.38 -12.63 -6.08
N ALA B 773 23.60 -13.21 -5.16
CA ALA B 773 23.40 -14.65 -5.15
C ALA B 773 22.57 -15.13 -6.34
N ASP B 774 21.83 -14.24 -6.99
CA ASP B 774 21.02 -14.65 -8.14
C ASP B 774 21.90 -15.12 -9.29
N LYS B 775 23.10 -14.57 -9.43
CA LYS B 775 24.02 -15.02 -10.48
C LYS B 775 24.44 -16.46 -10.30
N TRP B 776 24.54 -16.93 -9.06
CA TRP B 776 24.91 -18.33 -8.82
C TRP B 776 23.83 -19.27 -9.34
N SER B 777 22.56 -18.99 -9.00
CA SER B 777 21.47 -19.79 -9.55
C SER B 777 21.38 -19.64 -11.06
N PHE B 778 21.70 -18.46 -11.59
CA PHE B 778 21.73 -18.26 -13.03
C PHE B 778 22.73 -19.19 -13.69
N GLY B 779 23.95 -19.25 -13.15
CA GLY B 779 24.95 -20.15 -13.71
C GLY B 779 24.59 -21.62 -13.53
N THR B 780 23.98 -21.95 -12.40
CA THR B 780 23.53 -23.33 -12.18
C THR B 780 22.50 -23.72 -13.23
N THR B 781 21.54 -22.85 -13.52
CA THR B 781 20.57 -23.11 -14.57
C THR B 781 21.24 -23.18 -15.94
N LEU B 782 22.23 -22.32 -16.18
CA LEU B 782 22.96 -22.37 -17.44
C LEU B 782 23.59 -23.74 -17.65
N TRP B 783 24.23 -24.28 -16.60
CA TRP B 783 24.77 -25.63 -16.73
C TRP B 783 23.65 -26.65 -16.90
N GLU B 784 22.55 -26.48 -16.17
CA GLU B 784 21.47 -27.47 -16.20
C GLU B 784 20.89 -27.60 -17.61
N ILE B 785 20.70 -26.48 -18.31
CA ILE B 785 20.09 -26.53 -19.63
C ILE B 785 21.10 -27.05 -20.66
N CYS B 786 22.38 -27.10 -20.31
CA CYS B 786 23.37 -27.59 -21.25
C CYS B 786 23.47 -29.10 -21.30
N TYR B 787 22.88 -29.80 -20.32
CA TYR B 787 22.98 -31.25 -20.23
C TYR B 787 21.61 -31.90 -20.14
N ASN B 788 20.69 -31.48 -21.01
CA ASN B 788 19.35 -32.07 -21.10
C ASN B 788 18.59 -31.97 -19.79
N GLY B 789 18.90 -30.97 -18.98
CA GLY B 789 18.22 -30.83 -17.70
C GLY B 789 18.56 -31.90 -16.68
N GLU B 790 19.69 -32.58 -16.85
CA GLU B 790 20.08 -33.62 -15.90
C GLU B 790 20.27 -33.03 -14.51
N ILE B 791 19.94 -33.82 -13.49
CA ILE B 791 20.04 -33.38 -12.10
C ILE B 791 21.50 -33.11 -11.77
N PRO B 792 21.87 -31.88 -11.42
CA PRO B 792 23.27 -31.61 -11.08
C PRO B 792 23.62 -32.13 -9.70
N LEU B 793 24.86 -32.60 -9.57
CA LEU B 793 25.41 -33.07 -8.29
C LEU B 793 24.59 -34.21 -7.71
N LYS B 794 24.01 -35.02 -8.58
CA LYS B 794 23.27 -36.18 -8.13
C LYS B 794 24.23 -37.25 -7.61
N ASP B 795 23.67 -38.25 -6.93
CA ASP B 795 24.42 -39.33 -6.31
C ASP B 795 25.45 -38.82 -5.31
N LYS B 796 25.19 -37.67 -4.70
CA LYS B 796 26.07 -37.07 -3.73
C LYS B 796 25.31 -36.82 -2.43
N THR B 797 25.87 -37.28 -1.31
CA THR B 797 25.21 -37.10 -0.03
C THR B 797 25.32 -35.65 0.42
N LEU B 798 24.51 -35.31 1.43
CA LEU B 798 24.53 -33.96 1.97
C LEU B 798 25.90 -33.60 2.52
N ILE B 799 26.52 -34.54 3.25
CA ILE B 799 27.84 -34.27 3.81
C ILE B 799 28.87 -34.09 2.70
N GLU B 800 28.71 -34.83 1.60
CA GLU B 800 29.61 -34.64 0.46
C GLU B 800 29.42 -33.26 -0.16
N LYS B 801 28.19 -32.78 -0.23
CA LYS B 801 27.94 -31.44 -0.76
C LYS B 801 28.52 -30.36 0.14
N GLU B 802 28.38 -30.54 1.45
CA GLU B 802 28.98 -29.61 2.40
C GLU B 802 30.50 -29.63 2.29
N ARG B 803 31.09 -30.81 2.09
CA ARG B 803 32.53 -30.89 1.87
C ARG B 803 32.92 -30.18 0.58
N PHE B 804 32.10 -30.32 -0.46
CA PHE B 804 32.35 -29.61 -1.71
C PHE B 804 32.40 -28.11 -1.50
N TYR B 805 31.43 -27.58 -0.74
CA TYR B 805 31.45 -26.15 -0.44
C TYR B 805 32.68 -25.78 0.37
N GLU B 806 32.95 -26.49 1.46
CA GLU B 806 34.05 -26.11 2.33
C GLU B 806 35.41 -26.34 1.69
N SER B 807 35.53 -27.31 0.77
CA SER B 807 36.79 -27.52 0.07
C SER B 807 37.10 -26.42 -0.93
N ARG B 808 36.14 -25.53 -1.20
CA ARG B 808 36.32 -24.42 -2.13
C ARG B 808 36.72 -24.90 -3.53
N CYS B 809 36.23 -26.06 -3.92
CA CYS B 809 36.49 -26.60 -5.25
C CYS B 809 35.37 -26.22 -6.21
N ARG B 810 35.67 -26.33 -7.50
CA ARG B 810 34.68 -26.02 -8.52
C ARG B 810 33.53 -27.00 -8.45
N PRO B 811 32.27 -26.52 -8.42
CA PRO B 811 31.13 -27.45 -8.33
C PRO B 811 31.03 -28.36 -9.54
N VAL B 812 31.01 -27.78 -10.74
CA VAL B 812 30.81 -28.56 -11.96
C VAL B 812 31.53 -27.87 -13.10
N THR B 813 31.92 -28.66 -14.10
CA THR B 813 32.63 -28.16 -15.27
C THR B 813 31.96 -28.66 -16.55
N PRO B 814 31.87 -27.83 -17.58
CA PRO B 814 31.39 -28.31 -18.87
C PRO B 814 32.52 -28.88 -19.72
N SER B 815 32.21 -29.25 -20.96
CA SER B 815 33.21 -29.78 -21.87
C SER B 815 33.69 -28.75 -22.89
N CYS B 816 33.24 -27.50 -22.77
CA CYS B 816 33.65 -26.44 -23.69
C CYS B 816 34.54 -25.45 -22.97
N LYS B 817 35.57 -24.97 -23.68
CA LYS B 817 36.49 -24.01 -23.11
C LYS B 817 35.81 -22.69 -22.79
N GLU B 818 35.05 -22.15 -23.73
CA GLU B 818 34.39 -20.86 -23.51
C GLU B 818 33.30 -20.98 -22.47
N LEU B 819 32.55 -22.09 -22.48
CA LEU B 819 31.53 -22.30 -21.46
C LEU B 819 32.15 -22.40 -20.08
N ALA B 820 33.27 -23.12 -19.96
CA ALA B 820 33.95 -23.20 -18.67
C ALA B 820 34.43 -21.83 -18.23
N ASP B 821 34.98 -21.05 -19.17
CA ASP B 821 35.43 -19.70 -18.83
C ASP B 821 34.28 -18.86 -18.30
N LEU B 822 33.16 -18.83 -19.01
CA LEU B 822 32.05 -17.99 -18.60
C LEU B 822 31.45 -18.46 -17.27
N MET B 823 31.40 -19.78 -17.06
CA MET B 823 30.88 -20.28 -15.79
C MET B 823 31.79 -19.88 -14.64
N THR B 824 33.09 -20.13 -14.77
CA THR B 824 34.02 -19.69 -13.75
C THR B 824 33.94 -18.19 -13.52
N ARG B 825 33.67 -17.42 -14.58
CA ARG B 825 33.50 -15.98 -14.41
C ARG B 825 32.25 -15.66 -13.60
N CYS B 826 31.18 -16.44 -13.79
CA CYS B 826 29.97 -16.22 -13.00
C CYS B 826 29.94 -17.05 -11.72
N MET B 827 30.70 -18.15 -11.65
CA MET B 827 30.77 -18.97 -10.46
C MET B 827 31.93 -18.54 -9.56
N ASN B 828 31.75 -17.39 -8.91
CA ASN B 828 32.78 -16.83 -8.05
C ASN B 828 32.36 -16.91 -6.59
N TYR B 829 33.28 -17.37 -5.74
CA TYR B 829 33.07 -17.39 -4.30
C TYR B 829 33.00 -16.01 -3.69
N ASP B 830 33.52 -14.99 -4.37
CA ASP B 830 33.46 -13.63 -3.86
C ASP B 830 32.22 -12.97 -4.43
N PRO B 831 31.20 -12.67 -3.62
CA PRO B 831 30.00 -12.04 -4.16
C PRO B 831 30.24 -10.67 -4.77
N ASN B 832 31.20 -9.91 -4.23
CA ASN B 832 31.51 -8.60 -4.76
C ASN B 832 32.37 -8.65 -6.02
N GLN B 833 32.92 -9.81 -6.37
CA GLN B 833 33.69 -9.96 -7.60
C GLN B 833 32.86 -10.48 -8.76
N ARG B 834 31.61 -10.84 -8.54
CA ARG B 834 30.80 -11.42 -9.61
C ARG B 834 30.44 -10.35 -10.65
N PRO B 835 30.71 -10.60 -11.93
CA PRO B 835 30.40 -9.60 -12.96
C PRO B 835 28.91 -9.45 -13.16
N PHE B 836 28.55 -8.41 -13.92
CA PHE B 836 27.16 -7.99 -13.98
C PHE B 836 26.43 -8.73 -15.10
N PHE B 837 25.09 -8.59 -15.10
CA PHE B 837 24.28 -9.31 -16.07
C PHE B 837 24.50 -8.80 -17.49
N ARG B 838 24.63 -7.49 -17.68
CA ARG B 838 24.83 -6.96 -19.02
C ARG B 838 26.13 -7.47 -19.63
N ALA B 839 27.17 -7.64 -18.80
CA ALA B 839 28.38 -8.29 -19.26
C ALA B 839 28.09 -9.72 -19.72
N ILE B 840 27.22 -10.43 -19.00
CA ILE B 840 26.87 -11.78 -19.42
C ILE B 840 26.16 -11.77 -20.75
N MET B 841 25.24 -10.82 -20.95
CA MET B 841 24.55 -10.74 -22.24
C MET B 841 25.53 -10.43 -23.36
N ARG B 842 26.45 -9.49 -23.15
CA ARG B 842 27.39 -9.19 -24.23
C ARG B 842 28.29 -10.38 -24.52
N ASP B 843 28.71 -11.09 -23.48
CA ASP B 843 29.57 -12.25 -23.68
C ASP B 843 28.84 -13.36 -24.44
N ILE B 844 27.59 -13.62 -24.07
CA ILE B 844 26.86 -14.69 -24.75
C ILE B 844 26.53 -14.29 -26.18
N ASN B 845 26.22 -13.01 -26.41
CA ASN B 845 25.97 -12.55 -27.77
C ASN B 845 27.23 -12.68 -28.63
N LYS B 846 28.40 -12.40 -28.03
CA LYS B 846 29.64 -12.57 -28.77
C LYS B 846 29.89 -14.04 -29.09
N LEU B 847 29.75 -14.91 -28.09
CA LEU B 847 30.12 -16.31 -28.28
C LEU B 847 29.15 -17.05 -29.18
N GLU B 848 27.86 -16.73 -29.11
CA GLU B 848 26.87 -17.47 -29.90
C GLU B 848 27.16 -17.38 -31.38
N GLU B 849 27.74 -16.26 -31.82
CA GLU B 849 28.23 -16.16 -33.18
C GLU B 849 29.69 -16.59 -33.30
N GLN B 850 30.45 -16.55 -32.21
CA GLN B 850 31.84 -16.99 -32.27
C GLN B 850 31.94 -18.49 -32.47
N ASN B 851 30.90 -19.23 -32.13
CA ASN B 851 30.95 -20.69 -32.13
C ASN B 851 30.01 -21.34 -33.13
N PRO B 852 30.42 -21.48 -34.40
CA PRO B 852 29.56 -22.16 -35.37
C PRO B 852 29.25 -23.60 -35.01
N ASP B 853 30.17 -24.31 -34.36
CA ASP B 853 29.91 -25.68 -33.96
C ASP B 853 28.93 -25.72 -32.80
N ILE B 854 27.89 -26.54 -32.94
CA ILE B 854 26.91 -26.67 -31.87
C ILE B 854 27.54 -27.33 -30.65
N VAL B 855 28.40 -28.32 -30.86
CA VAL B 855 29.04 -29.01 -29.76
C VAL B 855 30.51 -29.26 -30.08
N THR B 867 10.21 -45.89 -6.08
CA THR B 867 9.28 -45.94 -4.97
C THR B 867 9.29 -44.64 -4.18
N HIS B 868 9.47 -43.53 -4.90
CA HIS B 868 9.42 -42.20 -4.32
C HIS B 868 8.37 -41.39 -5.06
N PHE B 869 7.67 -40.53 -4.33
CA PHE B 869 6.63 -39.68 -4.91
C PHE B 869 6.92 -38.21 -4.59
N GLU B 870 6.59 -37.34 -5.53
CA GLU B 870 6.81 -35.91 -5.38
C GLU B 870 5.51 -35.22 -5.00
N LYS B 871 5.60 -34.34 -4.00
CA LYS B 871 4.43 -33.60 -3.55
C LYS B 871 3.84 -32.73 -4.64
N ARG B 872 4.66 -32.28 -5.60
CA ARG B 872 4.16 -31.46 -6.70
C ARG B 872 3.30 -32.23 -7.67
N PHE B 873 3.36 -33.56 -7.66
CA PHE B 873 2.54 -34.39 -8.54
C PHE B 873 1.40 -35.06 -7.80
N LEU B 874 1.20 -34.72 -6.52
CA LEU B 874 0.13 -35.32 -5.72
C LEU B 874 -1.12 -34.45 -5.86
N LYS B 875 -2.09 -34.93 -6.63
CA LYS B 875 -3.33 -34.20 -6.88
C LYS B 875 -4.40 -34.76 -5.95
N ARG B 876 -4.61 -34.06 -4.83
CA ARG B 876 -5.62 -34.47 -3.87
C ARG B 876 -7.01 -34.34 -4.45
N ILE B 877 -7.86 -35.34 -4.20
CA ILE B 877 -9.25 -35.34 -4.64
C ILE B 877 -10.20 -35.10 -3.48
N ARG B 878 -10.23 -36.00 -2.50
CA ARG B 878 -11.23 -35.95 -1.46
C ARG B 878 -10.72 -36.70 -0.24
N ASP B 879 -11.17 -36.25 0.93
CA ASP B 879 -10.80 -36.92 2.18
C ASP B 879 -11.21 -38.39 2.14
N LEU B 880 -10.27 -39.26 2.52
CA LEU B 880 -10.51 -40.69 2.49
C LEU B 880 -10.70 -41.31 3.86
N GLY B 881 -10.07 -40.77 4.89
CA GLY B 881 -10.24 -41.27 6.24
C GLY B 881 -9.40 -40.52 7.26
N GLU B 882 -10.01 -40.14 8.39
CA GLU B 882 -9.34 -39.36 9.42
C GLU B 882 -9.42 -40.11 10.74
N GLY B 883 -8.26 -40.26 11.39
CA GLY B 883 -8.19 -40.84 12.71
C GLY B 883 -7.84 -39.81 13.78
N HIS B 884 -7.69 -40.31 15.01
CA HIS B 884 -7.30 -39.45 16.12
C HIS B 884 -5.94 -38.80 15.91
N PHE B 885 -5.02 -39.47 15.21
CA PHE B 885 -3.68 -38.95 15.03
C PHE B 885 -3.27 -38.82 13.58
N GLY B 886 -3.95 -39.47 12.64
CA GLY B 886 -3.57 -39.43 11.24
C GLY B 886 -4.77 -39.20 10.37
N LYS B 887 -4.49 -38.87 9.10
CA LYS B 887 -5.53 -38.56 8.14
C LYS B 887 -5.14 -39.12 6.78
N VAL B 888 -6.11 -39.73 6.10
CA VAL B 888 -5.90 -40.37 4.81
C VAL B 888 -6.61 -39.56 3.74
N GLU B 889 -5.88 -39.19 2.68
CA GLU B 889 -6.42 -38.43 1.58
C GLU B 889 -6.41 -39.27 0.32
N LEU B 890 -7.30 -38.93 -0.61
CA LEU B 890 -7.33 -39.55 -1.93
C LEU B 890 -6.59 -38.63 -2.90
N CYS B 891 -5.54 -39.15 -3.51
CA CYS B 891 -4.68 -38.35 -4.38
C CYS B 891 -4.49 -39.03 -5.72
N ARG B 892 -4.17 -38.22 -6.72
CA ARG B 892 -3.84 -38.69 -8.07
C ARG B 892 -2.41 -38.26 -8.37
N TYR B 893 -1.54 -39.24 -8.62
CA TYR B 893 -0.15 -38.96 -8.96
C TYR B 893 -0.08 -38.76 -10.47
N ASP B 894 0.02 -37.50 -10.89
CA ASP B 894 0.00 -37.14 -12.31
C ASP B 894 1.21 -36.27 -12.62
N PRO B 895 2.39 -36.87 -12.74
CA PRO B 895 3.56 -36.09 -13.17
C PRO B 895 3.41 -35.51 -14.56
N GLU B 896 2.68 -36.20 -15.44
CA GLU B 896 2.45 -35.68 -16.79
C GLU B 896 1.50 -34.50 -16.79
N GLY B 897 0.70 -34.32 -15.74
CA GLY B 897 -0.23 -33.21 -15.70
C GLY B 897 -1.41 -33.32 -16.64
N ASP B 898 -1.68 -34.53 -17.14
CA ASP B 898 -2.76 -34.74 -18.11
C ASP B 898 -3.96 -35.42 -17.51
N ASN B 899 -4.04 -35.53 -16.18
CA ASN B 899 -5.15 -36.18 -15.49
C ASN B 899 -5.31 -37.63 -15.91
N THR B 900 -4.26 -38.24 -16.44
CA THR B 900 -4.26 -39.64 -16.78
C THR B 900 -3.49 -40.48 -15.76
N GLY B 901 -3.18 -39.91 -14.60
CA GLY B 901 -2.43 -40.62 -13.59
C GLY B 901 -3.24 -41.69 -12.89
N GLU B 902 -2.63 -42.29 -11.88
CA GLU B 902 -3.26 -43.38 -11.13
C GLU B 902 -3.75 -42.86 -9.79
N GLN B 903 -5.02 -43.13 -9.48
CA GLN B 903 -5.56 -42.81 -8.17
C GLN B 903 -4.85 -43.63 -7.10
N VAL B 904 -4.47 -42.96 -6.02
CA VAL B 904 -3.74 -43.61 -4.92
C VAL B 904 -4.34 -43.17 -3.60
N ALA B 905 -4.13 -44.00 -2.58
CA ALA B 905 -4.55 -43.70 -1.22
C ALA B 905 -3.30 -43.30 -0.42
N VAL B 906 -3.33 -42.11 0.16
CA VAL B 906 -2.19 -41.55 0.87
C VAL B 906 -2.58 -41.29 2.31
N LYS B 907 -1.75 -41.74 3.24
CA LYS B 907 -1.97 -41.53 4.67
C LYS B 907 -1.01 -40.46 5.18
N SER B 908 -1.54 -39.51 5.94
CA SER B 908 -0.76 -38.40 6.45
C SER B 908 -1.09 -38.18 7.91
N LEU B 909 -0.18 -37.51 8.61
CA LEU B 909 -0.36 -37.22 10.03
C LEU B 909 -0.67 -35.73 10.22
N LYS B 910 -1.46 -35.45 11.25
CA LYS B 910 -1.82 -34.08 11.56
C LYS B 910 -0.59 -33.32 12.05
N PRO B 911 -0.56 -32.00 11.84
CA PRO B 911 0.66 -31.24 12.16
C PRO B 911 1.04 -31.31 13.62
N GLU B 912 0.06 -31.36 14.53
CA GLU B 912 0.30 -31.38 15.95
C GLU B 912 0.69 -32.75 16.48
N SER B 913 1.04 -33.68 15.59
CA SER B 913 1.47 -35.01 16.02
C SER B 913 2.87 -34.92 16.61
N GLY B 914 3.10 -35.70 17.68
CA GLY B 914 4.40 -35.75 18.29
C GLY B 914 5.37 -36.64 17.54
N GLY B 915 6.65 -36.51 17.90
CA GLY B 915 7.67 -37.34 17.30
C GLY B 915 7.49 -38.82 17.56
N ASN B 916 6.90 -39.18 18.71
CA ASN B 916 6.57 -40.57 18.97
C ASN B 916 5.60 -41.10 17.93
N HIS B 917 4.60 -40.30 17.57
CA HIS B 917 3.68 -40.74 16.52
C HIS B 917 4.36 -40.77 15.16
N ILE B 918 5.35 -39.92 14.94
CA ILE B 918 6.14 -39.98 13.72
C ILE B 918 6.87 -41.32 13.64
N ALA B 919 7.49 -41.73 14.75
CA ALA B 919 8.16 -43.03 14.79
C ALA B 919 7.17 -44.17 14.61
N ASP B 920 5.98 -44.06 15.21
CA ASP B 920 4.95 -45.07 14.99
C ASP B 920 4.58 -45.16 13.52
N LEU B 921 4.43 -44.02 12.86
CA LEU B 921 4.14 -44.04 11.43
C LEU B 921 5.25 -44.73 10.66
N LYS B 922 6.50 -44.33 10.91
CA LYS B 922 7.64 -44.98 10.25
C LYS B 922 7.58 -46.49 10.43
N LYS B 923 7.38 -46.94 11.67
CA LYS B 923 7.20 -48.36 11.96
C LYS B 923 6.12 -48.96 11.08
N GLU B 924 5.00 -48.23 10.93
CA GLU B 924 3.95 -48.69 10.01
C GLU B 924 4.49 -48.90 8.62
N ILE B 925 5.32 -47.99 8.12
CA ILE B 925 5.91 -48.20 6.79
C ILE B 925 6.71 -49.49 6.74
N GLU B 926 7.66 -49.69 7.68
CA GLU B 926 8.52 -50.85 7.44
C GLU B 926 7.78 -52.17 7.70
N ILE B 927 6.78 -52.17 8.59
CA ILE B 927 6.07 -53.42 8.84
C ILE B 927 5.23 -53.81 7.62
N LEU B 928 4.71 -52.83 6.90
CA LEU B 928 3.91 -53.15 5.71
C LEU B 928 4.79 -53.41 4.51
N ARG B 929 5.98 -52.80 4.46
CA ARG B 929 6.82 -52.91 3.28
C ARG B 929 7.22 -54.34 2.96
N ASN B 930 7.54 -55.14 3.97
CA ASN B 930 7.95 -56.51 3.77
C ASN B 930 6.77 -57.47 3.63
N LEU B 931 5.55 -56.96 3.58
CA LEU B 931 4.36 -57.79 3.44
C LEU B 931 4.00 -57.97 1.98
N TYR B 932 3.49 -59.17 1.64
CA TYR B 932 3.12 -59.48 0.27
C TYR B 932 2.06 -60.58 0.31
N HIS B 933 0.80 -60.21 0.11
CA HIS B 933 -0.29 -61.18 0.10
C HIS B 933 -1.45 -60.64 -0.73
N GLU B 934 -2.28 -61.57 -1.22
CA GLU B 934 -3.39 -61.22 -2.08
C GLU B 934 -4.49 -60.46 -1.34
N ASN B 935 -4.57 -60.58 -0.02
CA ASN B 935 -5.64 -59.96 0.75
C ASN B 935 -5.09 -58.93 1.73
N ILE B 936 -4.12 -58.12 1.29
CA ILE B 936 -3.58 -57.04 2.09
C ILE B 936 -3.42 -55.82 1.19
N VAL B 937 -3.43 -54.65 1.83
CA VAL B 937 -3.27 -53.39 1.10
C VAL B 937 -1.92 -53.38 0.38
N LYS B 938 -1.91 -52.82 -0.82
CA LYS B 938 -0.69 -52.76 -1.62
C LYS B 938 0.05 -51.44 -1.36
N TYR B 939 1.36 -51.54 -1.24
CA TYR B 939 2.23 -50.38 -1.04
C TYR B 939 3.09 -50.15 -2.27
N LYS B 940 3.29 -48.88 -2.60
CA LYS B 940 4.02 -48.49 -3.80
C LYS B 940 5.24 -47.62 -3.53
N GLY B 941 5.11 -46.61 -2.68
CA GLY B 941 6.25 -45.75 -2.42
C GLY B 941 5.94 -44.76 -1.32
N ILE B 942 6.89 -43.86 -1.10
CA ILE B 942 6.84 -42.91 0.01
C ILE B 942 7.21 -41.53 -0.53
N CYS B 943 6.44 -40.52 -0.12
CA CYS B 943 6.72 -39.13 -0.46
C CYS B 943 7.31 -38.43 0.73
N MET B 944 8.41 -37.69 0.50
CA MET B 944 9.11 -36.98 1.55
C MET B 944 8.68 -35.51 1.58
N GLU B 945 8.57 -34.94 2.76
CA GLU B 945 8.37 -33.52 2.91
C GLU B 945 9.69 -32.81 3.16
N ASP B 946 9.67 -31.50 3.03
CA ASP B 946 10.89 -30.70 3.19
C ASP B 946 11.35 -30.72 4.64
N GLY B 947 12.66 -30.86 4.83
CA GLY B 947 13.24 -30.86 6.16
C GLY B 947 13.26 -32.22 6.85
N GLY B 948 12.72 -33.26 6.22
CA GLY B 948 12.70 -34.57 6.82
C GLY B 948 11.72 -34.74 7.96
N ASN B 949 10.97 -33.71 8.30
CA ASN B 949 10.00 -33.77 9.39
C ASN B 949 8.66 -34.34 8.95
N GLY B 950 8.44 -34.48 7.65
CA GLY B 950 7.17 -34.97 7.16
C GLY B 950 7.39 -36.12 6.19
N ILE B 951 6.44 -37.06 6.21
CA ILE B 951 6.49 -38.25 5.37
C ILE B 951 5.07 -38.62 4.99
N LYS B 952 4.90 -39.09 3.76
CA LYS B 952 3.59 -39.48 3.24
C LYS B 952 3.60 -40.98 2.96
N LEU B 953 2.61 -41.68 3.48
CA LEU B 953 2.46 -43.11 3.27
C LEU B 953 1.40 -43.35 2.20
N ILE B 954 1.77 -44.08 1.15
CA ILE B 954 0.92 -44.27 -0.02
C ILE B 954 0.46 -45.73 -0.06
N MET B 955 -0.86 -45.92 -0.08
CA MET B 955 -1.50 -47.22 -0.19
C MET B 955 -2.30 -47.26 -1.50
N GLU B 956 -3.13 -48.29 -1.62
CA GLU B 956 -4.01 -48.40 -2.78
C GLU B 956 -5.40 -47.86 -2.47
N PHE B 957 -5.90 -47.01 -3.36
CA PHE B 957 -7.27 -46.53 -3.27
C PHE B 957 -8.19 -47.54 -3.94
N LEU B 958 -9.13 -48.08 -3.18
CA LEU B 958 -10.11 -49.00 -3.72
C LEU B 958 -11.47 -48.32 -3.74
N PRO B 959 -12.05 -48.06 -4.91
CA PRO B 959 -13.37 -47.41 -4.96
C PRO B 959 -14.46 -48.22 -4.29
N SER B 960 -14.27 -49.53 -4.14
CA SER B 960 -15.24 -50.34 -3.43
C SER B 960 -15.31 -50.00 -1.94
N GLY B 961 -14.30 -49.32 -1.41
CA GLY B 961 -14.33 -48.95 -0.01
C GLY B 961 -14.17 -50.15 0.91
N SER B 962 -14.63 -49.99 2.13
CA SER B 962 -14.55 -51.03 3.14
C SER B 962 -15.91 -51.69 3.34
N LEU B 963 -15.88 -52.86 3.98
CA LEU B 963 -17.10 -53.62 4.21
C LEU B 963 -18.09 -52.84 5.07
N LYS B 964 -17.60 -51.91 5.88
CA LYS B 964 -18.49 -51.03 6.62
C LYS B 964 -19.38 -50.23 5.68
N GLU B 965 -18.84 -49.78 4.56
CA GLU B 965 -19.60 -49.02 3.57
C GLU B 965 -20.07 -49.87 2.40
N TYR B 966 -19.29 -50.89 2.01
CA TYR B 966 -19.66 -51.68 0.84
C TYR B 966 -20.94 -52.47 1.09
N LEU B 967 -21.03 -53.13 2.24
CA LEU B 967 -22.20 -53.98 2.52
C LEU B 967 -23.51 -53.21 2.50
N PRO B 968 -23.67 -52.07 3.20
CA PRO B 968 -25.00 -51.44 3.27
C PRO B 968 -25.59 -51.10 1.92
N LYS B 969 -24.78 -50.73 0.94
CA LYS B 969 -25.29 -50.40 -0.38
C LYS B 969 -25.40 -51.60 -1.29
N ASN B 970 -25.19 -52.81 -0.77
CA ASN B 970 -25.18 -54.01 -1.60
C ASN B 970 -25.93 -55.14 -0.90
N LYS B 971 -27.16 -54.88 -0.47
CA LYS B 971 -27.91 -55.87 0.29
C LYS B 971 -28.11 -57.17 -0.50
N ASN B 972 -28.69 -57.07 -1.70
CA ASN B 972 -29.20 -58.26 -2.36
C ASN B 972 -28.16 -59.00 -3.18
N LYS B 973 -27.01 -58.39 -3.48
CA LYS B 973 -26.05 -59.04 -4.36
C LYS B 973 -25.06 -59.93 -3.65
N ILE B 974 -25.09 -59.99 -2.32
CA ILE B 974 -24.28 -60.93 -1.55
C ILE B 974 -25.18 -62.01 -0.96
N ASN B 975 -24.84 -63.26 -1.22
CA ASN B 975 -25.46 -64.40 -0.57
C ASN B 975 -24.52 -64.95 0.50
N LEU B 976 -25.04 -65.86 1.32
CA LEU B 976 -24.26 -66.42 2.43
C LEU B 976 -22.90 -66.94 1.96
N LYS B 977 -22.88 -67.59 0.79
CA LYS B 977 -21.62 -68.10 0.24
C LYS B 977 -20.60 -66.99 0.09
N GLN B 978 -21.05 -65.77 -0.26
CA GLN B 978 -20.11 -64.70 -0.53
C GLN B 978 -19.41 -64.20 0.74
N GLN B 979 -20.16 -63.91 1.82
CA GLN B 979 -19.45 -63.48 3.02
C GLN B 979 -18.72 -64.66 3.66
N LEU B 980 -19.13 -65.89 3.35
CA LEU B 980 -18.33 -67.03 3.78
C LEU B 980 -16.98 -67.03 3.08
N LYS B 981 -16.96 -66.75 1.78
CA LYS B 981 -15.70 -66.56 1.07
C LYS B 981 -14.91 -65.40 1.68
N TYR B 982 -15.61 -64.33 2.05
CA TYR B 982 -14.95 -63.19 2.66
C TYR B 982 -14.26 -63.58 3.97
N ALA B 983 -14.94 -64.39 4.77
CA ALA B 983 -14.34 -64.88 6.01
C ALA B 983 -13.13 -65.74 5.73
N ILE B 984 -13.21 -66.60 4.70
CA ILE B 984 -12.04 -67.38 4.30
C ILE B 984 -10.88 -66.47 3.95
N GLN B 985 -11.16 -65.41 3.18
CA GLN B 985 -10.11 -64.49 2.75
C GLN B 985 -9.49 -63.78 3.95
N ILE B 986 -10.31 -63.32 4.89
CA ILE B 986 -9.80 -62.58 6.04
C ILE B 986 -8.98 -63.50 6.93
N CYS B 987 -9.46 -64.74 7.12
CA CYS B 987 -8.69 -65.71 7.89
C CYS B 987 -7.35 -65.98 7.23
N LYS B 988 -7.33 -66.10 5.90
CA LYS B 988 -6.07 -66.31 5.19
C LYS B 988 -5.13 -65.13 5.37
N GLY B 989 -5.68 -63.91 5.32
CA GLY B 989 -4.85 -62.73 5.51
C GLY B 989 -4.22 -62.67 6.89
N MET B 990 -5.01 -62.92 7.93
CA MET B 990 -4.45 -62.96 9.28
C MET B 990 -3.45 -64.10 9.44
N ASP B 991 -3.76 -65.26 8.87
CA ASP B 991 -2.86 -66.41 9.00
C ASP B 991 -1.52 -66.11 8.35
N TYR B 992 -1.53 -65.45 7.20
CA TYR B 992 -0.28 -64.95 6.62
C TYR B 992 0.40 -63.97 7.56
N LEU B 993 -0.38 -63.05 8.14
CA LEU B 993 0.20 -62.09 9.07
C LEU B 993 0.70 -62.78 10.33
N GLY B 994 -0.08 -63.71 10.87
CA GLY B 994 0.36 -64.43 12.06
C GLY B 994 1.58 -65.28 11.80
N SER B 995 1.64 -65.89 10.62
CA SER B 995 2.84 -66.62 10.23
C SER B 995 4.05 -65.71 10.14
N ARG B 996 3.84 -64.40 9.99
CA ARG B 996 4.90 -63.41 10.05
C ARG B 996 5.03 -62.78 11.43
N GLN B 997 4.34 -63.35 12.43
CA GLN B 997 4.45 -62.91 13.83
C GLN B 997 4.05 -61.45 13.99
N TYR B 998 2.89 -61.10 13.42
CA TYR B 998 2.32 -59.77 13.55
C TYR B 998 0.91 -59.90 14.11
N VAL B 999 0.51 -58.96 14.95
CA VAL B 999 -0.86 -58.85 15.44
C VAL B 999 -1.38 -57.50 14.98
N HIS B 1000 -2.41 -57.51 14.14
CA HIS B 1000 -2.92 -56.27 13.55
C HIS B 1000 -3.49 -55.35 14.62
N ARG B 1001 -4.16 -55.91 15.63
CA ARG B 1001 -4.72 -55.22 16.78
C ARG B 1001 -5.86 -54.27 16.40
N ASP B 1002 -6.19 -54.15 15.13
CA ASP B 1002 -7.28 -53.27 14.69
C ASP B 1002 -8.11 -53.98 13.63
N LEU B 1003 -8.31 -55.29 13.79
CA LEU B 1003 -9.06 -56.07 12.82
C LEU B 1003 -10.54 -55.70 12.94
N ALA B 1004 -11.00 -54.84 12.05
CA ALA B 1004 -12.39 -54.41 12.03
C ALA B 1004 -12.88 -54.40 10.58
N ALA B 1005 -14.19 -54.59 10.43
CA ALA B 1005 -14.78 -54.57 9.09
C ALA B 1005 -14.57 -53.22 8.41
N ARG B 1006 -14.54 -52.14 9.19
CA ARG B 1006 -14.19 -50.83 8.65
C ARG B 1006 -12.78 -50.80 8.10
N ASN B 1007 -11.90 -51.68 8.58
CA ASN B 1007 -10.53 -51.77 8.11
C ASN B 1007 -10.37 -52.82 7.01
N VAL B 1008 -11.44 -53.51 6.65
CA VAL B 1008 -11.41 -54.53 5.61
C VAL B 1008 -11.79 -53.85 4.30
N LEU B 1009 -10.80 -53.45 3.52
CA LEU B 1009 -11.04 -52.79 2.25
C LEU B 1009 -11.47 -53.83 1.21
N VAL B 1010 -12.37 -53.41 0.32
CA VAL B 1010 -12.94 -54.30 -0.69
C VAL B 1010 -12.27 -54.00 -2.02
N GLU B 1011 -11.81 -55.06 -2.70
CA GLU B 1011 -11.24 -54.91 -4.03
C GLU B 1011 -12.20 -55.32 -5.13
N SER B 1012 -13.07 -56.30 -4.87
CA SER B 1012 -14.11 -56.66 -5.81
C SER B 1012 -15.22 -57.37 -5.04
N GLU B 1013 -16.28 -57.74 -5.76
CA GLU B 1013 -17.32 -58.54 -5.14
C GLU B 1013 -16.91 -60.00 -4.97
N HIS B 1014 -15.69 -60.35 -5.37
CA HIS B 1014 -15.12 -61.66 -5.05
C HIS B 1014 -13.86 -61.56 -4.21
N GLN B 1015 -13.40 -60.36 -3.88
CA GLN B 1015 -12.16 -60.24 -3.12
C GLN B 1015 -12.18 -58.98 -2.28
N VAL B 1016 -11.63 -59.08 -1.08
CA VAL B 1016 -11.44 -57.95 -0.18
C VAL B 1016 -9.98 -57.94 0.26
N LYS B 1017 -9.58 -56.85 0.89
CA LYS B 1017 -8.22 -56.74 1.42
C LYS B 1017 -8.27 -56.11 2.80
N ILE B 1018 -7.13 -56.18 3.48
CA ILE B 1018 -7.00 -55.75 4.87
C ILE B 1018 -6.04 -54.57 4.93
N GLY B 1019 -6.42 -53.55 5.71
CA GLY B 1019 -5.61 -52.36 5.83
C GLY B 1019 -5.54 -51.83 7.24
N ASP B 1020 -5.20 -50.54 7.39
CA ASP B 1020 -5.13 -49.85 8.68
C ASP B 1020 -4.14 -50.55 9.61
N PHE B 1021 -2.93 -50.73 9.08
CA PHE B 1021 -1.86 -51.42 9.80
C PHE B 1021 -1.07 -50.49 10.71
N GLY B 1022 -1.60 -49.30 11.03
CA GLY B 1022 -0.93 -48.43 11.96
C GLY B 1022 -0.86 -49.00 13.36
N LEU B 1023 -1.76 -49.93 13.69
CA LEU B 1023 -1.82 -50.54 15.00
C LEU B 1023 -1.17 -51.91 15.04
N THR B 1024 -0.73 -52.44 13.91
CA THR B 1024 -0.11 -53.75 13.87
C THR B 1024 1.25 -53.73 14.58
N LYS B 1025 1.53 -54.78 15.33
CA LYS B 1025 2.78 -54.90 16.07
C LYS B 1025 3.35 -56.29 15.89
N ALA B 1026 4.66 -56.36 15.75
CA ALA B 1026 5.38 -57.63 15.69
C ALA B 1026 5.66 -58.13 17.09
N ILE B 1027 5.66 -59.45 17.25
CA ILE B 1027 6.02 -60.08 18.51
C ILE B 1027 7.47 -60.55 18.42
N GLU B 1028 8.20 -60.41 19.52
CA GLU B 1028 9.59 -60.81 19.53
C GLU B 1028 9.71 -62.33 19.52
N THR B 1029 10.88 -62.81 19.12
CA THR B 1029 11.07 -64.22 18.84
C THR B 1029 10.94 -65.10 20.08
N ASP B 1030 11.00 -64.52 21.27
CA ASP B 1030 10.98 -65.30 22.50
C ASP B 1030 9.88 -64.83 23.46
N LYS B 1031 8.66 -64.70 22.95
CA LYS B 1031 7.51 -64.38 23.80
C LYS B 1031 6.25 -64.90 23.13
N GLU B 1032 5.19 -65.04 23.94
CA GLU B 1032 3.92 -65.56 23.46
C GLU B 1032 2.87 -64.48 23.23
N TYR B 1033 3.12 -63.24 23.63
CA TYR B 1033 2.16 -62.17 23.42
C TYR B 1033 2.91 -60.84 23.37
N TYR B 1034 2.14 -59.76 23.45
CA TYR B 1034 2.67 -58.41 23.42
C TYR B 1034 1.94 -57.55 24.44
N THR B 1035 2.64 -56.54 24.95
CA THR B 1035 2.08 -55.59 25.90
C THR B 1035 2.17 -54.19 25.31
N VAL B 1036 1.04 -53.49 25.30
CA VAL B 1036 0.93 -52.17 24.69
C VAL B 1036 1.37 -51.10 25.68
N LYS B 1037 2.01 -50.05 25.15
CA LYS B 1037 2.45 -48.93 25.98
C LYS B 1037 1.98 -47.58 25.47
N ASP B 1038 1.83 -47.39 24.16
CA ASP B 1038 1.44 -46.12 23.58
C ASP B 1038 0.01 -45.79 23.97
N ASP B 1039 -0.28 -44.50 24.16
CA ASP B 1039 -1.61 -44.05 24.53
C ASP B 1039 -2.37 -43.68 23.27
N ARG B 1040 -3.30 -44.54 22.87
CA ARG B 1040 -4.06 -44.35 21.64
C ARG B 1040 -5.44 -44.98 21.79
N ASP B 1041 -6.43 -44.38 21.14
CA ASP B 1041 -7.78 -44.93 21.15
C ASP B 1041 -7.79 -46.28 20.44
N SER B 1042 -8.52 -47.23 21.01
CA SER B 1042 -8.52 -48.58 20.49
C SER B 1042 -9.93 -49.16 20.47
N PRO B 1043 -10.23 -50.02 19.51
CA PRO B 1043 -11.56 -50.66 19.46
C PRO B 1043 -11.74 -51.66 20.58
N VAL B 1044 -12.04 -51.16 21.78
CA VAL B 1044 -12.14 -52.01 22.96
C VAL B 1044 -13.20 -53.07 22.77
N PHE B 1045 -14.26 -52.77 22.02
CA PHE B 1045 -15.30 -53.75 21.77
C PHE B 1045 -14.86 -54.88 20.85
N TRP B 1046 -13.71 -54.74 20.19
CA TRP B 1046 -13.20 -55.76 19.30
C TRP B 1046 -12.13 -56.63 19.94
N TYR B 1047 -11.85 -56.46 21.23
CA TYR B 1047 -10.71 -57.08 21.87
C TYR B 1047 -11.12 -58.22 22.78
N ALA B 1048 -10.16 -59.11 23.05
CA ALA B 1048 -10.32 -60.21 23.99
C ALA B 1048 -10.16 -59.72 25.42
N PRO B 1049 -10.70 -60.46 26.40
CA PRO B 1049 -10.67 -59.94 27.79
C PRO B 1049 -9.27 -59.64 28.30
N GLU B 1050 -8.29 -60.47 27.96
CA GLU B 1050 -6.92 -60.16 28.34
C GLU B 1050 -6.45 -58.88 27.68
N CYS B 1051 -6.93 -58.60 26.47
CA CYS B 1051 -6.56 -57.37 25.78
C CYS B 1051 -7.18 -56.15 26.46
N LEU B 1052 -8.18 -56.38 27.32
CA LEU B 1052 -8.76 -55.27 28.06
C LEU B 1052 -8.18 -55.17 29.47
N ILE B 1053 -7.68 -56.27 30.01
CA ILE B 1053 -7.33 -56.32 31.42
C ILE B 1053 -5.81 -56.20 31.65
N GLN B 1054 -5.00 -56.69 30.72
CA GLN B 1054 -3.56 -56.77 30.96
C GLN B 1054 -2.71 -56.30 29.79
N CYS B 1055 -3.31 -55.61 28.80
CA CYS B 1055 -2.61 -55.19 27.59
C CYS B 1055 -1.93 -56.35 26.87
N LYS B 1056 -2.32 -57.59 27.19
CA LYS B 1056 -1.71 -58.76 26.58
C LYS B 1056 -2.43 -59.09 25.29
N PHE B 1057 -1.67 -59.15 24.20
CA PHE B 1057 -2.23 -59.37 22.87
C PHE B 1057 -1.53 -60.54 22.23
N TYR B 1058 -2.29 -61.58 21.89
CA TYR B 1058 -1.78 -62.80 21.31
C TYR B 1058 -2.21 -62.91 19.85
N ILE B 1059 -1.77 -63.99 19.21
CA ILE B 1059 -2.36 -64.37 17.92
C ILE B 1059 -3.78 -64.89 18.15
N ALA B 1060 -4.01 -65.53 19.29
CA ALA B 1060 -5.37 -65.90 19.66
C ALA B 1060 -6.23 -64.69 19.96
N SER B 1061 -5.60 -63.55 20.27
CA SER B 1061 -6.36 -62.32 20.46
C SER B 1061 -7.05 -61.89 19.17
N ASP B 1062 -6.37 -62.04 18.03
CA ASP B 1062 -6.98 -61.67 16.76
C ASP B 1062 -8.13 -62.58 16.39
N VAL B 1063 -8.25 -63.75 17.03
CA VAL B 1063 -9.42 -64.60 16.81
C VAL B 1063 -10.67 -63.91 17.33
N TRP B 1064 -10.55 -63.24 18.48
CA TRP B 1064 -11.66 -62.47 19.03
C TRP B 1064 -12.09 -61.36 18.07
N SER B 1065 -11.12 -60.62 17.54
CA SER B 1065 -11.42 -59.57 16.58
C SER B 1065 -12.05 -60.13 15.32
N PHE B 1066 -11.57 -61.30 14.85
CA PHE B 1066 -12.18 -61.93 13.69
C PHE B 1066 -13.63 -62.30 13.97
N GLY B 1067 -13.91 -62.82 15.15
CA GLY B 1067 -15.29 -63.15 15.50
C GLY B 1067 -16.17 -61.93 15.52
N VAL B 1068 -15.68 -60.81 16.07
CA VAL B 1068 -16.44 -59.58 16.05
C VAL B 1068 -16.69 -59.13 14.62
N THR B 1069 -15.66 -59.19 13.78
CA THR B 1069 -15.82 -58.78 12.38
C THR B 1069 -16.78 -59.71 11.64
N LEU B 1070 -16.83 -60.98 12.00
CA LEU B 1070 -17.77 -61.89 11.34
C LEU B 1070 -19.19 -61.60 11.78
N HIS B 1071 -19.39 -61.33 13.08
CA HIS B 1071 -20.69 -60.88 13.54
C HIS B 1071 -21.11 -59.62 12.80
N GLU B 1072 -20.14 -58.75 12.47
CA GLU B 1072 -20.43 -57.59 11.63
C GLU B 1072 -20.83 -58.02 10.22
N LEU B 1073 -20.04 -58.92 9.63
CA LEU B 1073 -20.17 -59.24 8.21
C LEU B 1073 -21.48 -59.96 7.91
N LEU B 1074 -21.77 -61.03 8.65
CA LEU B 1074 -22.97 -61.80 8.38
C LEU B 1074 -24.22 -60.95 8.55
N THR B 1075 -24.20 -59.99 9.48
CA THR B 1075 -25.29 -59.05 9.65
C THR B 1075 -25.12 -57.85 8.71
N TYR B 1076 -24.18 -57.93 7.77
CA TYR B 1076 -24.01 -56.93 6.71
C TYR B 1076 -23.56 -55.59 7.24
N CYS B 1077 -22.88 -55.59 8.39
CA CYS B 1077 -22.41 -54.36 9.03
C CYS B 1077 -23.57 -53.40 9.30
N ASP B 1078 -24.56 -53.86 10.05
CA ASP B 1078 -25.71 -53.03 10.37
C ASP B 1078 -25.39 -52.10 11.53
N SER B 1079 -25.74 -50.83 11.37
CA SER B 1079 -25.67 -49.90 12.50
C SER B 1079 -26.66 -50.31 13.59
N ASP B 1080 -27.84 -50.79 13.19
CA ASP B 1080 -28.80 -51.30 14.16
C ASP B 1080 -28.23 -52.46 14.97
N PHE B 1081 -27.39 -53.28 14.35
CA PHE B 1081 -26.75 -54.39 15.03
C PHE B 1081 -25.25 -54.16 15.23
N SER B 1082 -24.83 -52.91 15.39
CA SER B 1082 -23.42 -52.63 15.53
C SER B 1082 -22.90 -53.19 16.86
N PRO B 1083 -21.73 -53.84 16.86
CA PRO B 1083 -21.17 -54.32 18.12
C PRO B 1083 -20.98 -53.20 19.12
N MET B 1084 -20.65 -51.99 18.66
CA MET B 1084 -20.71 -50.81 19.51
C MET B 1084 -22.04 -50.75 20.24
N ALA B 1085 -23.13 -50.64 19.48
CA ALA B 1085 -24.45 -50.47 20.09
C ALA B 1085 -24.93 -51.74 20.77
N LEU B 1086 -24.65 -52.91 20.20
CA LEU B 1086 -25.07 -54.16 20.83
C LEU B 1086 -24.44 -54.29 22.21
N PHE B 1087 -23.12 -54.10 22.28
CA PHE B 1087 -22.44 -54.14 23.57
C PHE B 1087 -22.99 -53.07 24.50
N LEU B 1088 -23.20 -51.86 23.98
CA LEU B 1088 -23.74 -50.78 24.81
C LEU B 1088 -25.05 -51.19 25.46
N LYS B 1089 -25.96 -51.76 24.68
CA LYS B 1089 -27.28 -52.08 25.21
C LYS B 1089 -27.23 -53.29 26.13
N MET B 1090 -26.28 -54.22 25.90
CA MET B 1090 -26.18 -55.33 26.83
C MET B 1090 -25.45 -54.95 28.11
N ILE B 1091 -24.76 -53.79 28.12
CA ILE B 1091 -24.08 -53.33 29.32
C ILE B 1091 -24.76 -52.13 29.96
N GLY B 1092 -25.93 -51.75 29.46
CA GLY B 1092 -26.67 -50.65 30.03
C GLY B 1092 -26.07 -49.30 29.71
N PRO B 1093 -26.60 -48.25 30.33
CA PRO B 1093 -26.09 -46.90 30.05
C PRO B 1093 -24.69 -46.71 30.62
N THR B 1094 -23.70 -46.68 29.74
CA THR B 1094 -22.31 -46.50 30.14
C THR B 1094 -21.81 -45.18 29.60
N HIS B 1095 -20.57 -44.85 29.97
CA HIS B 1095 -20.11 -43.48 29.81
C HIS B 1095 -18.59 -43.44 29.62
N GLY B 1096 -18.15 -43.39 28.36
CA GLY B 1096 -16.76 -43.13 28.05
C GLY B 1096 -15.76 -43.98 28.79
N GLN B 1097 -15.07 -43.36 29.75
CA GLN B 1097 -14.10 -44.07 30.57
C GLN B 1097 -14.73 -45.25 31.31
N MET B 1098 -16.03 -45.17 31.61
CA MET B 1098 -16.73 -46.22 32.32
C MET B 1098 -16.94 -47.48 31.49
N THR B 1099 -16.99 -47.35 30.16
CA THR B 1099 -17.54 -48.40 29.32
C THR B 1099 -16.77 -49.70 29.45
N VAL B 1100 -15.44 -49.64 29.37
CA VAL B 1100 -14.64 -50.85 29.36
C VAL B 1100 -14.80 -51.63 30.64
N THR B 1101 -15.03 -50.95 31.76
CA THR B 1101 -15.26 -51.64 33.03
C THR B 1101 -16.45 -52.59 32.91
N ARG B 1102 -17.63 -52.04 32.65
CA ARG B 1102 -18.83 -52.86 32.54
C ARG B 1102 -18.71 -53.87 31.40
N LEU B 1103 -17.97 -53.52 30.35
CA LEU B 1103 -17.73 -54.49 29.28
C LEU B 1103 -17.01 -55.72 29.84
N VAL B 1104 -15.94 -55.50 30.60
CA VAL B 1104 -15.23 -56.59 31.23
C VAL B 1104 -16.15 -57.35 32.16
N ASN B 1105 -16.95 -56.63 32.94
CA ASN B 1105 -17.84 -57.28 33.90
C ASN B 1105 -18.78 -58.25 33.20
N THR B 1106 -19.46 -57.76 32.15
CA THR B 1106 -20.39 -58.60 31.43
C THR B 1106 -19.70 -59.75 30.73
N LEU B 1107 -18.50 -59.50 30.18
CA LEU B 1107 -17.77 -60.58 29.52
C LEU B 1107 -17.40 -61.69 30.49
N LYS B 1108 -16.94 -61.32 31.68
CA LYS B 1108 -16.67 -62.32 32.71
C LYS B 1108 -17.95 -63.01 33.17
N GLU B 1109 -19.10 -62.40 32.94
CA GLU B 1109 -20.37 -63.06 33.20
C GLU B 1109 -20.76 -64.02 32.09
N GLY B 1110 -19.90 -64.22 31.09
CA GLY B 1110 -20.20 -65.10 29.98
C GLY B 1110 -21.01 -64.47 28.87
N LYS B 1111 -21.13 -63.15 28.84
CA LYS B 1111 -21.94 -62.48 27.83
C LYS B 1111 -21.12 -62.27 26.55
N ARG B 1112 -21.75 -62.54 25.42
CA ARG B 1112 -21.13 -62.34 24.11
C ARG B 1112 -22.14 -61.71 23.18
N LEU B 1113 -21.74 -61.49 21.94
CA LEU B 1113 -22.67 -60.99 20.94
C LEU B 1113 -23.66 -62.08 20.55
N PRO B 1114 -24.92 -61.73 20.30
CA PRO B 1114 -25.94 -62.75 20.07
C PRO B 1114 -25.79 -63.41 18.70
N CYS B 1115 -26.69 -64.32 18.42
CA CYS B 1115 -26.71 -64.98 17.13
C CYS B 1115 -27.15 -64.00 16.05
N PRO B 1116 -26.33 -63.75 15.04
CA PRO B 1116 -26.72 -62.82 13.97
C PRO B 1116 -27.89 -63.37 13.19
N PRO B 1117 -28.68 -62.51 12.54
CA PRO B 1117 -29.89 -62.97 11.86
C PRO B 1117 -29.57 -64.01 10.80
N ASN B 1118 -30.37 -65.08 10.78
CA ASN B 1118 -30.28 -66.17 9.81
C ASN B 1118 -28.92 -66.85 9.81
N CYS B 1119 -28.18 -66.77 10.91
CA CYS B 1119 -26.89 -67.44 10.97
C CYS B 1119 -27.10 -68.94 11.13
N PRO B 1120 -26.49 -69.77 10.28
CA PRO B 1120 -26.66 -71.22 10.42
C PRO B 1120 -26.07 -71.74 11.71
N ASP B 1121 -26.66 -72.83 12.20
CA ASP B 1121 -26.27 -73.38 13.50
C ASP B 1121 -24.81 -73.78 13.51
N GLU B 1122 -24.33 -74.42 12.44
CA GLU B 1122 -22.91 -74.76 12.36
C GLU B 1122 -22.06 -73.50 12.29
N VAL B 1123 -22.52 -72.49 11.55
CA VAL B 1123 -21.79 -71.23 11.46
C VAL B 1123 -21.71 -70.58 12.83
N TYR B 1124 -22.81 -70.59 13.57
CA TYR B 1124 -22.79 -70.03 14.92
C TYR B 1124 -21.87 -70.82 15.84
N GLN B 1125 -21.90 -72.15 15.71
CA GLN B 1125 -21.08 -73.00 16.58
C GLN B 1125 -19.61 -72.73 16.37
N LEU B 1126 -19.16 -72.79 15.12
CA LEU B 1126 -17.75 -72.52 14.83
C LEU B 1126 -17.41 -71.07 15.13
N MET B 1127 -18.39 -70.18 14.98
CA MET B 1127 -18.18 -68.75 15.16
C MET B 1127 -18.02 -68.39 16.63
N ARG B 1128 -18.88 -68.89 17.51
CA ARG B 1128 -18.72 -68.60 18.93
C ARG B 1128 -17.44 -69.18 19.50
N LYS B 1129 -16.84 -70.16 18.83
CA LYS B 1129 -15.59 -70.74 19.28
C LYS B 1129 -14.47 -69.72 19.39
N CYS B 1130 -14.61 -68.59 18.69
CA CYS B 1130 -13.54 -67.59 18.66
C CYS B 1130 -13.37 -66.85 19.97
N TRP B 1131 -14.42 -66.69 20.77
CA TRP B 1131 -14.34 -65.88 21.98
C TRP B 1131 -14.25 -66.72 23.25
N GLU B 1132 -13.48 -67.81 23.25
CA GLU B 1132 -13.17 -68.48 24.51
C GLU B 1132 -12.36 -67.55 25.39
N PHE B 1133 -12.61 -67.61 26.70
CA PHE B 1133 -11.95 -66.69 27.62
C PHE B 1133 -10.44 -66.88 27.63
N GLN B 1134 -9.98 -68.13 27.64
CA GLN B 1134 -8.55 -68.41 27.63
C GLN B 1134 -8.04 -68.39 26.20
N PRO B 1135 -7.04 -67.58 25.89
CA PRO B 1135 -6.48 -67.59 24.52
C PRO B 1135 -5.98 -68.97 24.11
N SER B 1136 -5.42 -69.73 25.05
CA SER B 1136 -4.99 -71.09 24.75
C SER B 1136 -6.14 -71.98 24.32
N ASN B 1137 -7.35 -71.70 24.79
CA ASN B 1137 -8.53 -72.46 24.44
C ASN B 1137 -9.26 -71.89 23.24
N ARG B 1138 -8.69 -70.88 22.58
CA ARG B 1138 -9.29 -70.29 21.39
C ARG B 1138 -8.75 -70.96 20.13
N THR B 1139 -9.56 -70.92 19.07
CA THR B 1139 -9.24 -71.66 17.87
C THR B 1139 -8.21 -70.93 17.02
N THR B 1140 -7.74 -71.63 15.99
CA THR B 1140 -6.75 -71.10 15.05
C THR B 1140 -7.43 -70.73 13.74
N PHE B 1141 -6.75 -69.88 12.97
CA PHE B 1141 -7.33 -69.44 11.72
C PHE B 1141 -7.22 -70.50 10.63
N GLN B 1142 -6.22 -71.37 10.72
CA GLN B 1142 -6.18 -72.54 9.84
C GLN B 1142 -7.41 -73.41 10.07
N ASN B 1143 -7.78 -73.62 11.32
CA ASN B 1143 -8.99 -74.35 11.63
C ASN B 1143 -10.22 -73.62 11.10
N LEU B 1144 -10.22 -72.29 11.20
CA LEU B 1144 -11.34 -71.52 10.65
C LEU B 1144 -11.47 -71.72 9.16
N ILE B 1145 -10.35 -71.67 8.44
CA ILE B 1145 -10.38 -71.86 7.00
C ILE B 1145 -10.87 -73.26 6.66
N GLU B 1146 -10.38 -74.26 7.40
CA GLU B 1146 -10.82 -75.63 7.15
C GLU B 1146 -12.33 -75.77 7.36
N GLY B 1147 -12.84 -75.22 8.46
CA GLY B 1147 -14.26 -75.31 8.72
C GLY B 1147 -15.10 -74.58 7.68
N PHE B 1148 -14.66 -73.39 7.28
CA PHE B 1148 -15.41 -72.64 6.28
C PHE B 1148 -15.42 -73.36 4.94
N GLU B 1149 -14.28 -73.91 4.52
CA GLU B 1149 -14.24 -74.64 3.26
C GLU B 1149 -15.08 -75.91 3.34
N ALA B 1150 -15.11 -76.55 4.50
CA ALA B 1150 -16.06 -77.66 4.69
C ALA B 1150 -17.48 -77.18 4.55
N LEU B 1151 -17.77 -75.97 5.04
CA LEU B 1151 -19.09 -75.38 4.86
C LEU B 1151 -19.40 -75.20 3.38
N LEU B 1152 -18.41 -74.81 2.59
CA LEU B 1152 -18.60 -74.75 1.14
C LEU B 1152 -19.04 -76.09 0.60
N LYS B 1153 -18.44 -77.18 1.06
CA LYS B 1153 -18.82 -78.52 0.62
C LYS B 1153 -20.17 -78.91 1.19
N PRO C 42 13.03 61.85 -30.21
CA PRO C 42 13.21 60.54 -29.58
C PRO C 42 12.43 59.44 -30.28
N TRP C 43 11.11 59.42 -30.09
CA TRP C 43 10.28 58.41 -30.72
C TRP C 43 10.20 58.59 -32.23
N PHE C 44 10.61 59.76 -32.74
CA PHE C 44 10.64 59.97 -34.18
C PHE C 44 11.50 58.94 -34.88
N GLN C 45 12.58 58.51 -34.23
CA GLN C 45 13.53 57.58 -34.81
C GLN C 45 13.18 56.13 -34.50
N GLY C 46 12.09 55.88 -33.78
CA GLY C 46 11.69 54.53 -33.45
C GLY C 46 10.30 54.19 -33.92
N VAL C 47 10.18 53.22 -34.82
CA VAL C 47 8.90 52.79 -35.36
C VAL C 47 8.79 51.28 -35.20
N LYS C 48 7.71 50.82 -34.59
CA LYS C 48 7.48 49.40 -34.39
C LYS C 48 6.01 49.16 -34.15
N THR C 49 5.45 48.16 -34.81
CA THR C 49 4.06 47.81 -34.61
C THR C 49 3.84 47.27 -33.19
N PRO C 50 2.68 47.52 -32.60
CA PRO C 50 2.39 46.97 -31.28
C PRO C 50 2.42 45.45 -31.29
N ARG C 51 2.95 44.87 -30.22
CA ARG C 51 3.10 43.42 -30.11
C ARG C 51 1.77 42.72 -29.87
N ALA C 52 0.69 43.45 -29.60
CA ALA C 52 -0.61 42.87 -29.34
C ALA C 52 -1.48 42.81 -30.58
N LEU C 53 -0.89 42.66 -31.76
CA LEU C 53 -1.64 42.60 -33.00
C LEU C 53 -1.54 41.27 -33.72
N ASP C 54 -0.66 40.38 -33.26
CA ASP C 54 -0.51 39.05 -33.86
C ASP C 54 -1.52 38.11 -33.22
N PHE C 55 -2.05 37.18 -34.01
CA PHE C 55 -3.11 36.29 -33.57
C PHE C 55 -2.70 34.84 -33.79
N SER C 56 -3.10 33.97 -32.87
CA SER C 56 -2.72 32.58 -32.96
C SER C 56 -3.70 31.71 -32.18
N GLU C 57 -4.05 30.56 -32.75
CA GLU C 57 -4.76 29.48 -32.09
C GLU C 57 -6.22 29.81 -31.82
N TYR C 58 -6.63 31.06 -32.03
CA TYR C 58 -8.01 31.49 -31.88
C TYR C 58 -8.61 31.12 -30.53
N ARG C 59 -9.93 31.13 -30.43
CA ARG C 59 -10.62 30.80 -29.19
C ARG C 59 -12.05 30.38 -29.50
N TYR C 60 -12.73 29.83 -28.49
CA TYR C 60 -14.08 29.31 -28.70
C TYR C 60 -14.83 29.21 -27.39
N PRO C 61 -16.00 29.85 -27.29
CA PRO C 61 -16.86 29.67 -26.10
C PRO C 61 -17.90 28.59 -26.31
N VAL C 62 -18.78 28.40 -25.33
CA VAL C 62 -19.97 27.59 -25.52
C VAL C 62 -21.03 28.44 -26.21
N ALA C 63 -21.76 27.83 -27.16
CA ALA C 63 -22.76 28.58 -27.90
C ALA C 63 -24.05 28.71 -27.11
N THR C 64 -24.73 27.58 -26.88
CA THR C 64 -26.02 27.58 -26.19
C THR C 64 -26.43 26.16 -25.84
N PHE C 65 -27.66 26.00 -25.36
CA PHE C 65 -28.24 24.70 -25.08
C PHE C 65 -29.48 24.50 -25.94
N GLN C 66 -29.69 23.27 -26.39
CA GLN C 66 -30.80 22.97 -27.28
C GLN C 66 -32.11 22.90 -26.51
N PRO C 67 -33.08 23.77 -26.81
CA PRO C 67 -34.37 23.71 -26.11
C PRO C 67 -35.14 22.46 -26.47
N SER C 68 -35.64 21.78 -25.45
CA SER C 68 -36.40 20.55 -25.63
C SER C 68 -37.15 20.16 -24.37
N GLY C 69 -38.44 19.87 -24.49
CA GLY C 69 -39.23 19.45 -23.36
C GLY C 69 -40.60 18.95 -23.77
N PRO C 70 -40.97 17.77 -23.29
CA PRO C 70 -42.30 17.21 -23.58
C PRO C 70 -43.30 17.50 -22.47
N GLU C 71 -44.56 17.25 -22.79
CA GLU C 71 -45.64 17.37 -21.80
C GLU C 71 -46.78 16.45 -22.20
N PHE C 72 -47.04 15.46 -21.36
CA PHE C 72 -48.01 14.42 -21.67
C PHE C 72 -48.81 13.98 -20.44
N SER C 73 -49.02 14.89 -19.49
CA SER C 73 -49.68 14.58 -18.23
C SER C 73 -51.20 14.43 -18.42
N ASP C 74 -51.78 13.45 -17.74
CA ASP C 74 -53.21 13.42 -17.47
C ASP C 74 -53.40 12.66 -16.17
N ASP C 75 -54.38 13.06 -15.37
CA ASP C 75 -54.45 12.61 -13.99
C ASP C 75 -55.84 12.10 -13.63
N LEU C 76 -55.85 11.09 -12.76
CA LEU C 76 -57.07 10.53 -12.22
C LEU C 76 -56.86 10.23 -10.74
N ILE C 77 -57.95 10.20 -9.99
CA ILE C 77 -57.92 9.85 -8.58
C ILE C 77 -58.09 8.35 -8.45
N LEU C 78 -57.77 7.83 -7.27
CA LEU C 78 -57.94 6.42 -6.97
C LEU C 78 -59.41 6.13 -6.70
N PRO D 42 15.95 51.34 -44.79
CA PRO D 42 15.21 50.41 -43.95
C PRO D 42 15.70 50.40 -42.49
N TRP D 43 16.85 49.77 -42.26
CA TRP D 43 17.41 49.72 -40.92
C TRP D 43 17.88 51.07 -40.44
N PHE D 44 18.03 52.05 -41.34
CA PHE D 44 18.39 53.40 -40.93
C PHE D 44 17.40 53.96 -39.92
N GLN D 45 16.12 53.62 -40.07
CA GLN D 45 15.07 54.14 -39.21
C GLN D 45 14.82 53.27 -38.00
N GLY D 46 15.57 52.18 -37.83
CA GLY D 46 15.40 51.31 -36.69
C GLY D 46 16.67 51.15 -35.89
N VAL D 47 16.65 51.56 -34.62
CA VAL D 47 17.80 51.47 -33.74
C VAL D 47 17.34 50.79 -32.45
N LYS D 48 18.04 49.73 -32.06
CA LYS D 48 17.71 49.01 -30.83
C LYS D 48 18.94 48.23 -30.39
N THR D 49 19.24 48.29 -29.09
CA THR D 49 20.36 47.53 -28.57
C THR D 49 20.06 46.03 -28.64
N PRO D 50 21.07 45.20 -28.84
CA PRO D 50 20.85 43.75 -28.85
C PRO D 50 20.32 43.27 -27.50
N ARG D 51 19.40 42.31 -27.57
CA ARG D 51 18.74 41.78 -26.37
C ARG D 51 19.66 40.89 -25.55
N ALA D 52 20.83 40.53 -26.07
CA ALA D 52 21.76 39.66 -25.37
C ALA D 52 22.83 40.44 -24.60
N LEU D 53 22.50 41.64 -24.11
CA LEU D 53 23.44 42.45 -23.37
C LEU D 53 23.04 42.68 -21.92
N ASP D 54 21.84 42.28 -21.52
CA ASP D 54 21.38 42.41 -20.14
C ASP D 54 21.85 41.19 -19.35
N PHE D 55 22.19 41.41 -18.08
CA PHE D 55 22.76 40.37 -17.25
C PHE D 55 21.95 40.22 -15.97
N SER D 56 21.81 38.98 -15.51
CA SER D 56 21.00 38.73 -14.32
C SER D 56 21.43 37.42 -13.67
N GLU D 57 21.48 37.44 -12.33
CA GLU D 57 21.62 36.25 -11.51
C GLU D 57 23.00 35.61 -11.57
N TYR D 58 23.85 36.09 -12.50
CA TYR D 58 25.24 35.64 -12.62
C TYR D 58 25.35 34.12 -12.73
N ARG D 59 26.54 33.58 -12.48
CA ARG D 59 26.78 32.15 -12.56
C ARG D 59 28.01 31.81 -11.72
N TYR D 60 28.22 30.51 -11.51
CA TYR D 60 29.32 30.06 -10.67
C TYR D 60 29.70 28.61 -10.95
N PRO D 61 30.96 28.34 -11.29
CA PRO D 61 31.41 26.96 -11.44
C PRO D 61 32.04 26.42 -10.16
N VAL D 62 32.56 25.20 -10.20
CA VAL D 62 33.42 24.70 -9.14
C VAL D 62 34.83 25.22 -9.36
N ALA D 63 35.49 25.62 -8.27
CA ALA D 63 36.84 26.18 -8.39
C ALA D 63 37.88 25.08 -8.54
N THR D 64 38.06 24.28 -7.50
CA THR D 64 39.08 23.24 -7.49
C THR D 64 38.90 22.32 -6.30
N PHE D 65 39.86 21.43 -6.08
CA PHE D 65 39.89 20.56 -4.92
C PHE D 65 41.15 20.83 -4.10
N GLN D 66 41.03 20.74 -2.78
CA GLN D 66 42.14 21.06 -1.90
C GLN D 66 43.14 19.91 -1.87
N PRO D 67 44.38 20.14 -2.29
CA PRO D 67 45.38 19.07 -2.24
C PRO D 67 45.74 18.71 -0.81
N SER D 68 45.75 17.41 -0.53
CA SER D 68 46.06 16.92 0.81
C SER D 68 46.33 15.42 0.78
N GLY D 69 47.45 14.99 1.38
CA GLY D 69 47.77 13.59 1.47
C GLY D 69 48.94 13.32 2.38
N PRO D 70 48.78 12.38 3.31
CA PRO D 70 49.85 12.01 4.22
C PRO D 70 50.63 10.79 3.73
N GLU D 71 51.77 10.55 4.37
CA GLU D 71 52.57 9.37 4.09
C GLU D 71 53.39 9.03 5.32
N PHE D 72 53.11 7.87 5.90
CA PHE D 72 53.71 7.46 7.17
C PHE D 72 54.01 5.97 7.22
N SER D 73 54.30 5.36 6.07
CA SER D 73 54.53 3.93 5.97
C SER D 73 55.90 3.54 6.52
N ASP D 74 55.95 2.41 7.23
CA ASP D 74 57.19 1.69 7.46
C ASP D 74 56.80 0.23 7.63
N ASP D 75 57.67 -0.68 7.17
CA ASP D 75 57.27 -2.07 7.00
C ASP D 75 58.29 -3.02 7.61
N LEU D 76 57.76 -4.12 8.14
CA LEU D 76 58.57 -5.20 8.69
C LEU D 76 57.94 -6.53 8.28
N ILE D 77 58.76 -7.57 8.24
CA ILE D 77 58.29 -8.92 7.96
C ILE D 77 57.90 -9.60 9.26
N LEU D 78 57.18 -10.69 9.14
CA LEU D 78 56.79 -11.48 10.31
C LEU D 78 57.98 -12.31 10.78
O5' ADN E . -9.43 1.50 28.55
C5' ADN E . -9.31 2.39 29.64
C4' ADN E . -7.88 2.83 29.83
O4' ADN E . -7.15 2.63 28.59
C3' ADN E . -7.69 4.30 30.20
O3' ADN E . -6.55 4.43 31.04
C2' ADN E . -7.40 4.95 28.85
O2' ADN E . -6.69 6.16 28.92
C1' ADN E . -6.58 3.85 28.16
N9 ADN E . -6.65 3.89 26.70
C8 ADN E . -7.36 3.06 25.88
N7 ADN E . -7.22 3.34 24.60
C5 ADN E . -6.38 4.42 24.59
C6 ADN E . -5.83 5.19 23.53
N6 ADN E . -6.10 4.97 22.25
N1 ADN E . -5.01 6.21 23.85
C2 ADN E . -4.75 6.44 25.15
N3 ADN E . -5.19 5.78 26.22
C4 ADN E . -6.01 4.78 25.87
PB ADP F . -10.37 -25.76 37.05
O1B ADP F . -10.78 -24.31 37.17
O2B ADP F . -11.47 -26.68 36.58
O3B ADP F . -9.04 -25.95 36.36
PA ADP F . -10.19 -25.30 39.85
O1A ADP F . -11.48 -24.53 39.74
O2A ADP F . -9.95 -26.16 41.07
O3A ADP F . -10.08 -26.26 38.56
O5' ADP F . -8.95 -24.28 39.76
C5' ADP F . -7.79 -24.55 38.99
C4' ADP F . -6.69 -23.60 39.46
O4' ADP F . -7.23 -22.28 39.60
C3' ADP F . -6.12 -24.00 40.82
O3' ADP F . -4.76 -24.39 40.69
C2' ADP F . -6.22 -22.76 41.69
O2' ADP F . -4.93 -22.43 42.21
C1' ADP F . -6.71 -21.66 40.78
N9 ADP F . -7.76 -20.85 41.45
C8 ADP F . -9.08 -20.92 41.25
N7 ADP F . -9.74 -20.01 42.03
C5 ADP F . -8.83 -19.34 42.75
C6 ADP F . -8.83 -18.26 43.76
N6 ADP F . -9.98 -17.68 44.20
N1 ADP F . -7.63 -17.87 44.25
C2 ADP F . -6.48 -18.41 43.84
N3 ADP F . -6.40 -19.40 42.93
C4 ADP F . -7.52 -19.89 42.35
O5' ADN G . 2.68 -27.90 -11.02
C5' ADN G . 2.62 -28.52 -12.29
C4' ADN G . 1.41 -28.06 -13.08
O4' ADN G . 0.96 -26.79 -12.54
C3' ADN G . 1.66 -27.84 -14.57
O3' ADN G . 0.47 -28.15 -15.30
C2' ADN G . 1.92 -26.34 -14.63
O2' ADN G . 1.67 -25.75 -15.90
C1' ADN G . 0.96 -25.81 -13.57
N9 ADN G . 1.36 -24.54 -12.99
C8 ADN G . 1.91 -24.32 -11.75
N7 ADN G . 2.18 -23.07 -11.50
C5 ADN G . 1.77 -22.40 -12.64
C6 ADN G . 1.77 -21.05 -13.01
N6 ADN G . 2.23 -20.06 -12.22
N1 ADN G . 1.29 -20.72 -14.23
C2 ADN G . 0.83 -21.69 -15.02
N3 ADN G . 0.78 -23.00 -14.78
C4 ADN G . 1.26 -23.29 -13.57
PB ADP H . -7.64 -44.64 9.71
O1B ADP H . -6.81 -44.41 8.46
O2B ADP H . -6.85 -44.89 10.96
O3B ADP H . -8.77 -43.63 9.86
PA ADP H . -8.29 -46.89 8.10
O1A ADP H . -6.82 -46.98 7.75
O2A ADP H . -9.07 -48.16 8.30
O3A ADP H . -8.42 -46.03 9.45
O5' ADP H . -9.05 -46.06 6.95
C5' ADP H . -10.04 -45.07 7.24
C4' ADP H . -10.82 -44.80 5.96
O4' ADP H . -9.91 -44.68 4.87
C3' ADP H . -11.77 -45.94 5.63
O3' ADP H . -13.13 -45.48 5.72
C2' ADP H . -11.47 -46.34 4.21
O2' ADP H . -12.65 -46.24 3.41
C1' ADP H . -10.44 -45.33 3.71
N9 ADP H . -9.36 -46.02 2.95
C8 ADP H . -8.12 -46.32 3.39
N7 ADP H . -7.40 -46.94 2.43
C5 ADP H . -8.17 -47.04 1.33
C6 ADP H . -8.02 -47.57 -0.04
N6 ADP H . -6.87 -48.15 -0.48
N1 ADP H . -9.10 -47.47 -0.86
C2 ADP H . -10.24 -46.90 -0.47
N3 ADP H . -10.44 -46.38 0.76
C4 ADP H . -9.46 -46.42 1.69
#